data_7Q2Y
#
_entry.id   7Q2Y
#
_cell.length_a   1.00
_cell.length_b   1.00
_cell.length_c   1.00
_cell.angle_alpha   90.00
_cell.angle_beta   90.00
_cell.angle_gamma   90.00
#
_symmetry.space_group_name_H-M   'P 1'
#
loop_
_entity.id
_entity.type
_entity.pdbx_description
1 polymer 'Structural maintenance of chromosomes protein 2'
2 polymer 'Structural maintenance of chromosomes protein 4'
3 polymer 'Condensin complex subunit 2'
4 polymer 'Condensin complex subunit 1'
5 polymer 'DNA (28-MER)'
6 polymer 'DNA (28-MER)'
7 non-polymer "ADENOSINE-5'-DIPHOSPHATE"
8 non-polymer 'BERYLLIUM TRIFLUORIDE ION'
9 non-polymer 'MAGNESIUM ION'
#
loop_
_entity_poly.entity_id
_entity_poly.type
_entity_poly.pdbx_seq_one_letter_code
_entity_poly.pdbx_strand_id
1 'polypeptide(L)'
;MKVEELIIDGFKSYATRTVITDWDPQFNAITGLNGSGKSNILDAICFVLGIASMSTVRASSLQDLIYKRGQAGVTKASVT
IVFDNTDKSNSPIGFTNSPQISVTRQVVLGGTSKYLINGHRAPQQSVLQLFQSVQLNINNPNFLIMQGKITKVLNMKPSE
ILSLIEEAAGTKMFEDRREKAERTMSKKETKLQENRTLLTEEIEPKLEKLRNEKRMFLEFQSTQTDLEKTERIVVSYEYY
NIKHKHTSIRETLENGETRMKMLNEFVKKTSEEIDSLNEDVEEIKLQKEKELHKEGTISKLENKENGLLNEISRLKTSLS
IKVENLNDTTEKSKALESEIASSSAKLIEKKSAYANTEKDYKMVQEQLSKQRDLYKRKEELVSTLTTGISSTGAADGGYN
AQLAKAKTELNEVSLAIKKSSMKMELLKKELLTIEPKLKEATKDNELNVKHVKQCQETCDKLRARLVEYGFDPSRIKDLK
QREDKLKSHYYQTCKNSEYLKRRVTNLEFNYTKPYPNFEASFVHGVVGQLFQIDNDNIRYATALQTCAGGRLFNVVVQDS
QTATQLLERGRLRKRVTIIPLDKIYTRPISSQVLDLAKKIAPGKVELAINLIRFDESITKAMEFIFGNSLICEDPETAKK
ITFHPKIRARSITLQGDVYDPEGTLSGGSRNTSESLLVDIQKYNQIQKQIETIQADLNHVTEELQTQYATSQKTKTIQSD
LNLSLHKLDLAKRNLDANPSSQIIARNEEILRDIGECENEIKTKQMSLKKCQEEVSTIEKDMKEYDSDKGSKLNELKKEL
KLLAKELEEQESESERKYDLFQNLELETEQLSSELDSNKTLLHNHLKSIESLKLENSDLEGKIRGVEDDLVTVQTELNEE
KKRLMDIDDELNELETLIKKKQDEKKSSELELQKLVHDLNKYKSNTNNMEKIIEDLRQKHEFLEDFDLVRNIVKQNEGID
LDTYRERSKQLNEKFQELRKKVNPNIMNMIENVEKKEAALKTMIKTIEKDKMKIQETISKLNEYKRETLVKTWEKVTLDF
GNIFADLLPNSFAKLVPCEGKDVTQGLEVKVKLGNIWKESLIELSGGQRSLIALSLIMALLQFRPAPMYILDEVDAALDL
SHTQNIGHLIKTRFKGSQFIVVSLKEGMFANANRVFRTRFQDGTSVVSIM
;
A
2 'polypeptide(L)'
;MSDSPLSKRQKRKSAQEPELSLDQGDAEEDSQVENRVNLSENTPEPDLPALEASYSKSYTPRKLVLSSGENRYAFSQPTN
STTTSLHVPNLQPPKTSSRGRDHKSYSQSPPRSPGRSPTRRLELLQLSPVKNSRVELQKIYDRHQSSSKQQSRLFINELV
LENFKSYAGKQVVGPFHTSFSAVVGPNGSGKSNVIDSMLFVFGFRANKMRQDRLSDLIHKSEAFPSLQSCSVAVHFQYVI
DESSGTSRIDEEKPGLIITRKAFKNNSSKYYINEKESSYTEVTKLLKNEGIDLDHKRFLILQGEVENIAQMKPKAEKESD
DGLLEYLEDIIGTANYKPLIEERMGQIENLNEVCLEKENRFEIVDREKNSLESGKETALEFLEKEKQLTLLRSKLFQFKL
LQSNSKLASTLEKISSSNKDLEDEKMKFQESLKKVDEIKAQRKEIKDRISSCSSKEKTLVLERRELEGTRVSLEERTKNL
VSKMEKAEKTLKSTKHSISEAENMLEELRGQQTEHETEIKDLTQLLEKERSILDDIKLSLKDKTKNISAEIIRHEKELEP
WDLQLQEKESQIQLAESELSLLEETQAKLKKNVETLEEKILAKKTHKQELQDLILDLKKKLNSLKDERSQGEKNFTSAHL
KLKEMQKVLNAHRQRAMEARSSLSKAQNKSKVLTALSRLQKSGRINGFHGRLGDLGVIDDSFDVAISTACPRLDDVVVDT
VECAQHCIDYLRKNKLGYARFILLDRLRQFNLQPISTPENVPRLFDLVKPKNPKFSNAFYSVLRDTLVAQNLKQANNVAY
GKKRFRVVTVDGKLIDISGTMSGGGNHVAKGLMKLGTNQSDKVDDYTPEEVDKIERELSERENNFRVASDTVHEMEEELK
KLRDHEPDLESQISKAEMEADSLASELTLAEQQVKEAEMAYVKAVSDKAQLNVVMKNLERLRGEYNDLQSETKTKKEKIK
GLQDEIMKIGGIKLQMQNSKVESVCQKLDILVAKLKKVKSASKKSGGDVVKFQKLLQNSERDVELSSDELKVIEEQLKHT
KLALAENDTNMNETLNLKVELKEQSEQLKEQMEDMEESINEFKSIEIEMKNKLEKLNSLLTYIKSEITQQEKGLNELSIR
DVTHTLGMLDDNKMDSVKEDVKNNQELDQEYRSCETQDESEIKDAETSCDNYHPMNIDETSDEVSRGIPRLSEDELRELD
VELIESKINELSYYVEETNVDIGVLEEYARRLAEFKRRKLDLNNAVQKRDEVKEQLGILKKKRFDEFMAGFNIISMTLKE
MYQMITMGGNAELELVDSLDPFSEGVTFSVMPPKKSWRNITNLSGGEKTLSSLALVFALHKYKPTPLYVMDEIDAALDFR
NVSIVANYIKERTKNAQFIVISLRNNMFELAQQLVGVYKRDNRTKSTTIKNIDILNRT
;
B
3 'polypeptide(L)'
;MTTQLRYENNDDDERVEYNLFTNRSTMMANFEEWIKMATDNKINSRNSWNFALIDYFYDLDVLKDGENNINFQKASATLD
GCIKIYSSRVDSVTTETGKLLSGLAQRKTNGASNGDDSNGGNGEGLGGDSDEANIEIDPLTGMPISNDPDVNNTRRRVYN
RVLETTLVEFETIKMKELDQELIIDPLFKKALVDFDEGGAKSLLLNTLNIDNTARVIFDASIKDTQNVGQGKLQRKEEEL
IERDSLVDDENEPSQSLISTRNDSTVNDSVISAPSMEDEILSLGMDFIKFDQIAVCEISGSIEQLRNVVEDINQAKDFIE
NVNNRFDNFLTEEELQAAVPDNAEDDSDGFDMGMQQELCYPDENHDNTSHDEQDDDNVNSTTGSIFEKDLMAYFDENLNR
NWRGREHWKVRNFKKANLVNKESDLLEETRTTIGDTTDKNTTDDKSMDTKKKHKQKKVLEIDFFKTDDSFEDKVFASKGR
TKIDMPIKNRKNDTHYLLPDDFHFSTDRITRLFIKPGQKMSLFSHRKHTRGDVSSGLFEKSTVSANHSNNDIPTIADEHF
WADNYERKEQEEKEKEQSKEVGDVVGGALDNPFEDDMDGVDFNQAFEGTDDNEEASVKLDLQDDEDHKFPIRENKVTYSR
VSKKVDVRRLKKNVWRSINNLIQEHDSRKNREQSSNDSETHTEDESTKELKFSDIIQGISKMYSDDTLKDISTSFCFICL
LHLANEHGLQITHTENYNDLIVNYEDLATTQAAS
;
C
4 'polypeptide(L)'
;MSGFSLSEYLTKFQTTDRESYPRLQDPSRELNVIIDQLAVSPEQIDASPDSLEALIDLCHDFPHLTPKLQTQLSYLISSS
LSNLSKDIKANLSSNVNFTEIGGLIPQWKRHLEEYGYLIQVLLTFLQDELHKVSSQSTNLNRSAKNSKNDSANVELFKRD
CNQMENLLESITKLLEINLSKIFQTTPEKDLFIGLFTRPLFVLLEIEPVTKVSSLKMFIQRILAMCVKNHGQSSSIQSSL
MTNLTYFLHLSVFNAELLKLLNDEYNYPQLTEDILKEISTRVFNAKDTTGPKAISNFLIKLSELSPGIMLRQMNLVITLL
NNSSITLRCSVVEACGNIVAELAQDPQTMEHYKQQIAVLIELLEERFQDSNPYVRTKAIQGCSKICDLSSKFNKSKAKFT
SLAVRSLQDRSSLVRRNSVKLLSKLLLKHPFKAIHGSQLRLSEWEEYLKGSESQLNSTLKKVESQETLNDTIERSLIEEE
VEQDEGQCRTELEGSFNKSAELSRIENEVENINATNTSVLMKLKLMIVYYKDAISFIKEIHKSIELISNLLFSKNRNEVL
ESMDFLVLADAFDIELSEFGIKKMLHLVWMKGTNDEGTSISVHLIECYKQLFLTAPDSCNMQEKAAHIAKNLINLSIGAS
IADLASLEQLLGMMYEQKLIDQHVINILWAIYNSASKASMQKEQNVNNRDSEKGFSKEQIHGSIIILGMLSLADNEIALK
GLESLLNIGLGAVGLKDLTLCRYSCLALERMVPKRSTIITKAINQELEDVAVKKLYAIIINYTKDNEYYPMCEQALSALF
TISSKPDILATDLIREKTMMTFGKPEEEDSILSLEQSSRVVSLSQLLFIVGQVAIKTLVYLEKCEAEFKKRKIEAETRNG
KVKNQGADVTNTTQDNGGDKELEMIGGTNEDDFTDAIQFVKENELLFGEKSILGKFCPIVEEIVSNSSRFSDPMLQRTAT
LCLEKLMCLSSKYCEKSLPLLITVMEKSPDPTIRSNAVLGLGDMAVCFNNLVDENTDYLYRRLHDENLMVQRTCLMTVTF
LILAGQVKVKGQLGEMAKCLDNPDQGISDMCRLFFTELASKDNAIYNGFIDIFSNLSSDDLLGKESFKKIIKFLLTFIDK
ERHQKQLNEKLVGRLRKCETQKQWDDIAFVLNNLPYKNEDVTALLEQGFKVVSAKE
;
D
5 'polydeoxyribonucleotide'
;(DA)(DA)(DA)(DA)(DA)(DA)(DA)(DA)(DA)(DA)(DA)(DA)(DA)(DA)(DA)(DA)(DA)(DA)(DA)(DA)
(DA)(DA)(DA)(DA)(DA)(DA)(DA)(DA)
;
F
6 'polydeoxyribonucleotide'
;(DT)(DT)(DT)(DT)(DT)(DT)(DT)(DT)(DT)(DT)(DT)(DT)(DT)(DT)(DT)(DT)(DT)(DT)(DT)(DT)
(DT)(DT)(DT)(DT)(DT)(DT)(DT)(DT)
;
G
#
loop_
_chem_comp.id
_chem_comp.type
_chem_comp.name
_chem_comp.formula
ADP non-polymer ADENOSINE-5'-DIPHOSPHATE 'C10 H15 N5 O10 P2'
BEF non-polymer 'BERYLLIUM TRIFLUORIDE ION' 'Be F3 -1'
DA DNA linking 2'-DEOXYADENOSINE-5'-MONOPHOSPHATE 'C10 H14 N5 O6 P'
DT DNA linking THYMIDINE-5'-MONOPHOSPHATE 'C10 H15 N2 O8 P'
MG non-polymer 'MAGNESIUM ION' 'Mg 2'
#
# COMPACT_ATOMS: atom_id res chain seq x y z
N MET A 1 14.45 -16.28 -13.52
CA MET A 1 14.27 -14.82 -13.53
C MET A 1 15.47 -14.13 -12.93
N LYS A 2 16.04 -14.72 -11.88
CA LYS A 2 17.29 -14.28 -11.26
C LYS A 2 17.20 -12.82 -10.81
N VAL A 3 16.33 -12.62 -9.80
CA VAL A 3 16.18 -11.30 -9.20
C VAL A 3 17.53 -10.82 -8.68
N GLU A 4 17.82 -9.54 -8.90
CA GLU A 4 19.09 -8.96 -8.50
C GLU A 4 18.98 -7.85 -7.48
N GLU A 5 17.82 -7.20 -7.36
CA GLU A 5 17.66 -6.14 -6.37
C GLU A 5 16.20 -6.06 -5.94
N LEU A 6 16.00 -5.69 -4.67
CA LEU A 6 14.66 -5.55 -4.10
C LEU A 6 14.57 -4.21 -3.39
N ILE A 7 13.51 -3.46 -3.67
CA ILE A 7 13.29 -2.15 -3.08
C ILE A 7 12.00 -2.19 -2.29
N ILE A 8 12.08 -1.84 -1.01
CA ILE A 8 10.92 -1.83 -0.11
C ILE A 8 10.80 -0.45 0.51
N ASP A 9 9.63 0.17 0.35
CA ASP A 9 9.41 1.52 0.86
C ASP A 9 8.03 1.57 1.50
N GLY A 10 7.99 1.80 2.82
CA GLY A 10 6.74 1.95 3.52
C GLY A 10 5.95 0.68 3.72
N PHE A 11 6.54 -0.48 3.47
CA PHE A 11 5.84 -1.76 3.51
C PHE A 11 6.11 -2.43 4.86
N LYS A 12 5.08 -2.47 5.70
CA LYS A 12 5.12 -3.12 7.02
C LYS A 12 6.27 -2.49 7.83
N SER A 13 7.21 -3.28 8.35
CA SER A 13 8.26 -2.71 9.18
C SER A 13 9.19 -1.79 8.39
N TYR A 14 9.40 -2.07 7.11
CA TYR A 14 10.31 -1.28 6.29
C TYR A 14 9.60 0.00 5.87
N ALA A 15 9.69 1.03 6.71
CA ALA A 15 9.11 2.33 6.40
C ALA A 15 10.00 3.16 5.47
N THR A 16 11.30 3.18 5.73
CA THR A 16 12.23 3.90 4.88
C THR A 16 12.52 3.09 3.62
N ARG A 17 13.00 3.78 2.59
CA ARG A 17 13.32 3.15 1.32
C ARG A 17 14.59 2.32 1.48
N THR A 18 14.43 1.00 1.61
CA THR A 18 15.54 0.07 1.74
C THR A 18 15.72 -0.67 0.43
N VAL A 19 16.92 -0.58 -0.14
CA VAL A 19 17.27 -1.26 -1.38
C VAL A 19 18.34 -2.29 -1.05
N ILE A 20 18.07 -3.55 -1.37
CA ILE A 20 18.99 -4.65 -1.11
C ILE A 20 19.39 -5.26 -2.44
N THR A 21 20.71 -5.40 -2.65
CA THR A 21 21.25 -5.86 -3.92
C THR A 21 22.22 -7.02 -3.69
N ASP A 22 22.96 -7.39 -4.74
CA ASP A 22 23.96 -8.45 -4.69
C ASP A 22 23.32 -9.80 -4.33
N TRP A 23 22.32 -10.16 -5.14
CA TRP A 23 21.64 -11.45 -4.97
C TRP A 23 22.41 -12.51 -5.75
N ASP A 24 23.07 -13.40 -5.04
CA ASP A 24 23.79 -14.48 -5.69
C ASP A 24 22.77 -15.49 -6.25
N PRO A 25 22.77 -15.76 -7.55
CA PRO A 25 21.71 -16.58 -8.14
C PRO A 25 21.83 -18.08 -7.85
N GLN A 26 22.62 -18.46 -6.85
CA GLN A 26 22.76 -19.86 -6.46
C GLN A 26 22.11 -20.17 -5.13
N PHE A 27 22.46 -19.45 -4.07
CA PHE A 27 21.88 -19.71 -2.75
C PHE A 27 21.89 -18.43 -1.94
N ASN A 28 20.71 -17.91 -1.61
CA ASN A 28 20.55 -16.74 -0.77
C ASN A 28 19.82 -17.14 0.51
N ALA A 29 20.37 -16.72 1.65
CA ALA A 29 19.78 -17.01 2.95
C ALA A 29 19.57 -15.70 3.69
N ILE A 30 18.53 -15.66 4.53
CA ILE A 30 18.20 -14.49 5.33
C ILE A 30 18.18 -14.90 6.79
N THR A 31 18.92 -14.16 7.62
CA THR A 31 19.05 -14.46 9.04
C THR A 31 18.81 -13.19 9.85
N GLY A 32 18.48 -13.40 11.13
CA GLY A 32 18.26 -12.30 12.03
C GLY A 32 17.53 -12.77 13.28
N LEU A 33 17.30 -11.80 14.17
CA LEU A 33 16.55 -12.07 15.39
C LEU A 33 15.06 -12.23 15.07
N ASN A 34 14.31 -12.68 16.07
CA ASN A 34 12.86 -12.79 15.93
C ASN A 34 12.26 -11.39 15.77
N GLY A 35 11.41 -11.23 14.76
CA GLY A 35 10.83 -9.94 14.46
C GLY A 35 11.75 -8.99 13.72
N SER A 36 12.87 -9.48 13.18
CA SER A 36 13.79 -8.60 12.47
C SER A 36 13.19 -8.12 11.15
N GLY A 37 12.54 -9.01 10.41
CA GLY A 37 11.94 -8.62 9.14
C GLY A 37 12.20 -9.57 7.98
N LYS A 38 12.76 -10.75 8.27
CA LYS A 38 12.98 -11.72 7.21
C LYS A 38 11.67 -12.18 6.59
N SER A 39 10.73 -12.61 7.44
CA SER A 39 9.39 -12.93 6.95
C SER A 39 8.73 -11.70 6.35
N ASN A 40 9.08 -10.51 6.82
CA ASN A 40 8.59 -9.29 6.19
C ASN A 40 9.16 -9.11 4.79
N ILE A 41 10.44 -9.47 4.59
CA ILE A 41 11.02 -9.44 3.26
C ILE A 41 10.30 -10.42 2.34
N LEU A 42 10.02 -11.63 2.85
CA LEU A 42 9.30 -12.61 2.05
C LEU A 42 7.89 -12.13 1.73
N ASP A 43 7.23 -11.47 2.68
CA ASP A 43 5.90 -10.93 2.45
C ASP A 43 5.94 -9.83 1.39
N ALA A 44 6.97 -8.99 1.42
CA ALA A 44 7.13 -7.95 0.41
C ALA A 44 7.34 -8.56 -0.97
N ILE A 45 8.16 -9.63 -1.04
CA ILE A 45 8.35 -10.32 -2.30
C ILE A 45 7.03 -10.89 -2.80
N CYS A 46 6.23 -11.46 -1.89
CA CYS A 46 4.93 -11.99 -2.27
C CYS A 46 3.98 -10.88 -2.73
N PHE A 47 4.11 -9.69 -2.16
CA PHE A 47 3.20 -8.60 -2.48
C PHE A 47 3.32 -8.18 -3.95
N VAL A 48 4.55 -8.04 -4.45
CA VAL A 48 4.74 -7.54 -5.81
C VAL A 48 4.29 -8.56 -6.83
N LEU A 49 4.33 -9.86 -6.49
CA LEU A 49 3.90 -10.89 -7.43
C LEU A 49 2.39 -10.83 -7.71
N GLY A 50 1.62 -10.18 -6.85
CA GLY A 50 0.19 -10.04 -7.07
C GLY A 50 -0.65 -11.00 -6.26
N ILE A 51 -0.30 -11.17 -4.99
CA ILE A 51 -1.07 -12.07 -4.13
C ILE A 51 -2.45 -11.47 -3.89
N ALA A 52 -3.47 -12.34 -3.93
CA ALA A 52 -4.85 -11.91 -3.73
C ALA A 52 -5.37 -12.25 -2.34
N SER A 53 -5.05 -13.43 -1.83
CA SER A 53 -5.46 -13.84 -0.50
C SER A 53 -4.74 -12.99 0.53
N MET A 54 -5.46 -12.04 1.13
CA MET A 54 -4.83 -11.13 2.08
C MET A 54 -4.52 -11.79 3.41
N SER A 55 -5.34 -12.76 3.82
CA SER A 55 -5.09 -13.46 5.08
C SER A 55 -3.82 -14.29 5.04
N THR A 56 -3.27 -14.55 3.85
CA THR A 56 -2.05 -15.33 3.74
C THR A 56 -0.88 -14.62 4.41
N VAL A 57 -0.52 -13.45 3.92
CA VAL A 57 0.65 -12.73 4.45
C VAL A 57 0.15 -11.81 5.56
N ARG A 58 -0.07 -12.42 6.73
CA ARG A 58 -0.27 -11.74 8.01
C ARG A 58 -1.01 -10.41 7.93
N ALA A 59 -2.17 -10.39 7.28
CA ALA A 59 -2.89 -9.14 7.10
C ALA A 59 -4.37 -9.42 6.92
N SER A 60 -5.17 -8.36 7.07
CA SER A 60 -6.62 -8.45 6.92
C SER A 60 -7.14 -7.62 5.74
N SER A 61 -6.51 -6.49 5.44
CA SER A 61 -6.92 -5.64 4.32
C SER A 61 -5.67 -5.04 3.69
N LEU A 62 -5.87 -4.11 2.77
CA LEU A 62 -4.76 -3.44 2.10
C LEU A 62 -4.13 -2.33 2.93
N GLN A 63 -4.82 -1.85 3.97
CA GLN A 63 -4.32 -0.70 4.72
C GLN A 63 -3.20 -1.07 5.68
N ASP A 64 -3.25 -2.25 6.29
CA ASP A 64 -2.26 -2.61 7.30
C ASP A 64 -0.91 -3.02 6.72
N LEU A 65 -0.80 -3.16 5.39
CA LEU A 65 0.49 -3.39 4.77
C LEU A 65 1.39 -2.16 4.77
N ILE A 66 0.82 -0.98 5.02
CA ILE A 66 1.58 0.26 5.13
C ILE A 66 2.24 0.24 6.51
N TYR A 67 3.22 1.12 6.73
CA TYR A 67 4.02 1.09 7.95
C TYR A 67 3.16 0.98 9.19
N LYS A 68 2.27 1.95 9.42
CA LYS A 68 1.34 1.88 10.55
C LYS A 68 -0.04 2.33 10.04
N ARG A 69 -0.78 1.37 9.48
CA ARG A 69 -2.10 1.60 8.89
C ARG A 69 -2.01 2.82 7.97
N GLY A 70 -2.96 3.75 8.01
CA GLY A 70 -2.83 5.01 7.31
C GLY A 70 -2.20 6.10 8.14
N GLN A 71 -1.71 5.78 9.33
CA GLN A 71 -1.19 6.74 10.28
C GLN A 71 0.34 6.73 10.26
N ALA A 72 0.93 7.44 11.22
CA ALA A 72 2.38 7.54 11.46
C ALA A 72 3.12 8.29 10.36
N GLY A 73 2.42 8.97 9.47
CA GLY A 73 3.08 9.78 8.46
C GLY A 73 3.21 9.08 7.11
N VAL A 74 3.51 7.78 7.13
CA VAL A 74 3.66 7.03 5.90
C VAL A 74 2.30 6.83 5.27
N THR A 75 2.17 7.21 4.00
CA THR A 75 0.91 7.11 3.27
C THR A 75 0.92 6.08 2.15
N LYS A 76 2.05 5.88 1.49
CA LYS A 76 2.15 4.94 0.38
C LYS A 76 3.17 3.86 0.71
N ALA A 77 2.89 2.64 0.23
CA ALA A 77 3.80 1.51 0.40
C ALA A 77 4.08 0.93 -0.99
N SER A 78 5.34 0.96 -1.40
CA SER A 78 5.75 0.52 -2.73
C SER A 78 6.78 -0.59 -2.62
N VAL A 79 6.60 -1.64 -3.43
CA VAL A 79 7.53 -2.76 -3.50
C VAL A 79 7.96 -2.93 -4.94
N THR A 80 9.27 -2.92 -5.18
CA THR A 80 9.83 -3.03 -6.52
C THR A 80 10.76 -4.23 -6.59
N ILE A 81 10.61 -5.04 -7.63
CA ILE A 81 11.43 -6.22 -7.85
C ILE A 81 12.02 -6.13 -9.26
N VAL A 82 13.30 -6.46 -9.38
CA VAL A 82 14.01 -6.38 -10.65
C VAL A 82 14.71 -7.71 -10.91
N PHE A 83 14.39 -8.35 -12.03
CA PHE A 83 14.94 -9.63 -12.42
C PHE A 83 16.04 -9.43 -13.47
N ASP A 84 16.53 -10.55 -14.00
CA ASP A 84 17.55 -10.53 -15.04
C ASP A 84 17.10 -11.46 -16.17
N ASN A 85 17.01 -10.92 -17.38
CA ASN A 85 16.56 -11.68 -18.54
C ASN A 85 17.72 -12.07 -19.45
N THR A 86 18.88 -12.38 -18.87
CA THR A 86 20.02 -12.81 -19.69
C THR A 86 19.72 -14.11 -20.42
N ASP A 87 19.11 -15.08 -19.73
CA ASP A 87 18.75 -16.35 -20.34
C ASP A 87 17.34 -16.23 -20.92
N LYS A 88 17.24 -16.35 -22.25
CA LYS A 88 15.96 -16.23 -22.92
C LYS A 88 15.11 -17.49 -22.85
N SER A 89 15.69 -18.63 -22.47
CA SER A 89 14.90 -19.85 -22.33
C SER A 89 13.90 -19.71 -21.19
N ASN A 90 14.35 -19.23 -20.04
CA ASN A 90 13.46 -18.97 -18.90
C ASN A 90 13.09 -17.49 -18.85
N SER A 91 12.38 -17.06 -19.88
CA SER A 91 11.98 -15.67 -20.03
C SER A 91 10.49 -15.58 -20.33
N PRO A 92 9.86 -14.47 -19.95
CA PRO A 92 8.44 -14.29 -20.29
C PRO A 92 8.22 -14.32 -21.79
N ILE A 93 7.08 -14.88 -22.19
CA ILE A 93 6.77 -15.05 -23.60
C ILE A 93 6.60 -13.69 -24.28
N GLY A 94 6.00 -12.73 -23.58
CA GLY A 94 5.72 -11.43 -24.17
C GLY A 94 6.80 -10.40 -23.95
N PHE A 95 7.81 -10.73 -23.15
CA PHE A 95 8.89 -9.81 -22.81
C PHE A 95 10.26 -10.44 -23.06
N THR A 96 10.38 -11.17 -24.18
CA THR A 96 11.67 -11.78 -24.51
C THR A 96 12.65 -10.75 -25.05
N ASN A 97 12.15 -9.68 -25.65
CA ASN A 97 13.00 -8.64 -26.23
C ASN A 97 13.34 -7.53 -25.24
N SER A 98 12.78 -7.56 -24.04
CA SER A 98 13.05 -6.51 -23.06
C SER A 98 13.84 -7.09 -21.90
N PRO A 99 15.14 -6.87 -21.83
CA PRO A 99 15.93 -7.38 -20.71
C PRO A 99 15.77 -6.52 -19.46
N GLN A 100 16.13 -7.11 -18.33
CA GLN A 100 16.12 -6.44 -17.03
C GLN A 100 14.72 -5.91 -16.70
N ILE A 101 13.78 -6.85 -16.57
CA ILE A 101 12.39 -6.50 -16.31
C ILE A 101 12.22 -6.07 -14.86
N SER A 102 11.31 -5.12 -14.64
CA SER A 102 11.02 -4.59 -13.32
C SER A 102 9.51 -4.56 -13.09
N VAL A 103 9.09 -4.97 -11.90
CA VAL A 103 7.68 -4.97 -11.51
C VAL A 103 7.55 -4.21 -10.20
N THR A 104 6.64 -3.25 -10.15
CA THR A 104 6.42 -2.43 -8.97
C THR A 104 4.94 -2.44 -8.61
N ARG A 105 4.65 -2.61 -7.32
CA ARG A 105 3.29 -2.53 -6.81
C ARG A 105 3.25 -1.49 -5.71
N GLN A 106 2.35 -0.51 -5.85
CA GLN A 106 2.21 0.57 -4.89
C GLN A 106 0.78 0.61 -4.36
N VAL A 107 0.64 0.81 -3.05
CA VAL A 107 -0.66 0.92 -2.40
C VAL A 107 -0.71 2.25 -1.66
N VAL A 108 -1.83 2.94 -1.78
CA VAL A 108 -2.05 4.25 -1.19
C VAL A 108 -3.34 4.20 -0.40
N LEU A 109 -3.50 5.12 0.55
CA LEU A 109 -4.74 5.21 1.32
C LEU A 109 -5.94 5.35 0.39
N GLY A 110 -5.79 6.10 -0.70
CA GLY A 110 -6.86 6.27 -1.67
C GLY A 110 -6.89 5.20 -2.74
N GLY A 111 -5.75 5.00 -3.42
CA GLY A 111 -5.68 4.03 -4.48
C GLY A 111 -5.58 2.60 -3.98
N THR A 112 -5.65 1.66 -4.92
CA THR A 112 -5.60 0.24 -4.60
C THR A 112 -4.77 -0.48 -5.65
N SER A 113 -3.59 -0.96 -5.25
CA SER A 113 -2.78 -1.90 -6.02
C SER A 113 -2.48 -1.37 -7.42
N LYS A 114 -1.73 -0.28 -7.46
CA LYS A 114 -1.24 0.26 -8.72
C LYS A 114 0.00 -0.52 -9.15
N TYR A 115 -0.02 -1.01 -10.40
CA TYR A 115 1.03 -1.86 -10.92
C TYR A 115 1.79 -1.15 -12.04
N LEU A 116 3.12 -1.26 -11.99
CA LEU A 116 4.00 -0.68 -13.01
C LEU A 116 4.93 -1.77 -13.53
N ILE A 117 5.01 -1.90 -14.85
CA ILE A 117 5.97 -2.78 -15.51
C ILE A 117 6.90 -1.90 -16.33
N ASN A 118 8.20 -1.97 -16.02
CA ASN A 118 9.22 -1.20 -16.71
C ASN A 118 8.93 0.30 -16.69
N GLY A 119 8.25 0.76 -15.66
CA GLY A 119 7.90 2.16 -15.51
C GLY A 119 6.57 2.57 -16.12
N HIS A 120 5.88 1.66 -16.80
CA HIS A 120 4.61 1.97 -17.43
C HIS A 120 3.47 1.32 -16.67
N ARG A 121 2.39 2.07 -16.48
CA ARG A 121 1.23 1.56 -15.74
C ARG A 121 0.64 0.35 -16.46
N ALA A 122 0.38 -0.72 -15.70
CA ALA A 122 -0.18 -1.95 -16.22
C ALA A 122 -1.25 -2.46 -15.27
N PRO A 123 -2.24 -3.18 -15.79
CA PRO A 123 -3.29 -3.72 -14.91
C PRO A 123 -2.78 -4.89 -14.09
N GLN A 124 -3.60 -5.29 -13.11
CA GLN A 124 -3.27 -6.45 -12.29
C GLN A 124 -3.19 -7.71 -13.15
N GLN A 125 -4.06 -7.83 -14.16
CA GLN A 125 -4.01 -8.99 -15.03
C GLN A 125 -2.65 -9.11 -15.70
N SER A 126 -2.16 -8.00 -16.26
CA SER A 126 -0.90 -8.04 -17.01
C SER A 126 0.21 -8.67 -16.19
N VAL A 127 0.37 -8.23 -14.93
CA VAL A 127 1.40 -8.86 -14.09
C VAL A 127 1.01 -10.29 -13.73
N LEU A 128 -0.29 -10.61 -13.66
CA LEU A 128 -0.68 -11.98 -13.35
C LEU A 128 -0.21 -12.95 -14.45
N GLN A 129 -0.53 -12.65 -15.71
CA GLN A 129 0.00 -13.50 -16.79
C GLN A 129 1.52 -13.39 -16.90
N LEU A 130 2.11 -12.23 -16.61
CA LEU A 130 3.56 -12.12 -16.67
C LEU A 130 4.23 -13.09 -15.69
N PHE A 131 3.73 -13.15 -14.46
CA PHE A 131 4.32 -14.06 -13.48
C PHE A 131 3.90 -15.51 -13.70
N GLN A 132 2.72 -15.75 -14.26
CA GLN A 132 2.30 -17.11 -14.53
C GLN A 132 3.09 -17.72 -15.68
N SER A 133 3.48 -16.90 -16.66
CA SER A 133 4.27 -17.39 -17.78
C SER A 133 5.65 -17.88 -17.36
N VAL A 134 6.14 -17.44 -16.19
CA VAL A 134 7.41 -17.89 -15.67
C VAL A 134 7.23 -18.79 -14.45
N GLN A 135 6.08 -19.44 -14.32
CA GLN A 135 5.73 -20.41 -13.29
C GLN A 135 5.61 -19.76 -11.92
N LEU A 136 5.63 -18.44 -11.81
CA LEU A 136 5.49 -17.76 -10.53
C LEU A 136 4.02 -17.40 -10.26
N ASN A 137 3.18 -18.43 -10.26
CA ASN A 137 1.76 -18.27 -9.98
C ASN A 137 1.59 -18.33 -8.46
N ILE A 138 1.57 -17.16 -7.83
CA ILE A 138 1.54 -17.10 -6.37
C ILE A 138 0.17 -17.44 -5.80
N ASN A 139 -0.91 -17.31 -6.59
CA ASN A 139 -2.23 -17.67 -6.09
C ASN A 139 -2.31 -19.16 -5.79
N ASN A 140 -1.68 -19.99 -6.62
CA ASN A 140 -1.57 -21.42 -6.39
C ASN A 140 -0.09 -21.79 -6.50
N PRO A 141 0.70 -21.46 -5.48
CA PRO A 141 2.15 -21.58 -5.60
C PRO A 141 2.63 -23.03 -5.61
N ASN A 142 3.76 -23.23 -6.29
CA ASN A 142 4.48 -24.49 -6.28
C ASN A 142 5.90 -24.36 -5.73
N PHE A 143 6.35 -23.16 -5.41
CA PHE A 143 7.70 -22.90 -4.92
C PHE A 143 7.70 -22.17 -3.58
N LEU A 144 6.54 -21.78 -3.08
CA LEU A 144 6.44 -20.89 -1.92
C LEU A 144 6.00 -21.70 -0.71
N ILE A 145 6.76 -21.59 0.39
CA ILE A 145 6.41 -22.22 1.66
C ILE A 145 6.51 -21.14 2.74
N MET A 146 5.40 -20.90 3.43
CA MET A 146 5.35 -19.91 4.48
C MET A 146 5.89 -20.48 5.79
N GLN A 147 5.99 -19.63 6.81
CA GLN A 147 6.42 -20.06 8.13
C GLN A 147 5.34 -20.89 8.80
N GLY A 148 5.71 -22.07 9.29
CA GLY A 148 4.79 -22.95 9.98
C GLY A 148 3.90 -23.79 9.09
N LYS A 149 4.01 -23.66 7.77
CA LYS A 149 3.21 -24.44 6.84
C LYS A 149 3.96 -25.64 6.26
N ILE A 150 5.21 -25.86 6.67
CA ILE A 150 5.97 -26.99 6.14
C ILE A 150 5.40 -28.31 6.62
N THR A 151 4.90 -28.35 7.87
CA THR A 151 4.34 -29.58 8.41
C THR A 151 2.91 -29.82 7.94
N LYS A 152 2.26 -28.81 7.37
CA LYS A 152 0.90 -28.94 6.88
C LYS A 152 0.83 -29.29 5.40
N VAL A 153 1.97 -29.48 4.74
CA VAL A 153 1.98 -29.79 3.31
C VAL A 153 1.25 -31.10 3.05
N LEU A 154 1.50 -32.11 3.87
CA LEU A 154 0.80 -33.38 3.70
C LEU A 154 -0.68 -33.30 4.08
N ASN A 155 -1.11 -32.19 4.69
CA ASN A 155 -2.51 -32.04 5.09
C ASN A 155 -3.39 -31.45 4.01
N MET A 156 -2.84 -31.06 2.87
CA MET A 156 -3.67 -30.51 1.81
C MET A 156 -4.50 -31.59 1.13
N LYS A 157 -5.61 -31.17 0.53
CA LYS A 157 -6.51 -32.09 -0.13
C LYS A 157 -5.87 -32.64 -1.40
N PRO A 158 -6.34 -33.80 -1.87
CA PRO A 158 -5.80 -34.36 -3.13
C PRO A 158 -5.96 -33.43 -4.32
N SER A 159 -7.02 -32.61 -4.33
CA SER A 159 -7.18 -31.65 -5.42
C SER A 159 -6.04 -30.64 -5.44
N GLU A 160 -5.60 -30.18 -4.27
CA GLU A 160 -4.49 -29.24 -4.23
C GLU A 160 -3.17 -29.90 -4.62
N ILE A 161 -2.98 -31.19 -4.27
CA ILE A 161 -1.81 -31.91 -4.73
C ILE A 161 -1.83 -32.04 -6.26
N LEU A 162 -3.01 -32.31 -6.82
CA LEU A 162 -3.15 -32.38 -8.27
C LEU A 162 -2.83 -31.03 -8.91
N SER A 163 -3.28 -29.93 -8.30
CA SER A 163 -2.94 -28.61 -8.81
C SER A 163 -1.44 -28.36 -8.73
N LEU A 164 -0.81 -28.81 -7.65
CA LEU A 164 0.64 -28.71 -7.51
C LEU A 164 1.36 -29.44 -8.64
N ILE A 165 0.89 -30.65 -8.97
CA ILE A 165 1.49 -31.40 -10.06
C ILE A 165 1.25 -30.68 -11.39
N GLU A 166 0.04 -30.17 -11.59
CA GLU A 166 -0.30 -29.46 -12.82
C GLU A 166 0.48 -28.16 -12.99
N GLU A 167 0.98 -27.59 -11.89
CA GLU A 167 1.78 -26.38 -12.00
C GLU A 167 3.03 -26.60 -12.84
N ALA A 168 3.52 -27.83 -12.89
CA ALA A 168 4.66 -28.17 -13.72
C ALA A 168 4.20 -28.53 -15.13
N ALA A 169 5.13 -28.41 -16.08
CA ALA A 169 4.93 -28.74 -17.49
C ALA A 169 3.87 -27.89 -18.17
N GLY A 170 3.45 -26.79 -17.55
CA GLY A 170 2.48 -25.91 -18.14
C GLY A 170 1.06 -26.42 -18.15
N THR A 171 0.77 -27.50 -17.42
CA THR A 171 -0.60 -27.99 -17.36
C THR A 171 -1.52 -26.97 -16.70
N LYS A 172 -1.05 -26.32 -15.64
CA LYS A 172 -1.76 -25.19 -15.08
C LYS A 172 -1.63 -23.98 -16.01
N MET A 173 -2.24 -22.87 -15.60
CA MET A 173 -2.29 -21.65 -16.41
C MET A 173 -3.09 -21.91 -17.67
N PHE A 174 -3.71 -23.10 -17.76
CA PHE A 174 -4.48 -23.49 -18.92
C PHE A 174 -5.94 -23.80 -18.60
N GLU A 175 -6.20 -24.46 -17.46
CA GLU A 175 -7.58 -24.72 -17.05
C GLU A 175 -8.32 -23.41 -16.81
N ASP A 176 -7.74 -22.53 -15.99
CA ASP A 176 -8.39 -21.26 -15.66
C ASP A 176 -8.53 -20.39 -16.89
N ARG A 177 -7.52 -20.39 -17.77
CA ARG A 177 -7.60 -19.53 -18.94
C ARG A 177 -8.61 -20.05 -19.96
N ARG A 178 -8.75 -21.37 -20.09
CA ARG A 178 -9.83 -21.89 -20.93
C ARG A 178 -11.20 -21.54 -20.33
N GLU A 179 -11.32 -21.62 -19.00
CA GLU A 179 -12.59 -21.26 -18.38
C GLU A 179 -12.92 -19.79 -18.62
N LYS A 180 -11.93 -18.92 -18.47
CA LYS A 180 -12.15 -17.49 -18.72
C LYS A 180 -12.47 -17.23 -20.19
N ALA A 181 -11.80 -17.93 -21.10
CA ALA A 181 -12.09 -17.78 -22.52
C ALA A 181 -13.50 -18.22 -22.84
N GLU A 182 -13.96 -19.33 -22.24
CA GLU A 182 -15.33 -19.78 -22.46
C GLU A 182 -16.32 -18.76 -21.93
N ARG A 183 -16.06 -18.19 -20.75
CA ARG A 183 -16.95 -17.15 -20.24
C ARG A 183 -16.99 -15.95 -21.17
N THR A 184 -15.83 -15.51 -21.65
CA THR A 184 -15.78 -14.34 -22.53
C THR A 184 -16.51 -14.61 -23.84
N MET A 185 -16.30 -15.79 -24.43
CA MET A 185 -16.95 -16.13 -25.68
C MET A 185 -18.47 -16.25 -25.49
N SER A 186 -18.91 -16.83 -24.38
CA SER A 186 -20.34 -16.91 -24.11
C SER A 186 -20.94 -15.52 -23.96
N LYS A 187 -20.24 -14.62 -23.28
CA LYS A 187 -20.73 -13.25 -23.13
C LYS A 187 -20.77 -12.54 -24.49
N LYS A 188 -19.77 -12.76 -25.34
CA LYS A 188 -19.74 -12.10 -26.64
C LYS A 188 -20.79 -12.66 -27.59
N GLU A 189 -21.16 -13.94 -27.44
CA GLU A 189 -22.20 -14.49 -28.29
C GLU A 189 -23.55 -13.87 -28.00
N THR A 190 -23.78 -13.37 -26.78
CA THR A 190 -25.00 -12.63 -26.51
C THR A 190 -25.07 -11.37 -27.36
N LYS A 191 -23.96 -10.62 -27.43
CA LYS A 191 -23.92 -9.42 -28.27
C LYS A 191 -24.03 -9.79 -29.75
N LEU A 192 -23.40 -10.88 -30.16
CA LEU A 192 -23.49 -11.31 -31.56
C LEU A 192 -24.93 -11.66 -31.93
N GLN A 193 -25.62 -12.39 -31.05
CA GLN A 193 -27.02 -12.71 -31.29
C GLN A 193 -27.88 -11.44 -31.29
N GLU A 194 -27.54 -10.47 -30.44
CA GLU A 194 -28.26 -9.20 -30.45
C GLU A 194 -28.10 -8.49 -31.78
N ASN A 195 -26.87 -8.41 -32.29
CA ASN A 195 -26.64 -7.76 -33.58
C ASN A 195 -27.35 -8.50 -34.70
N ARG A 196 -27.33 -9.84 -34.66
CA ARG A 196 -28.05 -10.62 -35.66
C ARG A 196 -29.56 -10.37 -35.58
N THR A 197 -30.09 -10.25 -34.37
CA THR A 197 -31.52 -9.98 -34.20
C THR A 197 -31.90 -8.64 -34.80
N LEU A 198 -31.12 -7.60 -34.53
CA LEU A 198 -31.40 -6.30 -35.15
C LEU A 198 -31.20 -6.35 -36.66
N LEU A 199 -30.24 -7.14 -37.15
CA LEU A 199 -30.05 -7.26 -38.59
C LEU A 199 -31.25 -7.90 -39.25
N THR A 200 -31.80 -8.95 -38.65
CA THR A 200 -32.90 -9.69 -39.27
C THR A 200 -34.28 -9.14 -38.91
N GLU A 201 -34.37 -8.19 -37.99
CA GLU A 201 -35.66 -7.70 -37.52
C GLU A 201 -36.04 -6.36 -38.13
N GLU A 202 -35.16 -5.36 -38.01
CA GLU A 202 -35.46 -4.01 -38.44
C GLU A 202 -34.85 -3.64 -39.79
N ILE A 203 -33.63 -4.12 -40.07
CA ILE A 203 -32.92 -3.69 -41.28
C ILE A 203 -33.59 -4.27 -42.52
N GLU A 204 -34.01 -5.53 -42.46
CA GLU A 204 -34.62 -6.17 -43.64
C GLU A 204 -35.90 -5.49 -44.09
N PRO A 205 -36.88 -5.20 -43.22
CA PRO A 205 -38.06 -4.46 -43.71
C PRO A 205 -37.70 -3.13 -44.35
N LYS A 206 -36.70 -2.44 -43.82
CA LYS A 206 -36.19 -1.26 -44.49
C LYS A 206 -35.61 -1.60 -45.85
N LEU A 207 -35.01 -2.77 -46.00
CA LEU A 207 -34.51 -3.17 -47.31
C LEU A 207 -35.65 -3.29 -48.32
N GLU A 208 -36.74 -3.95 -47.94
CA GLU A 208 -37.88 -3.99 -48.87
C GLU A 208 -38.48 -2.60 -49.09
N LYS A 209 -38.50 -1.74 -48.07
CA LYS A 209 -39.03 -0.40 -48.24
C LYS A 209 -38.22 0.40 -49.26
N LEU A 210 -36.89 0.34 -49.16
CA LEU A 210 -36.05 1.03 -50.13
C LEU A 210 -36.09 0.36 -51.50
N ARG A 211 -36.33 -0.95 -51.58
CA ARG A 211 -36.52 -1.56 -52.90
C ARG A 211 -37.81 -1.05 -53.56
N ASN A 212 -38.89 -0.95 -52.78
CA ASN A 212 -40.12 -0.37 -53.31
C ASN A 212 -39.91 1.08 -53.73
N GLU A 213 -39.09 1.80 -52.98
CA GLU A 213 -38.80 3.20 -53.34
C GLU A 213 -37.95 3.20 -54.62
N LYS A 214 -37.27 2.11 -54.94
CA LYS A 214 -36.35 2.13 -56.11
C LYS A 214 -37.19 2.15 -57.38
N ARG A 215 -38.25 1.37 -57.42
CA ARG A 215 -39.09 1.28 -58.65
C ARG A 215 -39.65 2.66 -58.96
N MET A 216 -40.29 3.27 -57.98
CA MET A 216 -40.89 4.60 -58.17
C MET A 216 -39.92 5.49 -58.94
N PHE A 217 -38.62 5.46 -58.64
CA PHE A 217 -37.70 6.40 -59.32
C PHE A 217 -37.56 6.02 -60.77
N LEU A 218 -37.48 4.73 -61.08
CA LEU A 218 -37.24 4.35 -62.48
C LEU A 218 -38.35 4.95 -63.36
N GLU A 219 -39.61 4.83 -62.92
CA GLU A 219 -40.73 5.45 -63.66
C GLU A 219 -40.57 6.97 -63.68
N PHE A 220 -40.57 7.61 -62.50
CA PHE A 220 -40.48 9.09 -62.39
C PHE A 220 -39.39 9.67 -63.29
N GLN A 221 -38.31 8.93 -63.57
CA GLN A 221 -37.24 9.39 -64.48
C GLN A 221 -37.83 9.55 -65.89
N SER A 222 -38.52 8.53 -66.40
CA SER A 222 -39.18 8.65 -67.72
C SER A 222 -40.13 9.85 -67.70
N THR A 223 -40.96 9.96 -66.66
CA THR A 223 -41.97 11.06 -66.63
C THR A 223 -41.24 12.39 -66.78
N GLN A 224 -40.07 12.52 -66.17
CA GLN A 224 -39.30 13.78 -66.25
C GLN A 224 -38.83 14.00 -67.68
N THR A 225 -38.38 12.96 -68.36
CA THR A 225 -37.80 13.17 -69.71
C THR A 225 -38.89 13.62 -70.68
N ASP A 226 -40.14 13.17 -70.48
CA ASP A 226 -41.25 13.67 -71.34
C ASP A 226 -41.52 15.13 -70.98
N LEU A 227 -41.70 15.42 -69.70
CA LEU A 227 -41.95 16.81 -69.23
C LEU A 227 -40.89 17.73 -69.81
N GLU A 228 -39.62 17.33 -69.77
CA GLU A 228 -38.56 18.14 -70.43
C GLU A 228 -38.89 18.23 -71.92
N SER A 968 -49.59 17.42 -71.03
CA SER A 968 -48.49 18.21 -70.49
C SER A 968 -48.82 18.74 -69.11
N LYS A 969 -49.92 19.50 -69.01
CA LYS A 969 -50.34 20.04 -67.72
C LYS A 969 -50.71 18.92 -66.75
N GLN A 970 -51.43 17.90 -67.23
CA GLN A 970 -51.77 16.78 -66.38
C GLN A 970 -50.52 16.01 -65.94
N LEU A 971 -49.55 15.86 -66.84
CA LEU A 971 -48.31 15.20 -66.47
C LEU A 971 -47.52 16.03 -65.46
N ASN A 972 -47.53 17.35 -65.60
CA ASN A 972 -46.87 18.21 -64.62
C ASN A 972 -47.55 18.10 -63.26
N GLU A 973 -48.89 18.05 -63.25
CA GLU A 973 -49.61 17.88 -61.99
C GLU A 973 -49.28 16.54 -61.35
N LYS A 974 -49.20 15.47 -62.15
CA LYS A 974 -48.82 14.17 -61.62
C LYS A 974 -47.40 14.20 -61.06
N PHE A 975 -46.48 14.85 -61.76
CA PHE A 975 -45.11 14.97 -61.25
C PHE A 975 -45.07 15.73 -59.93
N GLN A 976 -45.84 16.81 -59.83
CA GLN A 976 -45.90 17.56 -58.57
C GLN A 976 -46.48 16.71 -57.45
N GLU A 977 -47.52 15.92 -57.74
CA GLU A 977 -48.13 15.09 -56.73
C GLU A 977 -47.22 13.95 -56.30
N LEU A 978 -46.37 13.46 -57.20
CA LEU A 978 -45.50 12.33 -56.91
C LEU A 978 -44.21 12.73 -56.21
N ARG A 979 -43.99 14.03 -55.96
CA ARG A 979 -42.79 14.49 -55.25
C ARG A 979 -42.99 14.38 -53.73
N LYS A 980 -43.30 13.16 -53.30
CA LYS A 980 -43.46 12.86 -51.88
C LYS A 980 -42.44 11.84 -51.40
N LYS A 981 -42.32 10.71 -52.09
CA LYS A 981 -41.34 9.67 -51.77
C LYS A 981 -40.41 9.40 -52.94
N VAL A 982 -40.11 10.43 -53.72
CA VAL A 982 -39.28 10.25 -54.92
C VAL A 982 -37.88 9.79 -54.55
N ASN A 983 -37.29 10.39 -53.50
CA ASN A 983 -35.94 10.07 -53.04
C ASN A 983 -34.95 10.13 -54.21
N PRO A 984 -34.60 11.33 -54.68
CA PRO A 984 -33.73 11.42 -55.88
C PRO A 984 -32.38 10.74 -55.70
N ASN A 985 -31.86 10.66 -54.48
CA ASN A 985 -30.57 10.03 -54.21
C ASN A 985 -30.72 8.62 -53.66
N ILE A 986 -31.75 7.89 -54.09
CA ILE A 986 -31.99 6.55 -53.57
C ILE A 986 -30.91 5.58 -54.06
N MET A 987 -30.40 5.76 -55.28
CA MET A 987 -29.47 4.79 -55.86
C MET A 987 -28.20 4.68 -55.04
N ASN A 988 -27.53 5.81 -54.77
CA ASN A 988 -26.28 5.78 -54.05
C ASN A 988 -26.47 5.25 -52.64
N MET A 989 -27.52 5.70 -51.96
CA MET A 989 -27.76 5.26 -50.59
C MET A 989 -28.04 3.76 -50.52
N ILE A 990 -28.86 3.25 -51.43
CA ILE A 990 -29.18 1.82 -51.41
C ILE A 990 -27.94 1.00 -51.78
N GLU A 991 -27.11 1.50 -52.70
CA GLU A 991 -25.89 0.78 -53.05
C GLU A 991 -24.93 0.72 -51.85
N ASN A 992 -24.76 1.84 -51.16
CA ASN A 992 -23.89 1.85 -49.98
C ASN A 992 -24.43 0.93 -48.90
N VAL A 993 -25.75 0.95 -48.69
CA VAL A 993 -26.36 0.08 -47.67
C VAL A 993 -26.14 -1.38 -48.02
N GLU A 994 -26.33 -1.75 -49.29
CA GLU A 994 -26.12 -3.13 -49.69
C GLU A 994 -24.67 -3.55 -49.51
N LYS A 995 -23.73 -2.68 -49.89
CA LYS A 995 -22.32 -3.02 -49.73
C LYS A 995 -21.96 -3.21 -48.25
N LYS A 996 -22.44 -2.31 -47.39
CA LYS A 996 -22.13 -2.43 -45.97
C LYS A 996 -22.78 -3.67 -45.36
N GLU A 997 -23.99 -4.00 -45.79
CA GLU A 997 -24.64 -5.21 -45.30
C GLU A 997 -23.89 -6.47 -45.73
N ALA A 998 -23.40 -6.48 -46.98
CA ALA A 998 -22.59 -7.62 -47.42
C ALA A 998 -21.32 -7.74 -46.59
N ALA A 999 -20.67 -6.61 -46.31
CA ALA A 999 -19.48 -6.63 -45.46
C ALA A 999 -19.81 -7.15 -44.07
N LEU A 1000 -20.93 -6.73 -43.49
CA LEU A 1000 -21.33 -7.19 -42.17
C LEU A 1000 -21.58 -8.70 -42.16
N LYS A 1001 -22.27 -9.21 -43.20
CA LYS A 1001 -22.52 -10.64 -43.28
C LYS A 1001 -21.23 -11.43 -43.40
N THR A 1002 -20.29 -10.93 -44.20
CA THR A 1002 -19.00 -11.61 -44.33
C THR A 1002 -18.26 -11.63 -42.99
N MET A 1003 -18.26 -10.50 -42.27
CA MET A 1003 -17.61 -10.47 -40.97
C MET A 1003 -18.25 -11.43 -39.99
N ILE A 1004 -19.59 -11.51 -40.00
CA ILE A 1004 -20.28 -12.44 -39.10
C ILE A 1004 -19.90 -13.88 -39.42
N LYS A 1005 -19.89 -14.23 -40.71
CA LYS A 1005 -19.54 -15.59 -41.10
C LYS A 1005 -18.10 -15.93 -40.69
N THR A 1006 -17.18 -14.99 -40.89
CA THR A 1006 -15.80 -15.22 -40.48
C THR A 1006 -15.69 -15.35 -38.97
N ILE A 1007 -16.51 -14.60 -38.22
CA ILE A 1007 -16.52 -14.74 -36.77
C ILE A 1007 -16.96 -16.14 -36.35
N GLU A 1008 -18.02 -16.65 -36.98
CA GLU A 1008 -18.45 -18.02 -36.67
C GLU A 1008 -17.37 -19.04 -37.01
N LYS A 1009 -16.70 -18.86 -38.15
CA LYS A 1009 -15.63 -19.78 -38.52
C LYS A 1009 -14.49 -19.73 -37.50
N ASP A 1010 -14.13 -18.53 -37.05
CA ASP A 1010 -13.09 -18.40 -36.03
C ASP A 1010 -13.49 -19.06 -34.73
N LYS A 1011 -14.76 -18.92 -34.34
CA LYS A 1011 -15.25 -19.59 -33.13
C LYS A 1011 -15.10 -21.11 -33.25
N MET A 1012 -15.51 -21.66 -34.40
CA MET A 1012 -15.39 -23.10 -34.60
C MET A 1012 -13.93 -23.55 -34.54
N LYS A 1013 -13.04 -22.80 -35.18
CA LYS A 1013 -11.63 -23.15 -35.16
C LYS A 1013 -11.06 -23.11 -33.75
N ILE A 1014 -11.44 -22.08 -32.97
CA ILE A 1014 -10.96 -21.96 -31.60
C ILE A 1014 -11.45 -23.15 -30.76
N GLN A 1015 -12.72 -23.53 -30.93
CA GLN A 1015 -13.25 -24.66 -30.17
C GLN A 1015 -12.52 -25.95 -30.51
N GLU A 1016 -12.28 -26.20 -31.80
CA GLU A 1016 -11.56 -27.40 -32.21
C GLU A 1016 -10.14 -27.41 -31.67
N THR A 1017 -9.47 -26.26 -31.71
CA THR A 1017 -8.11 -26.17 -31.19
C THR A 1017 -8.08 -26.43 -29.69
N ILE A 1018 -9.06 -25.90 -28.95
CA ILE A 1018 -9.13 -26.13 -27.51
C ILE A 1018 -9.34 -27.62 -27.22
N SER A 1019 -10.20 -28.27 -28.01
CA SER A 1019 -10.44 -29.70 -27.82
C SER A 1019 -9.16 -30.50 -28.03
N LYS A 1020 -8.45 -30.23 -29.11
CA LYS A 1020 -7.22 -30.99 -29.35
C LYS A 1020 -6.17 -30.66 -28.29
N LEU A 1021 -6.15 -29.41 -27.81
CA LEU A 1021 -5.19 -29.01 -26.79
C LEU A 1021 -5.43 -29.73 -25.47
N ASN A 1022 -6.69 -29.86 -25.03
CA ASN A 1022 -6.87 -30.52 -23.74
C ASN A 1022 -6.73 -32.04 -23.89
N GLU A 1023 -7.10 -32.60 -25.05
CA GLU A 1023 -6.77 -34.00 -25.30
C GLU A 1023 -5.27 -34.24 -25.21
N TYR A 1024 -4.46 -33.27 -25.65
CA TYR A 1024 -3.01 -33.41 -25.51
C TYR A 1024 -2.55 -33.23 -24.06
N LYS A 1025 -3.13 -32.27 -23.33
CA LYS A 1025 -2.65 -32.03 -21.98
C LYS A 1025 -2.99 -33.18 -21.05
N ARG A 1026 -3.99 -33.99 -21.42
CA ARG A 1026 -4.29 -35.19 -20.63
C ARG A 1026 -3.06 -36.10 -20.57
N GLU A 1027 -2.50 -36.43 -21.73
CA GLU A 1027 -1.30 -37.27 -21.79
C GLU A 1027 -0.08 -36.53 -21.24
N THR A 1028 -0.01 -35.22 -21.44
CA THR A 1028 1.07 -34.44 -20.84
C THR A 1028 1.06 -34.55 -19.32
N LEU A 1029 -0.13 -34.47 -18.72
CA LEU A 1029 -0.27 -34.65 -17.29
C LEU A 1029 0.11 -36.07 -16.87
N VAL A 1030 -0.22 -37.06 -17.70
CA VAL A 1030 0.21 -38.43 -17.39
C VAL A 1030 1.73 -38.50 -17.28
N LYS A 1031 2.44 -37.96 -18.28
CA LYS A 1031 3.90 -37.99 -18.24
C LYS A 1031 4.44 -37.21 -17.05
N THR A 1032 3.87 -36.03 -16.77
CA THR A 1032 4.34 -35.22 -15.66
C THR A 1032 4.16 -35.95 -14.33
N TRP A 1033 3.00 -36.57 -14.14
CA TRP A 1033 2.74 -37.30 -12.91
C TRP A 1033 3.72 -38.46 -12.73
N GLU A 1034 3.97 -39.21 -13.81
CA GLU A 1034 4.89 -40.34 -13.71
C GLU A 1034 6.30 -39.86 -13.33
N LYS A 1035 6.79 -38.83 -14.03
CA LYS A 1035 8.14 -38.35 -13.76
C LYS A 1035 8.27 -37.78 -12.36
N VAL A 1036 7.27 -37.01 -11.92
CA VAL A 1036 7.33 -36.41 -10.58
C VAL A 1036 7.24 -37.49 -9.51
N THR A 1037 6.43 -38.53 -9.74
CA THR A 1037 6.36 -39.62 -8.77
C THR A 1037 7.69 -40.33 -8.64
N LEU A 1038 8.34 -40.63 -9.78
CA LEU A 1038 9.64 -41.29 -9.72
C LEU A 1038 10.68 -40.42 -9.02
N ASP A 1039 10.71 -39.12 -9.34
CA ASP A 1039 11.67 -38.23 -8.72
C ASP A 1039 11.41 -38.07 -7.23
N PHE A 1040 10.13 -38.01 -6.84
CA PHE A 1040 9.76 -37.93 -5.43
C PHE A 1040 10.23 -39.15 -4.67
N GLY A 1041 10.01 -40.34 -5.23
CA GLY A 1041 10.49 -41.56 -4.60
C GLY A 1041 12.01 -41.55 -4.43
N ASN A 1042 12.71 -41.16 -5.50
CA ASN A 1042 14.17 -41.15 -5.44
C ASN A 1042 14.69 -40.17 -4.39
N ILE A 1043 14.10 -38.96 -4.34
CA ILE A 1043 14.58 -37.96 -3.40
C ILE A 1043 14.30 -38.38 -1.96
N PHE A 1044 13.10 -38.93 -1.71
CA PHE A 1044 12.80 -39.37 -0.34
C PHE A 1044 13.67 -40.55 0.06
N ALA A 1045 13.98 -41.45 -0.87
CA ALA A 1045 14.91 -42.53 -0.57
C ALA A 1045 16.29 -42.00 -0.25
N ASP A 1046 16.75 -40.97 -0.97
CA ASP A 1046 18.06 -40.40 -0.71
C ASP A 1046 18.11 -39.69 0.65
N LEU A 1047 17.06 -38.95 0.99
CA LEU A 1047 17.07 -38.17 2.24
C LEU A 1047 17.10 -39.10 3.45
N LEU A 1048 16.19 -40.07 3.51
CA LEU A 1048 16.16 -41.06 4.58
C LEU A 1048 16.48 -42.42 3.99
N PRO A 1049 17.57 -43.07 4.42
CA PRO A 1049 18.02 -44.29 3.74
C PRO A 1049 17.00 -45.42 3.74
N ASN A 1050 16.18 -45.54 4.78
CA ASN A 1050 15.28 -46.67 4.94
C ASN A 1050 13.81 -46.27 4.77
N SER A 1051 13.51 -45.40 3.82
CA SER A 1051 12.15 -44.98 3.57
C SER A 1051 11.92 -44.81 2.07
N PHE A 1052 10.64 -44.75 1.69
CA PHE A 1052 10.25 -44.56 0.31
C PHE A 1052 8.91 -43.83 0.27
N ALA A 1053 8.63 -43.19 -0.86
CA ALA A 1053 7.38 -42.46 -1.02
C ALA A 1053 6.93 -42.54 -2.47
N LYS A 1054 5.63 -42.33 -2.67
CA LYS A 1054 5.07 -42.36 -4.01
C LYS A 1054 3.78 -41.54 -4.04
N LEU A 1055 3.37 -41.17 -5.25
CA LEU A 1055 2.13 -40.47 -5.50
C LEU A 1055 1.20 -41.38 -6.29
N VAL A 1056 -0.03 -41.55 -5.79
CA VAL A 1056 -0.96 -42.49 -6.41
C VAL A 1056 -2.32 -41.81 -6.55
N PRO A 1057 -3.15 -42.29 -7.49
CA PRO A 1057 -4.51 -41.76 -7.59
C PRO A 1057 -5.38 -42.21 -6.41
N CYS A 1058 -6.66 -41.87 -6.46
CA CYS A 1058 -7.56 -42.21 -5.36
C CYS A 1058 -7.82 -43.71 -5.32
N GLU A 1059 -8.67 -44.13 -4.37
CA GLU A 1059 -8.92 -45.56 -4.19
C GLU A 1059 -9.57 -46.18 -5.41
N GLY A 1060 -10.50 -45.47 -6.05
CA GLY A 1060 -11.17 -45.99 -7.23
C GLY A 1060 -11.21 -45.00 -8.37
N LYS A 1061 -10.84 -43.75 -8.10
CA LYS A 1061 -10.85 -42.71 -9.11
C LYS A 1061 -9.54 -42.69 -9.90
N ASP A 1062 -9.54 -41.95 -10.99
CA ASP A 1062 -8.39 -41.88 -11.89
C ASP A 1062 -7.42 -40.80 -11.40
N VAL A 1063 -6.37 -40.56 -12.19
CA VAL A 1063 -5.36 -39.57 -11.81
C VAL A 1063 -5.96 -38.16 -11.84
N THR A 1064 -6.78 -37.86 -12.84
CA THR A 1064 -7.32 -36.52 -13.00
C THR A 1064 -8.26 -36.12 -11.86
N GLN A 1065 -8.76 -37.08 -11.08
CA GLN A 1065 -9.60 -36.74 -9.93
C GLN A 1065 -8.78 -36.20 -8.77
N GLY A 1066 -7.61 -36.77 -8.53
CA GLY A 1066 -6.76 -36.32 -7.44
C GLY A 1066 -5.60 -37.25 -7.24
N LEU A 1067 -4.63 -36.78 -6.46
CA LEU A 1067 -3.43 -37.53 -6.15
C LEU A 1067 -3.16 -37.46 -4.65
N GLU A 1068 -2.74 -38.59 -4.08
CA GLU A 1068 -2.40 -38.70 -2.67
C GLU A 1068 -1.01 -39.28 -2.51
N VAL A 1069 -0.45 -39.09 -1.31
CA VAL A 1069 0.92 -39.47 -1.00
C VAL A 1069 0.90 -40.72 -0.15
N LYS A 1070 1.73 -41.71 -0.52
CA LYS A 1070 1.90 -42.92 0.25
C LYS A 1070 3.37 -43.05 0.68
N VAL A 1071 3.57 -43.41 1.93
CA VAL A 1071 4.90 -43.49 2.52
C VAL A 1071 5.13 -44.92 3.01
N LYS A 1072 6.36 -45.41 2.85
CA LYS A 1072 6.76 -46.72 3.32
C LYS A 1072 8.00 -46.57 4.19
N LEU A 1073 7.95 -47.12 5.40
CA LEU A 1073 9.07 -47.13 6.31
C LEU A 1073 9.56 -48.56 6.49
N GLY A 1074 10.87 -48.75 6.45
CA GLY A 1074 11.43 -50.08 6.50
C GLY A 1074 10.95 -50.92 5.34
N ASN A 1075 10.06 -51.88 5.63
CA ASN A 1075 9.44 -52.69 4.59
C ASN A 1075 7.92 -52.69 4.69
N ILE A 1076 7.35 -51.72 5.40
CA ILE A 1076 5.91 -51.66 5.60
C ILE A 1076 5.40 -50.28 5.20
N TRP A 1077 4.30 -50.25 4.46
CA TRP A 1077 3.64 -49.01 4.10
C TRP A 1077 2.78 -48.51 5.25
N LYS A 1078 2.63 -47.19 5.33
CA LYS A 1078 1.81 -46.56 6.36
C LYS A 1078 0.45 -46.21 5.79
N GLU A 1079 -0.61 -46.75 6.40
CA GLU A 1079 -1.95 -46.48 5.92
C GLU A 1079 -2.33 -45.02 6.07
N SER A 1080 -1.95 -44.40 7.18
CA SER A 1080 -2.30 -43.01 7.48
C SER A 1080 -1.04 -42.19 7.65
N LEU A 1081 -1.04 -40.98 7.10
CA LEU A 1081 0.08 -40.06 7.18
C LEU A 1081 0.04 -39.19 8.43
N ILE A 1082 -1.03 -39.27 9.21
CA ILE A 1082 -1.14 -38.43 10.41
C ILE A 1082 -0.20 -38.89 11.52
N GLU A 1083 0.24 -40.14 11.48
CA GLU A 1083 1.13 -40.68 12.51
C GLU A 1083 2.59 -40.40 12.24
N LEU A 1084 2.92 -39.79 11.10
CA LEU A 1084 4.30 -39.46 10.79
C LEU A 1084 4.79 -38.30 11.64
N SER A 1085 6.11 -38.25 11.85
CA SER A 1085 6.71 -37.19 12.64
C SER A 1085 6.68 -35.87 11.90
N GLY A 1086 6.79 -34.78 12.66
CA GLY A 1086 6.90 -33.47 12.05
C GLY A 1086 8.14 -33.33 11.18
N GLY A 1087 9.27 -33.87 11.66
CA GLY A 1087 10.47 -33.89 10.84
C GLY A 1087 10.30 -34.74 9.60
N GLN A 1088 9.63 -35.88 9.74
CA GLN A 1088 9.38 -36.74 8.58
C GLN A 1088 8.47 -36.04 7.58
N ARG A 1089 7.43 -35.35 8.06
CA ARG A 1089 6.56 -34.60 7.16
C ARG A 1089 7.32 -33.48 6.45
N SER A 1090 8.19 -32.78 7.19
CA SER A 1090 9.01 -31.74 6.56
C SER A 1090 9.93 -32.33 5.50
N LEU A 1091 10.54 -33.47 5.79
CA LEU A 1091 11.40 -34.12 4.80
C LEU A 1091 10.62 -34.54 3.57
N ILE A 1092 9.40 -35.05 3.77
CA ILE A 1092 8.56 -35.43 2.64
C ILE A 1092 8.22 -34.21 1.78
N ALA A 1093 7.87 -33.10 2.42
CA ALA A 1093 7.56 -31.89 1.68
C ALA A 1093 8.76 -31.37 0.90
N LEU A 1094 9.94 -31.39 1.53
CA LEU A 1094 11.16 -30.97 0.84
C LEU A 1094 11.46 -31.90 -0.33
N SER A 1095 11.27 -33.20 -0.16
CA SER A 1095 11.51 -34.14 -1.24
C SER A 1095 10.56 -33.89 -2.41
N LEU A 1096 9.29 -33.61 -2.12
CA LEU A 1096 8.34 -33.29 -3.18
C LEU A 1096 8.75 -32.01 -3.91
N ILE A 1097 9.16 -30.99 -3.16
CA ILE A 1097 9.57 -29.73 -3.79
C ILE A 1097 10.80 -29.95 -4.66
N MET A 1098 11.76 -30.75 -4.18
CA MET A 1098 12.96 -31.01 -4.97
C MET A 1098 12.66 -31.86 -6.19
N ALA A 1099 11.71 -32.79 -6.09
CA ALA A 1099 11.29 -33.53 -7.28
C ALA A 1099 10.67 -32.59 -8.31
N LEU A 1100 9.83 -31.66 -7.86
CA LEU A 1100 9.26 -30.68 -8.78
C LEU A 1100 10.35 -29.82 -9.42
N LEU A 1101 11.35 -29.44 -8.64
CA LEU A 1101 12.48 -28.69 -9.17
C LEU A 1101 13.23 -29.50 -10.21
N GLN A 1102 13.47 -30.78 -9.94
CA GLN A 1102 14.23 -31.62 -10.85
C GLN A 1102 13.46 -31.84 -12.15
N PHE A 1103 12.14 -31.94 -12.09
CA PHE A 1103 11.35 -32.07 -13.31
C PHE A 1103 11.45 -30.79 -14.15
N ARG A 1104 11.01 -29.67 -13.60
CA ARG A 1104 11.18 -28.36 -14.23
C ARG A 1104 11.49 -27.33 -13.15
N PRO A 1105 12.73 -26.83 -13.10
CA PRO A 1105 13.10 -25.89 -12.04
C PRO A 1105 12.41 -24.54 -12.22
N ALA A 1106 11.69 -24.11 -11.18
CA ALA A 1106 11.10 -22.79 -11.18
C ALA A 1106 12.20 -21.73 -11.05
N PRO A 1107 11.95 -20.51 -11.51
CA PRO A 1107 12.99 -19.46 -11.42
C PRO A 1107 13.50 -19.22 -10.01
N MET A 1108 12.62 -19.28 -9.01
CA MET A 1108 13.04 -19.07 -7.63
C MET A 1108 12.25 -19.99 -6.71
N TYR A 1109 12.86 -20.31 -5.57
CA TYR A 1109 12.21 -21.10 -4.52
C TYR A 1109 12.41 -20.39 -3.20
N ILE A 1110 11.30 -20.11 -2.51
CA ILE A 1110 11.31 -19.34 -1.27
C ILE A 1110 10.87 -20.25 -0.13
N LEU A 1111 11.67 -20.28 0.94
CA LEU A 1111 11.40 -21.12 2.09
C LEU A 1111 11.46 -20.27 3.35
N ASP A 1112 10.47 -20.42 4.22
CA ASP A 1112 10.37 -19.67 5.47
C ASP A 1112 10.37 -20.64 6.64
N GLU A 1113 11.41 -20.57 7.47
CA GLU A 1113 11.55 -21.42 8.66
C GLU A 1113 11.39 -22.89 8.29
N VAL A 1114 12.08 -23.30 7.23
CA VAL A 1114 11.92 -24.65 6.70
C VAL A 1114 12.47 -25.70 7.67
N ASP A 1115 13.46 -25.33 8.48
CA ASP A 1115 14.10 -26.25 9.42
C ASP A 1115 13.51 -26.17 10.82
N ALA A 1116 12.24 -25.79 10.94
CA ALA A 1116 11.63 -25.65 12.25
C ALA A 1116 11.53 -26.99 12.98
N ALA A 1117 11.15 -28.04 12.26
CA ALA A 1117 10.95 -29.36 12.85
C ALA A 1117 12.05 -30.35 12.47
N LEU A 1118 13.18 -29.86 11.99
CA LEU A 1118 14.29 -30.70 11.56
C LEU A 1118 15.46 -30.57 12.53
N ASP A 1119 16.13 -31.68 12.80
CA ASP A 1119 17.27 -31.65 13.71
C ASP A 1119 18.48 -31.03 13.01
N LEU A 1120 19.56 -30.87 13.78
CA LEU A 1120 20.75 -30.22 13.26
C LEU A 1120 21.37 -31.01 12.12
N SER A 1121 21.43 -32.34 12.25
CA SER A 1121 22.02 -33.17 11.20
C SER A 1121 21.21 -33.08 9.91
N HIS A 1122 19.88 -33.19 10.03
CA HIS A 1122 19.03 -33.09 8.85
C HIS A 1122 19.10 -31.70 8.23
N THR A 1123 19.15 -30.65 9.07
CA THR A 1123 19.27 -29.29 8.55
C THR A 1123 20.57 -29.11 7.78
N GLN A 1124 21.68 -29.60 8.32
CA GLN A 1124 22.96 -29.50 7.63
C GLN A 1124 22.95 -30.29 6.34
N ASN A 1125 22.37 -31.50 6.35
CA ASN A 1125 22.30 -32.30 5.14
C ASN A 1125 21.46 -31.62 4.07
N ILE A 1126 20.33 -31.04 4.46
CA ILE A 1126 19.47 -30.34 3.50
C ILE A 1126 20.20 -29.15 2.90
N GLY A 1127 20.88 -28.37 3.75
CA GLY A 1127 21.64 -27.23 3.24
C GLY A 1127 22.73 -27.64 2.29
N HIS A 1128 23.46 -28.70 2.63
CA HIS A 1128 24.53 -29.18 1.74
C HIS A 1128 23.98 -29.68 0.42
N LEU A 1129 22.86 -30.40 0.46
CA LEU A 1129 22.26 -30.89 -0.77
C LEU A 1129 21.76 -29.74 -1.65
N ILE A 1130 21.16 -28.71 -1.04
CA ILE A 1130 20.74 -27.55 -1.80
C ILE A 1130 21.94 -26.85 -2.43
N LYS A 1131 23.03 -26.71 -1.66
CA LYS A 1131 24.21 -26.03 -2.18
C LYS A 1131 24.83 -26.80 -3.34
N THR A 1132 24.90 -28.12 -3.24
CA THR A 1132 25.70 -28.93 -4.15
C THR A 1132 24.88 -29.58 -5.27
N ARG A 1133 23.91 -30.44 -4.91
CA ARG A 1133 23.36 -31.35 -5.91
C ARG A 1133 22.22 -30.71 -6.70
N PHE A 1134 21.28 -30.06 -6.02
CA PHE A 1134 20.12 -29.51 -6.71
C PHE A 1134 20.51 -28.33 -7.60
N LYS A 1135 21.00 -27.25 -6.99
CA LYS A 1135 21.37 -26.03 -7.69
C LYS A 1135 20.27 -25.58 -8.64
N GLY A 1136 20.64 -25.15 -9.84
CA GLY A 1136 19.68 -24.81 -10.87
C GLY A 1136 18.97 -23.49 -10.65
N SER A 1137 18.14 -23.42 -9.62
CA SER A 1137 17.31 -22.26 -9.36
C SER A 1137 17.94 -21.35 -8.32
N GLN A 1138 17.25 -20.27 -7.99
CA GLN A 1138 17.68 -19.32 -6.97
C GLN A 1138 16.87 -19.56 -5.71
N PHE A 1139 17.56 -19.80 -4.60
CA PHE A 1139 16.92 -20.16 -3.33
C PHE A 1139 16.97 -18.97 -2.38
N ILE A 1140 15.83 -18.65 -1.80
CA ILE A 1140 15.71 -17.61 -0.77
C ILE A 1140 15.17 -18.30 0.48
N VAL A 1141 16.05 -18.60 1.42
CA VAL A 1141 15.71 -19.40 2.59
C VAL A 1141 15.89 -18.55 3.84
N VAL A 1142 14.88 -18.51 4.70
CA VAL A 1142 14.97 -17.87 6.00
C VAL A 1142 15.21 -18.97 7.03
N SER A 1143 16.37 -18.91 7.68
CA SER A 1143 16.78 -19.93 8.63
C SER A 1143 17.28 -19.29 9.91
N LEU A 1144 17.02 -19.95 11.04
CA LEU A 1144 17.51 -19.51 12.34
C LEU A 1144 18.63 -20.38 12.87
N LYS A 1145 19.00 -21.45 12.16
CA LYS A 1145 20.03 -22.37 12.60
C LYS A 1145 21.20 -22.35 11.63
N GLU A 1146 22.41 -22.55 12.16
CA GLU A 1146 23.63 -22.45 11.37
C GLU A 1146 23.69 -23.49 10.26
N GLY A 1147 22.89 -24.56 10.34
CA GLY A 1147 23.04 -25.68 9.44
C GLY A 1147 22.94 -25.33 7.97
N MET A 1148 22.01 -24.45 7.61
CA MET A 1148 21.78 -24.12 6.20
C MET A 1148 22.51 -22.86 5.75
N PHE A 1149 22.61 -21.84 6.59
CA PHE A 1149 23.27 -20.60 6.18
C PHE A 1149 24.75 -20.56 6.49
N ALA A 1150 25.30 -21.62 7.10
CA ALA A 1150 26.75 -21.71 7.27
C ALA A 1150 27.45 -21.81 5.92
N ASN A 1151 26.89 -22.60 5.00
CA ASN A 1151 27.44 -22.77 3.66
C ASN A 1151 26.68 -21.97 2.62
N ALA A 1152 25.79 -21.07 3.03
CA ALA A 1152 25.04 -20.28 2.08
C ALA A 1152 25.96 -19.36 1.29
N ASN A 1153 25.73 -19.30 -0.03
CA ASN A 1153 26.58 -18.48 -0.89
C ASN A 1153 26.43 -17.01 -0.57
N ARG A 1154 25.21 -16.54 -0.33
CA ARG A 1154 24.94 -15.17 0.06
C ARG A 1154 24.07 -15.15 1.30
N VAL A 1155 24.40 -14.25 2.23
CA VAL A 1155 23.68 -14.13 3.50
C VAL A 1155 23.26 -12.68 3.69
N PHE A 1156 22.01 -12.47 4.07
CA PHE A 1156 21.46 -11.16 4.39
C PHE A 1156 21.01 -11.17 5.84
N ARG A 1157 21.61 -10.30 6.66
CA ARG A 1157 21.33 -10.24 8.09
C ARG A 1157 20.48 -9.01 8.40
N THR A 1158 19.39 -9.20 9.14
CA THR A 1158 18.42 -8.15 9.40
C THR A 1158 18.47 -7.72 10.86
N ARG A 1159 18.47 -6.40 11.09
CA ARG A 1159 18.28 -5.86 12.43
C ARG A 1159 17.16 -4.83 12.44
N PHE A 1160 16.36 -4.86 13.51
CA PHE A 1160 15.41 -3.79 13.82
C PHE A 1160 16.21 -2.69 14.52
N GLN A 1161 16.72 -1.74 13.74
CA GLN A 1161 17.65 -0.75 14.30
C GLN A 1161 16.91 0.36 15.04
N ASP A 1162 16.15 1.17 14.30
CA ASP A 1162 15.42 2.32 14.87
C ASP A 1162 14.08 2.41 14.17
N GLY A 1163 13.07 1.74 14.74
CA GLY A 1163 11.72 1.84 14.22
C GLY A 1163 11.48 1.03 12.96
N THR A 1164 12.52 0.86 12.15
CA THR A 1164 12.45 0.14 10.88
C THR A 1164 13.43 -1.02 10.91
N SER A 1165 13.50 -1.74 9.79
CA SER A 1165 14.37 -2.89 9.63
C SER A 1165 15.42 -2.60 8.57
N VAL A 1166 16.66 -3.03 8.85
CA VAL A 1166 17.77 -2.83 7.94
C VAL A 1166 18.41 -4.18 7.63
N VAL A 1167 18.94 -4.30 6.41
CA VAL A 1167 19.52 -5.53 5.90
C VAL A 1167 20.97 -5.25 5.53
N SER A 1168 21.87 -6.10 5.99
CA SER A 1168 23.30 -5.96 5.74
C SER A 1168 23.85 -7.26 5.18
N ILE A 1169 25.00 -7.15 4.51
CA ILE A 1169 25.66 -8.31 3.93
C ILE A 1169 26.39 -9.08 5.03
N MET A 1170 26.19 -10.39 5.05
CA MET A 1170 26.82 -11.28 6.03
C MET A 1170 26.48 -10.88 7.46
N GLN B 126 -3.40 13.87 50.26
CA GLN B 126 -2.96 14.94 49.37
C GLN B 126 -2.39 14.38 48.07
N LEU B 127 -1.97 13.13 48.10
CA LEU B 127 -1.40 12.47 46.94
C LEU B 127 -2.44 11.51 46.35
N SER B 128 -2.71 11.70 45.05
CA SER B 128 -3.68 10.84 44.37
C SER B 128 -3.12 9.42 44.23
N PRO B 129 -3.98 8.40 44.31
CA PRO B 129 -3.50 7.02 44.17
C PRO B 129 -2.99 6.75 42.77
N VAL B 130 -2.01 5.85 42.69
CA VAL B 130 -1.41 5.43 41.44
C VAL B 130 -1.32 3.92 41.43
N LYS B 131 -1.53 3.32 40.26
CA LYS B 131 -1.45 1.87 40.09
C LYS B 131 -0.03 1.53 39.67
N ASN B 132 0.82 1.22 40.65
CA ASN B 132 2.21 0.88 40.35
C ASN B 132 2.30 -0.48 39.68
N SER B 133 1.43 -1.43 40.09
CA SER B 133 1.36 -2.80 39.60
C SER B 133 2.56 -3.64 39.98
N ARG B 134 3.53 -3.09 40.73
CA ARG B 134 4.67 -3.84 41.22
C ARG B 134 4.63 -4.04 42.73
N VAL B 135 4.23 -3.02 43.48
CA VAL B 135 4.10 -3.17 44.94
C VAL B 135 3.00 -4.17 45.26
N GLU B 136 1.92 -4.16 44.48
CA GLU B 136 0.86 -5.14 44.66
C GLU B 136 1.37 -6.56 44.44
N LEU B 137 2.17 -6.76 43.37
CA LEU B 137 2.75 -8.07 43.12
C LEU B 137 3.70 -8.48 44.25
N GLN B 138 4.47 -7.53 44.77
CA GLN B 138 5.36 -7.82 45.89
C GLN B 138 4.56 -8.25 47.12
N LYS B 139 3.46 -7.57 47.41
CA LYS B 139 2.65 -7.90 48.58
C LYS B 139 1.97 -9.26 48.41
N ILE B 140 1.42 -9.53 47.23
CA ILE B 140 0.62 -10.73 47.05
C ILE B 140 1.50 -11.99 47.10
N TYR B 141 2.59 -12.00 46.34
CA TYR B 141 3.38 -13.22 46.20
C TYR B 141 4.38 -13.38 47.33
N ASP B 142 5.35 -12.47 47.44
CA ASP B 142 6.46 -12.67 48.36
C ASP B 142 6.08 -12.39 49.81
N ARG B 143 5.25 -11.38 50.04
CA ARG B 143 4.93 -10.93 51.39
C ARG B 143 3.45 -11.13 51.71
N HIS B 144 2.92 -12.31 51.36
CA HIS B 144 1.53 -12.63 51.65
C HIS B 144 1.29 -12.78 53.15
N GLN B 151 6.49 -29.01 51.27
CA GLN B 151 5.89 -30.31 51.45
C GLN B 151 6.48 -31.34 50.50
N SER B 152 5.67 -32.30 50.10
CA SER B 152 6.07 -33.36 49.17
C SER B 152 5.47 -33.09 47.80
N ARG B 153 6.30 -33.14 46.77
CA ARG B 153 5.89 -32.89 45.39
C ARG B 153 5.95 -34.18 44.59
N LEU B 154 4.84 -34.50 43.92
CA LEU B 154 4.79 -35.66 43.03
C LEU B 154 5.59 -35.40 41.77
N PHE B 155 6.27 -36.45 41.29
CA PHE B 155 7.01 -36.36 40.03
C PHE B 155 7.07 -37.73 39.39
N ILE B 156 7.39 -37.75 38.10
CA ILE B 156 7.47 -38.98 37.32
C ILE B 156 8.91 -39.49 37.35
N ASN B 157 9.08 -40.75 37.76
CA ASN B 157 10.41 -41.34 37.85
C ASN B 157 10.79 -42.09 36.58
N GLU B 158 10.01 -43.13 36.25
CA GLU B 158 10.35 -44.04 35.16
C GLU B 158 9.10 -44.32 34.34
N LEU B 159 9.31 -44.68 33.07
CA LEU B 159 8.22 -45.02 32.16
C LEU B 159 8.44 -46.43 31.64
N VAL B 160 7.43 -47.27 31.74
CA VAL B 160 7.47 -48.63 31.21
C VAL B 160 6.48 -48.72 30.05
N LEU B 161 6.97 -49.11 28.87
CA LEU B 161 6.14 -49.25 27.68
C LEU B 161 6.25 -50.67 27.17
N GLU B 162 5.11 -51.27 26.84
CA GLU B 162 5.06 -52.63 26.31
C GLU B 162 4.31 -52.60 24.98
N ASN B 163 5.07 -52.73 23.88
CA ASN B 163 4.50 -52.78 22.54
C ASN B 163 3.63 -51.55 22.25
N PHE B 164 4.09 -50.38 22.67
CA PHE B 164 3.36 -49.13 22.50
C PHE B 164 4.01 -48.32 21.39
N LYS B 165 3.28 -48.15 20.29
CA LYS B 165 3.71 -47.34 19.13
C LYS B 165 5.06 -47.87 18.65
N SER B 166 6.09 -47.03 18.54
CA SER B 166 7.37 -47.48 18.00
C SER B 166 8.08 -48.45 18.94
N TYR B 167 7.87 -48.29 20.25
CA TYR B 167 8.55 -49.15 21.22
C TYR B 167 8.06 -50.59 21.10
N ALA B 168 9.00 -51.53 21.14
CA ALA B 168 8.71 -52.95 21.03
C ALA B 168 9.17 -53.67 22.27
N GLY B 169 8.30 -54.51 22.82
CA GLY B 169 8.63 -55.21 24.05
C GLY B 169 8.62 -54.28 25.24
N LYS B 170 9.22 -54.76 26.32
CA LYS B 170 9.30 -54.01 27.58
C LYS B 170 10.47 -53.05 27.50
N GLN B 171 10.20 -51.78 27.18
CA GLN B 171 11.21 -50.74 27.11
C GLN B 171 10.97 -49.74 28.24
N VAL B 172 12.05 -49.36 28.92
CA VAL B 172 11.97 -48.47 30.07
C VAL B 172 12.70 -47.18 29.74
N VAL B 173 11.98 -46.06 29.88
CA VAL B 173 12.60 -44.74 29.89
C VAL B 173 12.99 -44.44 31.33
N GLY B 174 14.28 -44.16 31.55
CA GLY B 174 14.86 -44.16 32.87
C GLY B 174 14.48 -42.98 33.74
N PRO B 175 15.29 -42.71 34.76
CA PRO B 175 14.92 -41.70 35.77
C PRO B 175 14.85 -40.29 35.21
N PHE B 176 13.65 -39.73 35.17
CA PHE B 176 13.49 -38.32 34.83
C PHE B 176 13.95 -37.46 35.99
N HIS B 177 14.54 -36.31 35.67
CA HIS B 177 15.00 -35.39 36.70
C HIS B 177 13.81 -34.78 37.43
N THR B 178 14.02 -34.50 38.72
CA THR B 178 12.95 -33.90 39.53
C THR B 178 12.60 -32.51 39.05
N SER B 179 13.59 -31.73 38.60
CA SER B 179 13.37 -30.35 38.20
C SER B 179 13.25 -30.21 36.68
N PHE B 180 14.27 -30.64 35.94
CA PHE B 180 14.30 -30.43 34.49
C PHE B 180 15.05 -31.54 33.80
N SER B 181 14.40 -32.19 32.84
CA SER B 181 15.01 -33.20 31.99
C SER B 181 14.64 -32.93 30.54
N ALA B 182 15.56 -33.22 29.63
CA ALA B 182 15.38 -32.96 28.22
C ALA B 182 15.42 -34.27 27.44
N VAL B 183 14.46 -34.45 26.54
CA VAL B 183 14.39 -35.63 25.68
C VAL B 183 14.88 -35.22 24.30
N VAL B 184 15.94 -35.87 23.83
CA VAL B 184 16.58 -35.55 22.56
C VAL B 184 16.72 -36.83 21.74
N GLY B 185 16.81 -36.67 20.42
CA GLY B 185 16.97 -37.79 19.53
C GLY B 185 16.75 -37.42 18.08
N PRO B 186 17.07 -38.33 17.18
CA PRO B 186 16.85 -38.07 15.75
C PRO B 186 15.36 -37.99 15.43
N ASN B 187 15.07 -37.27 14.34
CA ASN B 187 13.69 -37.15 13.88
C ASN B 187 13.14 -38.52 13.49
N GLY B 188 11.94 -38.83 13.96
CA GLY B 188 11.31 -40.11 13.69
C GLY B 188 11.73 -41.23 14.62
N SER B 189 12.66 -40.98 15.55
CA SER B 189 13.08 -42.02 16.48
C SER B 189 11.95 -42.45 17.40
N GLY B 190 11.14 -41.49 17.85
CA GLY B 190 10.04 -41.81 18.74
C GLY B 190 10.14 -41.11 20.09
N LYS B 191 10.76 -39.93 20.12
CA LYS B 191 10.86 -39.19 21.37
C LYS B 191 9.52 -38.60 21.79
N SER B 192 8.66 -38.25 20.84
CA SER B 192 7.31 -37.81 21.17
C SER B 192 6.41 -38.96 21.58
N ASN B 193 6.87 -40.21 21.41
CA ASN B 193 6.06 -41.35 21.80
C ASN B 193 5.91 -41.44 23.31
N VAL B 194 6.88 -40.93 24.08
CA VAL B 194 6.72 -40.92 25.53
C VAL B 194 5.63 -39.93 25.94
N ILE B 195 5.54 -38.79 25.25
CA ILE B 195 4.46 -37.85 25.53
C ILE B 195 3.13 -38.43 25.10
N ASP B 196 3.11 -39.17 23.99
CA ASP B 196 1.90 -39.87 23.58
C ASP B 196 1.49 -40.89 24.63
N SER B 197 2.45 -41.59 25.22
CA SER B 197 2.16 -42.55 26.28
C SER B 197 1.61 -41.86 27.51
N MET B 198 2.16 -40.69 27.85
CA MET B 198 1.63 -39.91 28.97
C MET B 198 0.18 -39.51 28.71
N LEU B 199 -0.12 -39.04 27.50
CA LEU B 199 -1.50 -38.71 27.15
C LEU B 199 -2.40 -39.93 27.21
N PHE B 200 -1.91 -41.08 26.75
CA PHE B 200 -2.70 -42.31 26.76
C PHE B 200 -3.03 -42.73 28.20
N VAL B 201 -2.02 -42.76 29.06
CA VAL B 201 -2.23 -43.19 30.44
C VAL B 201 -3.04 -42.14 31.20
N PHE B 202 -3.06 -40.90 30.72
CA PHE B 202 -3.86 -39.85 31.33
C PHE B 202 -5.31 -39.87 30.88
N GLY B 203 -5.68 -40.80 30.01
CA GLY B 203 -7.07 -40.95 29.62
C GLY B 203 -7.55 -40.05 28.52
N PHE B 204 -6.66 -39.52 27.69
CA PHE B 204 -7.07 -38.61 26.64
C PHE B 204 -7.43 -39.38 25.37
N ARG B 205 -8.18 -38.71 24.49
CA ARG B 205 -8.66 -39.32 23.27
C ARG B 205 -7.49 -39.63 22.33
N ALA B 206 -7.66 -40.70 21.54
CA ALA B 206 -6.60 -41.13 20.63
C ALA B 206 -6.32 -40.09 19.55
N ASN B 207 -7.30 -39.24 19.23
CA ASN B 207 -7.11 -38.23 18.20
C ASN B 207 -5.98 -37.27 18.55
N LYS B 208 -5.78 -37.00 19.84
CA LYS B 208 -4.68 -36.14 20.25
C LYS B 208 -3.32 -36.83 20.15
N MET B 209 -3.30 -38.15 19.92
CA MET B 209 -2.06 -38.90 19.78
C MET B 209 -1.74 -39.20 18.31
N ARG B 210 -2.29 -38.42 17.39
CA ARG B 210 -2.02 -38.55 15.96
C ARG B 210 -2.43 -39.92 15.41
N GLN B 211 -3.42 -40.55 16.02
CA GLN B 211 -3.91 -41.84 15.55
C GLN B 211 -5.42 -41.87 15.68
N ASP B 212 -6.10 -42.37 14.64
CA ASP B 212 -7.56 -42.34 14.63
C ASP B 212 -8.15 -43.33 15.62
N ARG B 213 -7.58 -44.52 15.74
CA ARG B 213 -8.14 -45.58 16.56
C ARG B 213 -7.17 -45.96 17.68
N LEU B 214 -7.75 -46.37 18.82
CA LEU B 214 -6.95 -46.83 19.93
C LEU B 214 -6.21 -48.12 19.58
N SER B 215 -6.86 -49.04 18.87
CA SER B 215 -6.26 -50.32 18.54
C SER B 215 -5.00 -50.15 17.70
N ASP B 216 -4.88 -49.03 16.97
CA ASP B 216 -3.71 -48.80 16.15
C ASP B 216 -2.49 -48.40 16.97
N LEU B 217 -2.64 -48.15 18.28
CA LEU B 217 -1.49 -47.87 19.12
C LEU B 217 -0.61 -49.09 19.32
N ILE B 218 -1.09 -50.27 18.94
CA ILE B 218 -0.29 -51.49 19.02
C ILE B 218 0.89 -51.39 18.06
N HIS B 219 2.07 -51.81 18.52
CA HIS B 219 3.24 -51.81 17.66
C HIS B 219 3.04 -52.75 16.49
N LYS B 220 3.41 -52.29 15.29
CA LYS B 220 3.25 -53.06 14.06
C LYS B 220 4.53 -52.90 13.25
N SER B 221 5.38 -53.92 13.26
CA SER B 221 6.64 -53.92 12.53
C SER B 221 6.81 -55.26 11.83
N GLU B 222 7.91 -55.40 11.09
CA GLU B 222 8.19 -56.65 10.39
C GLU B 222 8.42 -57.79 11.37
N ALA B 223 9.14 -57.53 12.47
CA ALA B 223 9.42 -58.58 13.45
C ALA B 223 8.16 -59.03 14.16
N PHE B 224 7.22 -58.10 14.41
CA PHE B 224 5.97 -58.40 15.11
C PHE B 224 4.82 -57.92 14.22
N PRO B 225 4.37 -58.77 13.28
CA PRO B 225 3.30 -58.34 12.37
C PRO B 225 2.01 -57.97 13.08
N SER B 226 1.67 -58.64 14.18
CA SER B 226 0.42 -58.39 14.88
C SER B 226 0.60 -58.75 16.35
N LEU B 227 0.46 -57.76 17.22
CA LEU B 227 0.47 -57.98 18.66
C LEU B 227 -0.93 -57.73 19.22
N GLN B 228 -1.23 -58.39 20.35
CA GLN B 228 -2.58 -58.38 20.87
C GLN B 228 -2.88 -57.14 21.71
N SER B 229 -2.01 -56.82 22.68
CA SER B 229 -2.29 -55.75 23.62
C SER B 229 -1.02 -54.97 23.91
N CYS B 230 -1.21 -53.72 24.36
CA CYS B 230 -0.12 -52.85 24.77
C CYS B 230 -0.41 -52.33 26.16
N SER B 231 0.65 -51.94 26.87
CA SER B 231 0.52 -51.42 28.23
C SER B 231 1.49 -50.27 28.43
N VAL B 232 1.01 -49.22 29.10
CA VAL B 232 1.85 -48.07 29.46
C VAL B 232 1.76 -47.91 30.98
N ALA B 233 2.92 -47.97 31.65
CA ALA B 233 2.99 -47.86 33.09
C ALA B 233 3.84 -46.65 33.46
N VAL B 234 3.34 -45.85 34.40
CA VAL B 234 4.01 -44.64 34.87
C VAL B 234 4.27 -44.81 36.36
N HIS B 235 5.51 -44.53 36.76
CA HIS B 235 5.94 -44.61 38.15
C HIS B 235 5.99 -43.20 38.72
N PHE B 236 5.30 -42.99 39.84
CA PHE B 236 5.19 -41.68 40.48
C PHE B 236 5.88 -41.75 41.83
N GLN B 237 6.81 -40.82 42.07
CA GLN B 237 7.52 -40.75 43.33
C GLN B 237 7.35 -39.36 43.93
N TYR B 238 7.85 -39.19 45.15
CA TYR B 238 7.71 -37.95 45.89
C TYR B 238 9.09 -37.37 46.17
N VAL B 239 9.24 -36.07 45.95
CA VAL B 239 10.48 -35.35 46.17
C VAL B 239 10.21 -34.20 47.12
N ILE B 240 11.13 -33.96 48.06
CA ILE B 240 11.01 -32.89 49.04
C ILE B 240 11.80 -31.70 48.54
N ASP B 241 11.13 -30.56 48.41
CA ASP B 241 11.74 -29.32 47.92
C ASP B 241 12.10 -28.47 49.12
N GLU B 242 13.37 -28.56 49.54
CA GLU B 242 13.84 -27.74 50.66
C GLU B 242 13.90 -26.27 50.26
N SER B 243 13.68 -25.40 51.25
CA SER B 243 13.71 -23.96 51.00
C SER B 243 15.09 -23.47 50.58
N SER B 244 16.15 -24.18 50.96
CA SER B 244 17.50 -23.78 50.57
C SER B 244 17.69 -23.85 49.06
N GLY B 245 17.16 -24.90 48.43
CA GLY B 245 17.28 -25.06 47.00
C GLY B 245 17.66 -26.47 46.59
N THR B 246 17.76 -27.37 47.56
CA THR B 246 18.12 -28.75 47.32
C THR B 246 16.86 -29.62 47.31
N SER B 247 16.86 -30.62 46.45
CA SER B 247 15.74 -31.55 46.32
C SER B 247 16.18 -32.94 46.76
N ARG B 248 15.39 -33.57 47.63
CA ARG B 248 15.68 -34.90 48.13
C ARG B 248 14.49 -35.81 47.88
N ILE B 249 14.77 -37.04 47.47
CA ILE B 249 13.71 -38.00 47.17
C ILE B 249 13.15 -38.54 48.47
N ASP B 250 11.82 -38.47 48.60
CA ASP B 250 11.15 -38.95 49.79
C ASP B 250 11.12 -40.48 49.80
N GLU B 251 11.83 -41.08 50.75
CA GLU B 251 11.89 -42.54 50.87
C GLU B 251 10.83 -43.11 51.81
N GLU B 252 10.01 -42.26 52.41
CA GLU B 252 8.97 -42.72 53.34
C GLU B 252 7.64 -42.97 52.63
N LYS B 253 7.19 -41.99 51.85
CA LYS B 253 5.92 -42.14 51.14
C LYS B 253 6.08 -43.13 49.99
N PRO B 254 5.25 -44.16 49.91
CA PRO B 254 5.36 -45.13 48.81
C PRO B 254 4.98 -44.49 47.48
N GLY B 255 5.51 -45.07 46.41
CA GLY B 255 5.24 -44.60 45.07
C GLY B 255 3.87 -45.02 44.58
N LEU B 256 3.57 -44.63 43.35
CA LEU B 256 2.28 -44.91 42.73
C LEU B 256 2.51 -45.42 41.31
N ILE B 257 2.00 -46.61 41.01
CA ILE B 257 2.14 -47.20 39.69
C ILE B 257 0.80 -47.09 38.99
N ILE B 258 0.73 -46.27 37.94
CA ILE B 258 -0.50 -46.09 37.17
C ILE B 258 -0.29 -46.69 35.79
N THR B 259 -1.06 -47.72 35.47
CA THR B 259 -0.92 -48.44 34.21
C THR B 259 -2.22 -48.39 33.44
N ARG B 260 -2.12 -48.20 32.13
CA ARG B 260 -3.25 -48.35 31.23
C ARG B 260 -2.90 -49.37 30.18
N LYS B 261 -3.74 -50.40 30.04
CA LYS B 261 -3.47 -51.51 29.13
C LYS B 261 -4.62 -51.61 28.14
N ALA B 262 -4.32 -51.50 26.85
CA ALA B 262 -5.31 -51.49 25.80
C ALA B 262 -5.18 -52.75 24.94
N PHE B 263 -6.31 -53.22 24.44
CA PHE B 263 -6.37 -54.41 23.61
C PHE B 263 -6.72 -54.04 22.17
N LYS B 264 -6.71 -55.06 21.31
CA LYS B 264 -7.02 -54.84 19.90
C LYS B 264 -8.49 -54.51 19.67
N ASN B 265 -9.35 -54.81 20.63
CA ASN B 265 -10.79 -54.59 20.50
C ASN B 265 -11.22 -53.21 21.00
N ASN B 266 -10.32 -52.22 20.97
CA ASN B 266 -10.64 -50.84 21.32
C ASN B 266 -11.19 -50.72 22.74
N SER B 267 -10.54 -51.44 23.67
CA SER B 267 -10.91 -51.40 25.08
C SER B 267 -9.64 -51.31 25.92
N SER B 268 -9.69 -50.46 26.95
CA SER B 268 -8.55 -50.22 27.82
C SER B 268 -8.96 -50.42 29.27
N LYS B 269 -8.00 -50.83 30.10
CA LYS B 269 -8.21 -51.07 31.52
C LYS B 269 -7.16 -50.31 32.32
N TYR B 270 -7.54 -49.88 33.51
CA TYR B 270 -6.70 -49.07 34.38
C TYR B 270 -6.28 -49.87 35.60
N TYR B 271 -5.00 -49.78 35.94
CA TYR B 271 -4.44 -50.45 37.11
C TYR B 271 -3.74 -49.44 38.00
N ILE B 272 -4.14 -49.41 39.27
CA ILE B 272 -3.49 -48.61 40.29
C ILE B 272 -2.88 -49.56 41.30
N ASN B 273 -1.57 -49.44 41.55
CA ASN B 273 -0.87 -50.30 42.49
C ASN B 273 -1.12 -51.77 42.18
N GLU B 274 -1.12 -52.09 40.89
CA GLU B 274 -1.35 -53.46 40.39
C GLU B 274 -2.69 -54.03 40.86
N LYS B 275 -3.73 -53.19 40.84
CA LYS B 275 -5.09 -53.70 41.01
C LYS B 275 -6.04 -52.88 40.14
N GLU B 276 -7.15 -53.50 39.78
CA GLU B 276 -8.09 -52.88 38.84
C GLU B 276 -8.67 -51.59 39.41
N SER B 277 -8.87 -50.61 38.54
CA SER B 277 -9.44 -49.33 38.93
C SER B 277 -10.16 -48.74 37.73
N SER B 278 -10.71 -47.54 37.92
CA SER B 278 -11.46 -46.84 36.87
C SER B 278 -10.84 -45.48 36.63
N TYR B 279 -11.30 -44.82 35.56
CA TYR B 279 -10.77 -43.51 35.21
C TYR B 279 -11.12 -42.47 36.28
N THR B 280 -12.32 -42.58 36.87
CA THR B 280 -12.72 -41.62 37.90
C THR B 280 -11.79 -41.68 39.11
N GLU B 281 -11.42 -42.90 39.53
CA GLU B 281 -10.52 -43.04 40.67
C GLU B 281 -9.15 -42.46 40.36
N VAL B 282 -8.65 -42.71 39.14
CA VAL B 282 -7.35 -42.16 38.76
C VAL B 282 -7.39 -40.63 38.76
N THR B 283 -8.45 -40.06 38.19
CA THR B 283 -8.56 -38.61 38.14
C THR B 283 -8.65 -38.01 39.54
N LYS B 284 -9.42 -38.64 40.43
CA LYS B 284 -9.53 -38.14 41.79
C LYS B 284 -8.20 -38.23 42.53
N LEU B 285 -7.49 -39.36 42.37
CA LEU B 285 -6.21 -39.52 43.06
C LEU B 285 -5.19 -38.52 42.55
N LEU B 286 -5.17 -38.25 41.24
CA LEU B 286 -4.23 -37.28 40.71
C LEU B 286 -4.62 -35.86 41.08
N LYS B 287 -5.92 -35.56 41.18
CA LYS B 287 -6.36 -34.25 41.63
C LYS B 287 -5.97 -34.01 43.08
N ASN B 288 -6.07 -35.04 43.92
CA ASN B 288 -5.63 -34.91 45.31
C ASN B 288 -4.15 -34.57 45.37
N GLU B 289 -3.33 -35.23 44.55
CA GLU B 289 -1.91 -34.94 44.53
C GLU B 289 -1.62 -33.56 43.94
N GLY B 290 -2.39 -33.15 42.94
CA GLY B 290 -2.23 -31.82 42.36
C GLY B 290 -2.42 -31.75 40.86
N ILE B 291 -2.35 -32.88 40.18
CA ILE B 291 -2.49 -32.92 38.73
C ILE B 291 -3.98 -33.05 38.40
N ASP B 292 -4.57 -31.98 37.87
CA ASP B 292 -5.97 -31.96 37.49
C ASP B 292 -6.10 -32.39 36.03
N LEU B 293 -6.84 -33.47 35.80
CA LEU B 293 -7.03 -34.02 34.45
C LEU B 293 -8.25 -33.46 33.75
N ASP B 294 -9.04 -32.62 34.41
CA ASP B 294 -10.18 -32.00 33.75
C ASP B 294 -9.74 -31.11 32.61
N HIS B 295 -8.67 -30.35 32.80
CA HIS B 295 -8.09 -29.49 31.77
C HIS B 295 -6.71 -30.01 31.41
N LYS B 296 -6.46 -30.18 30.11
CA LYS B 296 -5.17 -30.64 29.60
C LYS B 296 -4.26 -29.48 29.26
N ARG B 297 -4.07 -28.56 30.21
CA ARG B 297 -3.36 -27.33 29.94
C ARG B 297 -1.94 -27.34 30.49
N PHE B 298 -1.50 -28.45 31.08
CA PHE B 298 -0.13 -28.60 31.54
C PHE B 298 0.77 -29.25 30.50
N LEU B 299 0.24 -29.59 29.33
CA LEU B 299 0.99 -30.25 28.27
C LEU B 299 0.82 -29.49 26.97
N ILE B 300 1.92 -29.36 26.23
CA ILE B 300 1.94 -28.64 24.96
C ILE B 300 2.43 -29.61 23.88
N LEU B 301 1.69 -29.67 22.78
CA LEU B 301 2.05 -30.57 21.68
C LEU B 301 3.18 -29.95 20.86
N GLN B 302 3.52 -30.58 19.74
CA GLN B 302 4.70 -30.20 18.98
C GLN B 302 4.54 -28.80 18.37
N GLY B 303 3.36 -28.51 17.81
CA GLY B 303 3.18 -27.26 17.11
C GLY B 303 1.97 -26.46 17.55
N GLU B 304 1.45 -26.73 18.74
CA GLU B 304 0.28 -26.03 19.26
C GLU B 304 0.64 -24.95 20.28
N VAL B 305 1.93 -24.66 20.46
CA VAL B 305 2.31 -23.62 21.40
C VAL B 305 1.93 -22.25 20.86
N GLU B 306 2.20 -22.00 19.57
CA GLU B 306 1.86 -20.72 18.97
C GLU B 306 0.36 -20.46 18.95
N ASN B 307 -0.45 -21.51 19.02
CA ASN B 307 -1.89 -21.34 19.09
C ASN B 307 -2.35 -20.78 20.43
N ILE B 308 -1.53 -20.92 21.48
CA ILE B 308 -1.94 -20.50 22.82
C ILE B 308 -2.26 -19.01 22.84
N ALA B 309 -1.39 -18.20 22.23
CA ALA B 309 -1.64 -16.77 22.13
C ALA B 309 -2.63 -16.42 21.03
N GLN B 310 -2.97 -17.36 20.16
CA GLN B 310 -3.89 -17.12 19.05
C GLN B 310 -5.31 -17.59 19.36
N MET B 311 -5.58 -18.01 20.58
CA MET B 311 -6.90 -18.51 20.94
C MET B 311 -7.94 -17.40 20.90
N LYS B 312 -9.16 -17.76 20.51
CA LYS B 312 -10.24 -16.79 20.42
C LYS B 312 -10.62 -16.28 21.80
N PRO B 313 -11.16 -15.06 21.90
CA PRO B 313 -11.60 -14.55 23.20
C PRO B 313 -12.66 -15.41 23.87
N LYS B 314 -13.55 -16.02 23.09
CA LYS B 314 -14.60 -16.87 23.65
C LYS B 314 -14.88 -17.99 22.67
N ALA B 315 -15.15 -19.18 23.21
CA ALA B 315 -15.45 -20.35 22.40
C ALA B 315 -16.89 -20.28 21.92
N GLU B 316 -17.07 -20.20 20.60
CA GLU B 316 -18.42 -20.15 20.04
C GLU B 316 -19.19 -21.44 20.30
N LYS B 317 -18.53 -22.58 20.17
CA LYS B 317 -19.14 -23.88 20.37
C LYS B 317 -18.38 -24.64 21.46
N GLU B 318 -18.91 -25.81 21.82
CA GLU B 318 -18.31 -26.61 22.89
C GLU B 318 -16.94 -27.14 22.48
N SER B 319 -16.77 -27.49 21.20
CA SER B 319 -15.49 -28.04 20.76
C SER B 319 -14.42 -26.97 20.66
N ASP B 320 -14.81 -25.71 20.43
CA ASP B 320 -13.84 -24.64 20.31
C ASP B 320 -13.19 -24.35 21.66
N ASP B 321 -11.96 -23.83 21.59
CA ASP B 321 -11.18 -23.47 22.77
C ASP B 321 -10.96 -21.96 22.76
N GLY B 322 -11.18 -21.32 23.91
CA GLY B 322 -11.06 -19.88 24.00
C GLY B 322 -10.24 -19.47 25.21
N LEU B 323 -9.81 -18.20 25.19
CA LEU B 323 -9.00 -17.66 26.27
C LEU B 323 -9.81 -17.53 27.55
N LEU B 324 -11.10 -17.21 27.42
CA LEU B 324 -11.96 -17.07 28.59
C LEU B 324 -12.06 -18.40 29.35
N GLU B 325 -12.40 -19.48 28.64
CA GLU B 325 -12.49 -20.79 29.28
C GLU B 325 -11.13 -21.26 29.77
N TYR B 326 -10.07 -20.90 29.05
CA TYR B 326 -8.71 -21.25 29.49
C TYR B 326 -8.39 -20.62 30.84
N LEU B 327 -8.62 -19.31 30.97
CA LEU B 327 -8.37 -18.63 32.24
C LEU B 327 -9.28 -19.17 33.34
N GLU B 328 -10.55 -19.44 33.02
CA GLU B 328 -11.46 -19.96 34.02
C GLU B 328 -11.03 -21.33 34.51
N ASP B 329 -10.55 -22.19 33.59
CA ASP B 329 -10.07 -23.51 33.99
C ASP B 329 -8.81 -23.42 34.83
N ILE B 330 -7.89 -22.53 34.46
CA ILE B 330 -6.68 -22.37 35.27
C ILE B 330 -7.03 -21.87 36.67
N ILE B 331 -7.94 -20.91 36.76
CA ILE B 331 -8.39 -20.44 38.08
C ILE B 331 -9.12 -21.56 38.82
N GLY B 332 -9.98 -22.30 38.12
CA GLY B 332 -10.76 -23.36 38.73
C GLY B 332 -12.23 -23.06 38.85
N THR B 333 -12.72 -21.99 38.25
CA THR B 333 -14.13 -21.60 38.36
C THR B 333 -15.03 -22.35 37.38
N ALA B 334 -14.44 -23.08 36.44
CA ALA B 334 -15.24 -23.74 35.40
C ALA B 334 -16.16 -24.82 35.95
N ASN B 335 -15.96 -25.26 37.20
CA ASN B 335 -16.82 -26.27 37.79
C ASN B 335 -18.24 -25.77 38.00
N TYR B 336 -18.46 -24.45 38.05
CA TYR B 336 -19.78 -23.89 38.30
C TYR B 336 -20.66 -23.85 37.05
N LYS B 337 -20.09 -24.05 35.87
CA LYS B 337 -20.88 -23.94 34.64
C LYS B 337 -22.02 -24.95 34.56
N PRO B 338 -21.83 -26.24 34.83
CA PRO B 338 -23.00 -27.15 34.80
C PRO B 338 -24.10 -26.76 35.77
N LEU B 339 -23.73 -26.31 36.98
CA LEU B 339 -24.74 -25.89 37.95
C LEU B 339 -25.47 -24.65 37.45
N ILE B 340 -24.75 -23.70 36.85
CA ILE B 340 -25.39 -22.50 36.34
C ILE B 340 -26.34 -22.85 35.19
N GLU B 341 -25.93 -23.76 34.32
CA GLU B 341 -26.81 -24.21 33.24
C GLU B 341 -28.06 -24.89 33.79
N GLU B 342 -27.90 -25.73 34.82
CA GLU B 342 -29.06 -26.34 35.46
C GLU B 342 -29.96 -25.27 36.08
N ARG B 343 -29.37 -24.17 36.54
CA ARG B 343 -30.18 -23.10 37.10
C ARG B 343 -30.97 -22.36 36.03
N MET B 344 -30.38 -22.09 34.86
CA MET B 344 -31.20 -21.57 33.76
C MET B 344 -32.30 -22.56 33.38
N GLY B 345 -31.99 -23.85 33.41
CA GLY B 345 -33.02 -24.84 33.10
C GLY B 345 -34.18 -24.80 34.09
N GLN B 346 -33.86 -24.68 35.38
CA GLN B 346 -34.91 -24.60 36.40
C GLN B 346 -35.70 -23.31 36.28
N ILE B 347 -35.03 -22.22 35.89
CA ILE B 347 -35.76 -20.97 35.65
C ILE B 347 -36.71 -21.14 34.47
N GLU B 348 -36.23 -21.78 33.39
CA GLU B 348 -37.02 -21.89 32.17
C GLU B 348 -38.23 -22.81 32.35
N ASN B 349 -38.04 -23.94 33.01
CA ASN B 349 -39.14 -24.91 33.11
C ASN B 349 -40.26 -24.41 34.02
N LEU B 350 -40.01 -23.42 34.86
CA LEU B 350 -41.04 -22.86 35.71
C LEU B 350 -41.83 -21.78 34.97
N VAL B 1246 -44.28 -17.17 42.44
CA VAL B 1246 -44.07 -18.41 43.16
C VAL B 1246 -42.75 -18.34 43.94
N GLN B 1247 -42.75 -18.93 45.13
CA GLN B 1247 -41.56 -18.86 45.99
C GLN B 1247 -40.44 -19.74 45.46
N LYS B 1248 -40.75 -20.78 44.69
CA LYS B 1248 -39.71 -21.64 44.13
C LYS B 1248 -38.81 -20.85 43.19
N ARG B 1249 -39.41 -20.08 42.28
CA ARG B 1249 -38.63 -19.28 41.35
C ARG B 1249 -37.80 -18.24 42.10
N ASP B 1250 -38.38 -17.64 43.15
CA ASP B 1250 -37.63 -16.66 43.94
C ASP B 1250 -36.41 -17.30 44.59
N GLU B 1251 -36.58 -18.46 45.23
CA GLU B 1251 -35.47 -19.12 45.89
C GLU B 1251 -34.39 -19.52 44.89
N VAL B 1252 -34.80 -20.04 43.74
CA VAL B 1252 -33.83 -20.32 42.68
C VAL B 1252 -33.13 -19.02 42.26
N LYS B 1253 -33.85 -17.89 42.31
CA LYS B 1253 -33.23 -16.62 41.96
C LYS B 1253 -32.14 -16.23 42.95
N GLU B 1254 -32.39 -16.36 44.26
CA GLU B 1254 -31.32 -16.04 45.20
C GLU B 1254 -30.14 -17.01 45.06
N GLN B 1255 -30.42 -18.30 44.84
CA GLN B 1255 -29.33 -19.25 44.65
C GLN B 1255 -28.49 -18.90 43.43
N LEU B 1256 -29.16 -18.56 42.32
CA LEU B 1256 -28.47 -18.15 41.11
C LEU B 1256 -27.66 -16.88 41.32
N GLY B 1257 -28.22 -15.90 42.04
CA GLY B 1257 -27.49 -14.69 42.31
C GLY B 1257 -26.26 -14.93 43.16
N ILE B 1258 -26.37 -15.79 44.15
CA ILE B 1258 -25.22 -16.12 44.99
C ILE B 1258 -24.13 -16.81 44.16
N LEU B 1259 -24.53 -17.77 43.32
CA LEU B 1259 -23.56 -18.46 42.49
C LEU B 1259 -22.85 -17.51 41.54
N LYS B 1260 -23.60 -16.62 40.87
CA LYS B 1260 -22.95 -15.69 39.95
C LYS B 1260 -22.11 -14.66 40.69
N LYS B 1261 -22.51 -14.27 41.91
CA LYS B 1261 -21.69 -13.36 42.68
C LYS B 1261 -20.35 -13.99 43.04
N LYS B 1262 -20.37 -15.25 43.50
CA LYS B 1262 -19.13 -15.93 43.80
C LYS B 1262 -18.28 -16.11 42.54
N ARG B 1263 -18.92 -16.48 41.44
CA ARG B 1263 -18.22 -16.66 40.17
C ARG B 1263 -17.53 -15.37 39.74
N PHE B 1264 -18.27 -14.26 39.78
CA PHE B 1264 -17.71 -12.97 39.36
C PHE B 1264 -16.57 -12.56 40.27
N ASP B 1265 -16.73 -12.70 41.59
CA ASP B 1265 -15.67 -12.29 42.51
C ASP B 1265 -14.40 -13.09 42.28
N GLU B 1266 -14.53 -14.42 42.23
CA GLU B 1266 -13.36 -15.27 42.03
C GLU B 1266 -12.70 -14.98 40.70
N PHE B 1267 -13.50 -14.84 39.63
CA PHE B 1267 -12.93 -14.60 38.32
C PHE B 1267 -12.22 -13.25 38.26
N MET B 1268 -12.80 -12.21 38.86
CA MET B 1268 -12.14 -10.91 38.84
C MET B 1268 -10.83 -10.93 39.61
N ALA B 1269 -10.82 -11.52 40.81
CA ALA B 1269 -9.59 -11.58 41.58
C ALA B 1269 -8.50 -12.36 40.83
N GLY B 1270 -8.86 -13.54 40.32
CA GLY B 1270 -7.90 -14.33 39.58
C GLY B 1270 -7.40 -13.63 38.33
N PHE B 1271 -8.31 -12.95 37.62
CA PHE B 1271 -7.94 -12.25 36.40
C PHE B 1271 -6.98 -11.10 36.69
N ASN B 1272 -7.24 -10.33 37.75
CA ASN B 1272 -6.34 -9.24 38.08
C ASN B 1272 -4.96 -9.77 38.45
N ILE B 1273 -4.90 -10.82 39.26
CA ILE B 1273 -3.61 -11.38 39.64
C ILE B 1273 -2.88 -11.91 38.41
N ILE B 1274 -3.58 -12.63 37.54
CA ILE B 1274 -2.96 -13.21 36.36
C ILE B 1274 -2.51 -12.14 35.39
N SER B 1275 -3.29 -11.06 35.25
CA SER B 1275 -2.89 -9.99 34.34
C SER B 1275 -1.62 -9.29 34.83
N MET B 1276 -1.55 -8.99 36.13
CA MET B 1276 -0.33 -8.40 36.67
C MET B 1276 0.86 -9.34 36.50
N THR B 1277 0.65 -10.62 36.79
CA THR B 1277 1.74 -11.59 36.67
C THR B 1277 2.21 -11.71 35.23
N LEU B 1278 1.27 -11.71 34.26
CA LEU B 1278 1.65 -11.83 32.86
C LEU B 1278 2.37 -10.59 32.37
N LYS B 1279 1.94 -9.40 32.81
CA LYS B 1279 2.65 -8.19 32.43
C LYS B 1279 4.09 -8.22 32.94
N GLU B 1280 4.27 -8.57 34.21
CA GLU B 1280 5.62 -8.67 34.76
C GLU B 1280 6.42 -9.76 34.04
N MET B 1281 5.77 -10.88 33.73
CA MET B 1281 6.46 -12.00 33.09
C MET B 1281 6.95 -11.63 31.70
N TYR B 1282 6.10 -10.96 30.91
CA TYR B 1282 6.52 -10.54 29.58
C TYR B 1282 7.60 -9.48 29.67
N GLN B 1283 7.50 -8.57 30.63
CA GLN B 1283 8.55 -7.56 30.81
C GLN B 1283 9.89 -8.23 31.12
N MET B 1284 9.87 -9.28 31.95
CA MET B 1284 11.12 -9.92 32.34
C MET B 1284 11.67 -10.81 31.22
N ILE B 1285 10.78 -11.47 30.46
CA ILE B 1285 11.25 -12.45 29.49
C ILE B 1285 11.63 -11.79 28.17
N THR B 1286 11.04 -10.65 27.83
CA THR B 1286 11.35 -9.97 26.59
C THR B 1286 12.26 -8.76 26.78
N MET B 1287 12.63 -8.44 28.02
CA MET B 1287 13.47 -7.29 28.34
C MET B 1287 12.88 -6.01 27.75
N GLY B 1288 11.57 -5.86 27.92
CA GLY B 1288 10.83 -4.75 27.34
C GLY B 1288 9.53 -5.25 26.75
N GLY B 1289 8.62 -4.33 26.49
CA GLY B 1289 7.32 -4.66 25.94
C GLY B 1289 6.28 -4.86 27.04
N ASN B 1290 5.04 -5.02 26.61
CA ASN B 1290 3.92 -5.15 27.53
C ASN B 1290 3.04 -6.32 27.09
N ALA B 1291 2.34 -6.90 28.06
CA ALA B 1291 1.34 -7.93 27.79
C ALA B 1291 0.13 -7.65 28.66
N GLU B 1292 -1.01 -7.39 28.02
CA GLU B 1292 -2.20 -7.00 28.73
C GLU B 1292 -3.36 -7.91 28.35
N LEU B 1293 -4.06 -8.42 29.36
CA LEU B 1293 -5.33 -9.10 29.16
C LEU B 1293 -6.45 -8.13 29.50
N GLU B 1294 -7.35 -7.89 28.56
CA GLU B 1294 -8.40 -6.90 28.74
C GLU B 1294 -9.75 -7.48 28.36
N LEU B 1295 -10.80 -6.99 29.01
CA LEU B 1295 -12.14 -7.45 28.74
C LEU B 1295 -12.78 -6.62 27.63
N VAL B 1296 -13.47 -7.32 26.71
CA VAL B 1296 -14.31 -6.60 25.74
C VAL B 1296 -15.43 -5.87 26.47
N ASP B 1297 -16.06 -6.55 27.44
CA ASP B 1297 -17.03 -5.94 28.34
C ASP B 1297 -16.45 -5.97 29.74
N SER B 1298 -16.14 -4.79 30.28
CA SER B 1298 -15.52 -4.72 31.60
C SER B 1298 -16.43 -5.24 32.69
N LEU B 1299 -17.73 -4.90 32.62
CA LEU B 1299 -18.67 -5.26 33.65
C LEU B 1299 -19.18 -6.69 33.54
N ASP B 1300 -18.93 -7.37 32.42
CA ASP B 1300 -19.37 -8.75 32.26
C ASP B 1300 -18.30 -9.55 31.54
N PRO B 1301 -17.50 -10.34 32.26
CA PRO B 1301 -16.41 -11.08 31.60
C PRO B 1301 -16.87 -12.27 30.78
N PHE B 1302 -17.94 -12.95 31.18
CA PHE B 1302 -18.32 -14.20 30.54
C PHE B 1302 -19.10 -13.96 29.26
N SER B 1303 -19.82 -12.84 29.16
CA SER B 1303 -20.63 -12.57 27.98
C SER B 1303 -19.75 -12.33 26.75
N GLU B 1304 -18.71 -11.51 26.89
CA GLU B 1304 -17.87 -11.13 25.74
C GLU B 1304 -16.63 -12.01 25.61
N GLY B 1305 -15.78 -12.01 26.62
CA GLY B 1305 -14.54 -12.77 26.61
C GLY B 1305 -13.36 -11.91 26.98
N VAL B 1306 -12.17 -12.49 26.87
CA VAL B 1306 -10.92 -11.83 27.25
C VAL B 1306 -10.01 -11.80 26.03
N THR B 1307 -9.40 -10.65 25.76
CA THR B 1307 -8.49 -10.48 24.64
C THR B 1307 -7.09 -10.17 25.15
N PHE B 1308 -6.09 -10.60 24.37
CA PHE B 1308 -4.69 -10.49 24.74
C PHE B 1308 -4.03 -9.52 23.77
N SER B 1309 -3.36 -8.50 24.32
CA SER B 1309 -2.64 -7.51 23.53
C SER B 1309 -1.17 -7.53 23.92
N VAL B 1310 -0.30 -7.52 22.91
CA VAL B 1310 1.14 -7.65 23.11
C VAL B 1310 1.83 -6.48 22.44
N MET B 1311 2.68 -5.77 23.19
CA MET B 1311 3.52 -4.71 22.67
C MET B 1311 4.97 -5.17 22.68
N PRO B 1312 5.56 -5.46 21.52
CA PRO B 1312 6.94 -5.94 21.49
C PRO B 1312 7.90 -4.84 21.90
N PRO B 1313 9.09 -5.20 22.39
CA PRO B 1313 10.07 -4.17 22.78
C PRO B 1313 10.46 -3.30 21.59
N LYS B 1314 10.56 -1.99 21.84
CA LYS B 1314 10.89 -1.02 20.81
C LYS B 1314 9.92 -1.09 19.63
N LYS B 1315 8.67 -1.46 19.93
CA LYS B 1315 7.63 -1.57 18.91
C LYS B 1315 6.33 -1.07 19.49
N SER B 1316 5.44 -0.63 18.60
CA SER B 1316 4.11 -0.19 19.00
C SER B 1316 3.22 -1.39 19.26
N TRP B 1317 2.04 -1.11 19.82
CA TRP B 1317 1.05 -2.17 20.06
C TRP B 1317 0.60 -2.77 18.73
N ARG B 1318 0.62 -4.10 18.65
CA ARG B 1318 0.24 -4.81 17.44
C ARG B 1318 -0.67 -5.98 17.81
N ASN B 1319 -1.48 -6.40 16.85
CA ASN B 1319 -2.32 -7.56 17.02
C ASN B 1319 -1.46 -8.83 17.07
N ILE B 1320 -2.04 -9.88 17.65
CA ILE B 1320 -1.30 -11.15 17.80
C ILE B 1320 -0.93 -11.72 16.44
N THR B 1321 -1.88 -11.69 15.49
CA THR B 1321 -1.65 -12.31 14.18
C THR B 1321 -0.50 -11.65 13.45
N ASN B 1322 -0.38 -10.32 13.55
CA ASN B 1322 0.68 -9.60 12.86
C ASN B 1322 2.07 -9.89 13.42
N LEU B 1323 2.16 -10.47 14.62
CA LEU B 1323 3.45 -10.73 15.23
C LEU B 1323 4.14 -11.90 14.54
N SER B 1324 5.47 -11.95 14.69
CA SER B 1324 6.26 -13.05 14.14
C SER B 1324 6.03 -14.32 14.96
N GLY B 1325 6.43 -15.45 14.37
CA GLY B 1325 6.26 -16.72 15.04
C GLY B 1325 7.03 -16.80 16.35
N GLY B 1326 8.25 -16.26 16.36
CA GLY B 1326 9.01 -16.20 17.60
C GLY B 1326 8.33 -15.36 18.66
N GLU B 1327 7.75 -14.23 18.26
CA GLU B 1327 7.00 -13.41 19.20
C GLU B 1327 5.76 -14.13 19.71
N LYS B 1328 5.09 -14.88 18.83
CA LYS B 1328 3.98 -15.71 19.26
C LYS B 1328 4.43 -16.71 20.33
N THR B 1329 5.55 -17.39 20.09
CA THR B 1329 6.03 -18.38 21.05
C THR B 1329 6.41 -17.73 22.37
N LEU B 1330 7.08 -16.58 22.32
CA LEU B 1330 7.45 -15.87 23.55
C LEU B 1330 6.22 -15.43 24.34
N SER B 1331 5.20 -14.90 23.65
CA SER B 1331 3.99 -14.49 24.35
C SER B 1331 3.27 -15.67 24.97
N SER B 1332 3.15 -16.77 24.23
CA SER B 1332 2.49 -17.95 24.78
C SER B 1332 3.26 -18.51 25.98
N LEU B 1333 4.59 -18.57 25.89
CA LEU B 1333 5.39 -19.08 26.99
C LEU B 1333 5.31 -18.16 28.21
N ALA B 1334 5.28 -16.84 27.97
CA ALA B 1334 5.12 -15.90 29.08
C ALA B 1334 3.79 -16.09 29.78
N LEU B 1335 2.71 -16.27 29.00
CA LEU B 1335 1.40 -16.52 29.59
C LEU B 1335 1.41 -17.82 30.39
N VAL B 1336 2.02 -18.87 29.85
CA VAL B 1336 2.07 -20.15 30.55
C VAL B 1336 2.86 -20.01 31.85
N PHE B 1337 3.99 -19.33 31.81
CA PHE B 1337 4.81 -19.14 33.01
C PHE B 1337 4.07 -18.31 34.06
N ALA B 1338 3.36 -17.27 33.63
CA ALA B 1338 2.58 -16.46 34.57
C ALA B 1338 1.49 -17.28 35.22
N LEU B 1339 0.79 -18.10 34.45
CA LEU B 1339 -0.26 -18.93 35.03
C LEU B 1339 0.31 -19.99 35.96
N HIS B 1340 1.49 -20.52 35.63
CA HIS B 1340 2.15 -21.46 36.53
C HIS B 1340 2.54 -20.78 37.84
N LYS B 1341 3.02 -19.54 37.76
CA LYS B 1341 3.34 -18.79 38.98
C LYS B 1341 2.09 -18.52 39.80
N TYR B 1342 0.97 -18.23 39.14
CA TYR B 1342 -0.29 -18.02 39.86
C TYR B 1342 -0.72 -19.27 40.60
N LYS B 1343 -0.72 -20.41 39.91
CA LYS B 1343 -1.10 -21.69 40.51
C LYS B 1343 -0.10 -22.75 40.07
N PRO B 1344 0.85 -23.13 40.93
CA PRO B 1344 1.86 -24.10 40.52
C PRO B 1344 1.24 -25.46 40.19
N THR B 1345 1.84 -26.12 39.21
CA THR B 1345 1.45 -27.46 38.79
C THR B 1345 2.66 -28.38 38.88
N PRO B 1346 2.56 -29.52 39.57
CA PRO B 1346 3.75 -30.36 39.77
C PRO B 1346 4.40 -30.86 38.49
N LEU B 1347 3.62 -31.11 37.45
CA LEU B 1347 4.14 -31.67 36.21
C LEU B 1347 3.85 -30.72 35.05
N TYR B 1348 4.86 -30.49 34.21
CA TYR B 1348 4.70 -29.74 32.98
C TYR B 1348 5.44 -30.47 31.86
N VAL B 1349 4.78 -30.60 30.72
CA VAL B 1349 5.34 -31.31 29.57
C VAL B 1349 5.30 -30.36 28.37
N MET B 1350 6.42 -30.25 27.66
CA MET B 1350 6.54 -29.33 26.54
C MET B 1350 7.16 -30.07 25.36
N ASP B 1351 6.58 -29.89 24.18
CA ASP B 1351 7.01 -30.59 22.97
C ASP B 1351 7.41 -29.57 21.91
N GLU B 1352 8.71 -29.46 21.66
CA GLU B 1352 9.25 -28.64 20.57
C GLU B 1352 8.73 -27.20 20.67
N ILE B 1353 8.76 -26.66 21.89
CA ILE B 1353 8.40 -25.26 22.09
C ILE B 1353 9.47 -24.29 21.61
N ASP B 1354 10.68 -24.78 21.35
CA ASP B 1354 11.80 -23.96 20.94
C ASP B 1354 11.88 -23.74 19.44
N ALA B 1355 10.93 -24.29 18.67
CA ALA B 1355 10.93 -24.10 17.24
C ALA B 1355 10.67 -22.63 16.88
N ALA B 1356 11.27 -22.19 15.79
CA ALA B 1356 11.14 -20.81 15.30
C ALA B 1356 11.54 -19.80 16.37
N LEU B 1357 12.64 -20.09 17.08
CA LEU B 1357 13.15 -19.20 18.11
C LEU B 1357 14.64 -18.97 17.90
N ASP B 1358 15.08 -17.75 18.13
CA ASP B 1358 16.50 -17.43 18.06
C ASP B 1358 17.23 -18.08 19.24
N PHE B 1359 18.55 -18.21 19.11
CA PHE B 1359 19.34 -18.82 20.17
C PHE B 1359 19.24 -18.04 21.47
N ARG B 1360 19.14 -16.71 21.40
CA ARG B 1360 18.97 -15.91 22.60
C ARG B 1360 17.65 -16.23 23.29
N ASN B 1361 16.57 -16.35 22.52
CA ASN B 1361 15.26 -16.59 23.12
C ASN B 1361 15.18 -17.99 23.73
N VAL B 1362 15.71 -19.01 23.04
CA VAL B 1362 15.69 -20.35 23.60
C VAL B 1362 16.61 -20.42 24.82
N SER B 1363 17.71 -19.69 24.82
CA SER B 1363 18.57 -19.63 26.01
C SER B 1363 17.82 -19.00 27.17
N ILE B 1364 17.07 -17.92 26.91
CA ILE B 1364 16.29 -17.28 27.97
C ILE B 1364 15.25 -18.23 28.54
N VAL B 1365 14.54 -18.94 27.65
CA VAL B 1365 13.52 -19.89 28.09
C VAL B 1365 14.15 -21.01 28.91
N ALA B 1366 15.28 -21.54 28.44
CA ALA B 1366 15.96 -22.61 29.17
C ALA B 1366 16.42 -22.15 30.53
N ASN B 1367 16.97 -20.94 30.63
CA ASN B 1367 17.39 -20.43 31.94
C ASN B 1367 16.21 -20.22 32.87
N TYR B 1368 15.10 -19.69 32.34
CA TYR B 1368 13.90 -19.54 33.17
C TYR B 1368 13.45 -20.88 33.70
N ILE B 1369 13.39 -21.90 32.84
CA ILE B 1369 12.90 -23.20 33.30
C ILE B 1369 13.88 -23.82 34.28
N LYS B 1370 15.19 -23.62 34.05
CA LYS B 1370 16.21 -24.24 34.90
C LYS B 1370 16.18 -23.67 36.30
N GLU B 1371 16.22 -22.35 36.45
CA GLU B 1371 16.29 -21.75 37.78
C GLU B 1371 14.96 -21.22 38.30
N ARG B 1372 14.23 -20.44 37.50
CA ARG B 1372 13.02 -19.79 38.01
C ARG B 1372 11.89 -20.77 38.27
N THR B 1373 12.00 -22.01 37.80
CA THR B 1373 10.97 -23.03 38.05
C THR B 1373 11.63 -24.18 38.83
N LYS B 1374 11.60 -24.07 40.15
CA LYS B 1374 12.14 -25.10 41.03
C LYS B 1374 11.06 -25.89 41.76
N ASN B 1375 9.78 -25.53 41.59
CA ASN B 1375 8.67 -26.19 42.25
C ASN B 1375 7.84 -27.05 41.30
N ALA B 1376 8.42 -27.48 40.19
CA ALA B 1376 7.70 -28.31 39.23
C ALA B 1376 8.69 -29.17 38.46
N GLN B 1377 8.18 -30.25 37.88
CA GLN B 1377 8.97 -31.15 37.04
C GLN B 1377 8.66 -30.80 35.58
N PHE B 1378 9.66 -30.24 34.89
CA PHE B 1378 9.52 -29.84 33.50
C PHE B 1378 10.19 -30.88 32.61
N ILE B 1379 9.40 -31.53 31.75
CA ILE B 1379 9.91 -32.49 30.78
C ILE B 1379 9.70 -31.88 29.40
N VAL B 1380 10.81 -31.57 28.71
CA VAL B 1380 10.74 -30.90 27.43
C VAL B 1380 11.40 -31.77 26.37
N ILE B 1381 10.90 -31.63 25.15
CA ILE B 1381 11.49 -32.26 23.96
C ILE B 1381 12.00 -31.15 23.07
N SER B 1382 13.30 -31.18 22.77
CA SER B 1382 13.94 -30.07 22.07
C SER B 1382 14.93 -30.58 21.04
N LEU B 1383 15.17 -29.74 20.03
CA LEU B 1383 16.23 -29.97 19.07
C LEU B 1383 17.20 -28.80 18.97
N ARG B 1384 16.97 -27.71 19.71
CA ARG B 1384 17.87 -26.58 19.72
C ARG B 1384 18.95 -26.75 20.77
N ASN B 1385 20.12 -26.19 20.48
CA ASN B 1385 21.34 -26.53 21.22
C ASN B 1385 21.25 -26.12 22.69
N ASN B 1386 20.81 -24.88 22.95
CA ASN B 1386 20.86 -24.33 24.30
C ASN B 1386 19.95 -25.11 25.25
N MET B 1387 18.79 -25.56 24.76
CA MET B 1387 17.85 -26.24 25.65
C MET B 1387 18.45 -27.51 26.23
N PHE B 1388 19.18 -28.28 25.42
CA PHE B 1388 19.78 -29.50 25.94
C PHE B 1388 21.22 -29.33 26.42
N GLU B 1389 21.82 -28.15 26.29
CA GLU B 1389 22.98 -27.88 27.14
C GLU B 1389 22.64 -27.20 28.46
N LEU B 1390 21.39 -26.80 28.66
CA LEU B 1390 20.94 -26.30 29.95
C LEU B 1390 19.97 -27.29 30.59
N ALA B 1391 20.30 -28.57 30.53
CA ALA B 1391 19.51 -29.63 31.13
C ALA B 1391 20.39 -30.45 32.07
N GLN B 1392 19.80 -30.91 33.17
CA GLN B 1392 20.52 -31.76 34.10
C GLN B 1392 20.44 -33.24 33.71
N GLN B 1393 19.37 -33.63 33.01
CA GLN B 1393 19.12 -35.04 32.70
C GLN B 1393 18.77 -35.13 31.22
N LEU B 1394 19.34 -36.11 30.52
CA LEU B 1394 19.10 -36.28 29.09
C LEU B 1394 18.57 -37.68 28.82
N VAL B 1395 17.47 -37.74 28.07
CA VAL B 1395 16.87 -38.99 27.64
C VAL B 1395 16.96 -39.07 26.12
N GLY B 1396 17.72 -40.02 25.62
CA GLY B 1396 17.95 -40.18 24.19
C GLY B 1396 17.35 -41.48 23.67
N VAL B 1397 16.64 -41.37 22.55
CA VAL B 1397 15.95 -42.50 21.95
C VAL B 1397 16.55 -42.74 20.56
N TYR B 1398 16.79 -44.01 20.24
CA TYR B 1398 17.29 -44.42 18.94
C TYR B 1398 16.43 -45.55 18.40
N LYS B 1399 16.11 -45.48 17.11
CA LYS B 1399 15.20 -46.42 16.47
C LYS B 1399 15.94 -47.25 15.43
N ARG B 1400 15.85 -48.57 15.56
CA ARG B 1400 16.36 -49.50 14.56
C ARG B 1400 15.25 -50.48 14.21
N ASP B 1401 15.03 -50.65 12.90
CA ASP B 1401 14.01 -51.57 12.39
C ASP B 1401 12.65 -51.29 13.03
N ASN B 1402 12.31 -49.99 13.09
CA ASN B 1402 11.04 -49.52 13.65
C ASN B 1402 10.88 -49.95 15.11
N ARG B 1403 11.99 -50.07 15.84
CA ARG B 1403 11.97 -50.41 17.27
C ARG B 1403 12.83 -49.39 18.00
N THR B 1404 12.25 -48.75 19.01
CA THR B 1404 12.89 -47.65 19.71
C THR B 1404 13.43 -48.10 21.07
N LYS B 1405 14.66 -47.70 21.36
CA LYS B 1405 15.29 -47.95 22.65
C LYS B 1405 15.77 -46.63 23.24
N SER B 1406 15.60 -46.48 24.55
CA SER B 1406 15.88 -45.22 25.23
C SER B 1406 16.97 -45.42 26.28
N THR B 1407 17.79 -44.38 26.45
CA THR B 1407 18.87 -44.37 27.45
C THR B 1407 18.86 -43.04 28.16
N THR B 1408 19.08 -43.06 29.48
CA THR B 1408 19.01 -41.88 30.34
C THR B 1408 20.38 -41.64 30.95
N ILE B 1409 20.92 -40.43 30.77
CA ILE B 1409 22.26 -40.10 31.25
C ILE B 1409 22.29 -38.67 31.79
N LYS B 1410 23.18 -38.45 32.75
CA LYS B 1410 23.40 -37.14 33.33
C LYS B 1410 24.16 -36.25 32.34
N ASN B 1411 24.10 -34.94 32.60
CA ASN B 1411 24.72 -33.96 31.73
C ASN B 1411 26.06 -33.47 32.27
N ILE B 1412 26.76 -34.31 33.05
CA ILE B 1412 28.06 -33.93 33.57
C ILE B 1412 29.07 -33.92 32.44
N ASP B 1413 30.09 -33.08 32.58
CA ASP B 1413 31.12 -32.99 31.56
C ASP B 1413 32.08 -34.17 31.66
N ILE B 1414 32.26 -34.86 30.53
CA ILE B 1414 33.14 -36.02 30.49
C ILE B 1414 34.14 -35.87 29.34
N THR C 22 11.33 -20.30 -47.06
CA THR C 22 11.59 -19.16 -46.19
C THR C 22 10.31 -18.69 -45.50
N ASN C 23 9.22 -19.43 -45.71
CA ASN C 23 7.94 -19.08 -45.09
C ASN C 23 7.98 -19.26 -43.58
N ARG C 24 8.79 -20.20 -43.09
CA ARG C 24 8.84 -20.45 -41.66
C ARG C 24 9.35 -19.24 -40.89
N SER C 25 10.40 -18.59 -41.40
CA SER C 25 10.95 -17.43 -40.71
C SER C 25 9.95 -16.28 -40.66
N THR C 26 9.27 -16.02 -41.78
CA THR C 26 8.26 -14.96 -41.80
C THR C 26 7.11 -15.28 -40.86
N MET C 27 6.68 -16.54 -40.83
CA MET C 27 5.61 -16.94 -39.93
C MET C 27 6.02 -16.75 -38.48
N MET C 28 7.26 -17.13 -38.13
CA MET C 28 7.75 -16.93 -36.77
C MET C 28 7.81 -15.45 -36.42
N ALA C 29 8.28 -14.61 -37.34
CA ALA C 29 8.36 -13.18 -37.06
C ALA C 29 6.98 -12.57 -36.85
N ASN C 30 6.02 -12.93 -37.71
CA ASN C 30 4.67 -12.42 -37.55
C ASN C 30 4.05 -12.91 -36.24
N PHE C 31 4.29 -14.18 -35.90
CA PHE C 31 3.79 -14.71 -34.62
C PHE C 31 4.37 -13.94 -33.45
N GLU C 32 5.68 -13.69 -33.47
CA GLU C 32 6.32 -12.99 -32.36
C GLU C 32 5.78 -11.57 -32.23
N GLU C 33 5.65 -10.85 -33.35
CA GLU C 33 5.16 -9.48 -33.27
C GLU C 33 3.69 -9.44 -32.84
N TRP C 34 2.88 -10.39 -33.29
CA TRP C 34 1.47 -10.41 -32.88
C TRP C 34 1.32 -10.74 -31.40
N ILE C 35 2.13 -11.69 -30.90
CA ILE C 35 2.09 -11.99 -29.47
C ILE C 35 2.55 -10.78 -28.65
N LYS C 36 3.59 -10.08 -29.12
CA LYS C 36 4.04 -8.89 -28.42
C LYS C 36 2.95 -7.82 -28.39
N MET C 37 2.26 -7.63 -29.52
CA MET C 37 1.18 -6.64 -29.57
C MET C 37 0.03 -7.03 -28.65
N ALA C 38 -0.31 -8.33 -28.61
CA ALA C 38 -1.37 -8.79 -27.73
C ALA C 38 -1.00 -8.58 -26.27
N THR C 39 0.26 -8.84 -25.91
CA THR C 39 0.70 -8.59 -24.54
C THR C 39 0.67 -7.10 -24.22
N ASP C 40 1.04 -6.26 -25.19
CA ASP C 40 1.04 -4.82 -24.99
C ASP C 40 -0.36 -4.22 -24.93
N ASN C 41 -1.40 -5.01 -25.21
CA ASN C 41 -2.79 -4.54 -25.19
C ASN C 41 -3.01 -3.45 -26.24
N LYS C 42 -2.38 -3.62 -27.39
CA LYS C 42 -2.50 -2.67 -28.49
C LYS C 42 -3.50 -3.12 -29.55
N ILE C 43 -4.16 -4.25 -29.37
CA ILE C 43 -5.14 -4.74 -30.33
C ILE C 43 -6.48 -4.10 -30.03
N ASN C 44 -7.11 -3.51 -31.05
CA ASN C 44 -8.39 -2.83 -30.89
C ASN C 44 -9.26 -3.17 -32.11
N SER C 45 -10.37 -2.44 -32.25
CA SER C 45 -11.31 -2.72 -33.32
C SER C 45 -10.76 -2.35 -34.70
N ARG C 46 -9.94 -1.30 -34.78
CA ARG C 46 -9.46 -0.84 -36.07
C ARG C 46 -8.56 -1.87 -36.74
N ASN C 47 -7.61 -2.43 -35.99
CA ASN C 47 -6.66 -3.39 -36.52
C ASN C 47 -7.10 -4.84 -36.32
N SER C 48 -8.40 -5.07 -36.14
CA SER C 48 -8.87 -6.44 -35.93
C SER C 48 -8.67 -7.30 -37.17
N TRP C 49 -9.10 -6.81 -38.33
CA TRP C 49 -9.02 -7.59 -39.56
C TRP C 49 -7.73 -7.31 -40.32
N ASN C 50 -6.61 -7.34 -39.61
CA ASN C 50 -5.30 -7.20 -40.22
C ASN C 50 -4.32 -8.27 -39.74
N PHE C 51 -4.39 -8.66 -38.48
CA PHE C 51 -3.48 -9.63 -37.86
C PHE C 51 -4.33 -10.83 -37.43
N ALA C 52 -4.39 -11.85 -38.29
CA ALA C 52 -5.19 -13.05 -38.03
C ALA C 52 -4.26 -14.18 -37.60
N LEU C 53 -4.02 -14.25 -36.28
CA LEU C 53 -3.24 -15.32 -35.69
C LEU C 53 -4.10 -16.52 -35.30
N ILE C 54 -5.42 -16.44 -35.50
CA ILE C 54 -6.28 -17.59 -35.23
C ILE C 54 -5.96 -18.74 -36.19
N ASP C 55 -5.60 -18.41 -37.43
CA ASP C 55 -5.17 -19.45 -38.37
C ASP C 55 -3.91 -20.15 -37.87
N TYR C 56 -2.96 -19.39 -37.34
CA TYR C 56 -1.77 -20.01 -36.74
C TYR C 56 -2.12 -20.81 -35.49
N PHE C 57 -3.14 -20.38 -34.74
CA PHE C 57 -3.59 -21.17 -33.61
C PHE C 57 -4.18 -22.50 -34.06
N TYR C 58 -4.90 -22.50 -35.18
CA TYR C 58 -5.48 -23.74 -35.70
C TYR C 58 -4.39 -24.72 -36.10
N ASP C 59 -3.34 -24.23 -36.75
CA ASP C 59 -2.19 -25.06 -37.14
C ASP C 59 -1.19 -25.03 -35.99
N LEU C 60 -1.27 -26.01 -35.10
CA LEU C 60 -0.50 -25.99 -33.85
C LEU C 60 0.99 -26.19 -34.04
N ASP C 61 1.48 -26.28 -35.29
CA ASP C 61 2.91 -26.51 -35.49
C ASP C 61 3.75 -25.35 -34.97
N VAL C 62 3.19 -24.14 -34.92
CA VAL C 62 3.92 -23.00 -34.40
C VAL C 62 4.20 -23.16 -32.91
N LEU C 63 3.21 -23.62 -32.15
CA LEU C 63 3.36 -23.79 -30.70
C LEU C 63 3.82 -25.20 -30.32
N LYS C 64 4.89 -25.65 -30.98
CA LYS C 64 5.49 -26.95 -30.69
C LYS C 64 6.98 -26.77 -30.41
N ASP C 65 7.51 -27.67 -29.58
CA ASP C 65 8.93 -27.68 -29.26
C ASP C 65 9.67 -28.53 -30.28
N GLY C 66 10.94 -28.83 -29.99
CA GLY C 66 11.76 -29.64 -30.87
C GLY C 66 11.54 -31.14 -30.75
N GLU C 67 10.65 -31.57 -29.84
CA GLU C 67 10.36 -32.98 -29.64
C GLU C 67 8.88 -33.29 -29.89
N ASN C 68 8.24 -32.52 -30.76
CA ASN C 68 6.82 -32.68 -31.09
C ASN C 68 5.96 -32.59 -29.83
N ASN C 69 6.30 -31.67 -28.94
CA ASN C 69 5.57 -31.44 -27.71
C ASN C 69 4.98 -30.04 -27.70
N ILE C 70 3.82 -29.91 -27.09
CA ILE C 70 3.10 -28.62 -27.06
C ILE C 70 3.72 -27.72 -26.00
N ASN C 71 4.14 -26.53 -26.41
CA ASN C 71 4.63 -25.52 -25.48
C ASN C 71 3.42 -24.75 -24.94
N PHE C 72 3.07 -25.00 -23.68
CA PHE C 72 1.80 -24.49 -23.16
C PHE C 72 1.85 -23.00 -22.86
N GLN C 73 3.05 -22.44 -22.66
CA GLN C 73 3.16 -20.97 -22.51
C GLN C 73 2.84 -20.32 -23.85
N LYS C 74 3.31 -20.86 -24.98
CA LYS C 74 2.93 -20.36 -26.30
C LYS C 74 1.45 -20.61 -26.57
N ALA C 75 0.92 -21.75 -26.11
CA ALA C 75 -0.49 -22.03 -26.28
C ALA C 75 -1.36 -21.01 -25.54
N SER C 76 -0.97 -20.66 -24.31
CA SER C 76 -1.70 -19.65 -23.55
C SER C 76 -1.62 -18.29 -24.23
N ALA C 77 -0.44 -17.94 -24.76
CA ALA C 77 -0.31 -16.67 -25.48
C ALA C 77 -1.21 -16.65 -26.70
N THR C 78 -1.25 -17.75 -27.46
CA THR C 78 -2.12 -17.83 -28.63
C THR C 78 -3.59 -17.73 -28.24
N LEU C 79 -3.97 -18.39 -27.15
CA LEU C 79 -5.37 -18.30 -26.70
C LEU C 79 -5.73 -16.88 -26.30
N ASP C 80 -4.81 -16.20 -25.60
CA ASP C 80 -5.06 -14.82 -25.21
C ASP C 80 -5.23 -13.93 -26.44
N GLY C 81 -4.33 -14.08 -27.42
CA GLY C 81 -4.44 -13.30 -28.63
C GLY C 81 -5.71 -13.58 -29.40
N CYS C 82 -6.10 -14.85 -29.50
CA CYS C 82 -7.32 -15.22 -30.21
C CYS C 82 -8.55 -14.64 -29.53
N ILE C 83 -8.61 -14.71 -28.20
CA ILE C 83 -9.76 -14.16 -27.49
C ILE C 83 -9.82 -12.64 -27.64
N LYS C 84 -8.67 -11.98 -27.56
CA LYS C 84 -8.65 -10.52 -27.72
C LYS C 84 -9.09 -10.12 -29.12
N ILE C 85 -8.60 -10.83 -30.14
CA ILE C 85 -8.99 -10.52 -31.51
C ILE C 85 -10.47 -10.80 -31.73
N TYR C 86 -10.98 -11.88 -31.14
CA TYR C 86 -12.40 -12.19 -31.26
C TYR C 86 -13.26 -11.10 -30.64
N SER C 87 -12.87 -10.63 -29.46
CA SER C 87 -13.61 -9.55 -28.81
C SER C 87 -13.56 -8.26 -29.64
N SER C 88 -12.38 -7.95 -30.19
CA SER C 88 -12.24 -6.77 -31.02
C SER C 88 -13.11 -6.86 -32.27
N ARG C 89 -13.16 -8.04 -32.89
CA ARG C 89 -13.98 -8.22 -34.09
C ARG C 89 -15.46 -8.14 -33.76
N VAL C 90 -15.86 -8.66 -32.61
CA VAL C 90 -17.25 -8.54 -32.17
C VAL C 90 -17.62 -7.07 -31.97
N ASP C 91 -16.72 -6.30 -31.35
CA ASP C 91 -16.95 -4.88 -31.17
C ASP C 91 -17.03 -4.16 -32.51
N SER C 92 -16.18 -4.55 -33.46
CA SER C 92 -16.23 -3.95 -34.80
C SER C 92 -17.56 -4.23 -35.49
N VAL C 93 -18.04 -5.47 -35.38
CA VAL C 93 -19.34 -5.82 -35.96
C VAL C 93 -20.44 -5.01 -35.29
N THR C 94 -20.37 -4.85 -33.97
CA THR C 94 -21.38 -4.09 -33.25
C THR C 94 -21.40 -2.62 -33.70
N THR C 95 -20.22 -2.01 -33.86
CA THR C 95 -20.20 -0.61 -34.26
C THR C 95 -20.58 -0.44 -35.72
N GLU C 96 -20.28 -1.42 -36.58
CA GLU C 96 -20.77 -1.37 -37.96
C GLU C 96 -22.29 -1.47 -38.01
N THR C 97 -22.87 -2.34 -37.18
CA THR C 97 -24.33 -2.42 -37.10
C THR C 97 -24.92 -1.11 -36.60
N GLY C 98 -24.28 -0.50 -35.60
CA GLY C 98 -24.72 0.80 -35.14
C GLY C 98 -24.68 1.85 -36.23
N LYS C 99 -23.62 1.82 -37.04
CA LYS C 99 -23.53 2.72 -38.20
C LYS C 99 -24.66 2.47 -39.17
N LEU C 100 -24.99 1.19 -39.43
CA LEU C 100 -26.07 0.87 -40.34
C LEU C 100 -27.41 1.42 -39.85
N LEU C 101 -27.72 1.22 -38.57
CA LEU C 101 -28.97 1.77 -38.05
C LEU C 101 -28.96 3.29 -38.01
N SER C 102 -27.78 3.89 -37.78
CA SER C 102 -27.69 5.34 -37.79
C SER C 102 -27.97 5.90 -39.18
N GLY C 103 -27.45 5.25 -40.22
CA GLY C 103 -27.65 5.71 -41.58
C GLY C 103 -29.01 5.37 -42.17
N LEU C 104 -29.74 4.44 -41.55
CA LEU C 104 -31.05 4.05 -42.01
C LEU C 104 -32.20 4.60 -41.18
N ALA C 105 -31.90 5.25 -40.05
CA ALA C 105 -32.96 5.78 -39.19
C ALA C 105 -33.61 7.02 -39.77
N GLN C 106 -33.00 7.67 -40.76
CA GLN C 106 -33.57 8.87 -41.36
C GLN C 106 -34.32 8.53 -42.65
N GLU C 164 -35.10 16.14 -23.20
CA GLU C 164 -34.71 17.52 -22.97
C GLU C 164 -34.35 17.77 -21.50
N THR C 165 -34.35 19.04 -21.11
CA THR C 165 -34.06 19.46 -19.74
C THR C 165 -32.72 18.91 -19.26
N THR C 166 -31.72 18.94 -20.14
CA THR C 166 -30.37 18.56 -19.73
C THR C 166 -29.77 19.55 -18.75
N LEU C 167 -30.34 20.75 -18.65
CA LEU C 167 -29.89 21.73 -17.68
C LEU C 167 -30.21 21.25 -16.26
N VAL C 168 -29.29 21.50 -15.34
CA VAL C 168 -29.43 21.08 -13.95
C VAL C 168 -29.11 22.27 -13.04
N GLU C 169 -29.85 22.36 -11.94
CA GLU C 169 -29.58 23.41 -10.97
C GLU C 169 -28.18 23.26 -10.39
N PHE C 170 -27.58 24.40 -10.08
CA PHE C 170 -26.16 24.43 -9.77
C PHE C 170 -25.86 23.94 -8.35
N GLU C 171 -26.90 23.71 -7.54
CA GLU C 171 -26.68 23.26 -6.16
C GLU C 171 -25.97 21.92 -6.11
N THR C 172 -26.29 21.01 -7.02
CA THR C 172 -25.66 19.70 -7.08
C THR C 172 -24.23 19.77 -7.60
N ILE C 173 -23.77 20.93 -8.04
CA ILE C 173 -22.43 21.08 -8.59
C ILE C 173 -21.44 21.55 -7.51
N LYS C 174 -21.92 21.92 -6.33
CA LYS C 174 -21.05 22.18 -5.19
C LYS C 174 -20.17 20.98 -4.89
N MET C 175 -19.01 21.27 -4.25
CA MET C 175 -18.10 20.20 -3.88
C MET C 175 -18.61 19.41 -2.68
N LYS C 176 -19.33 20.08 -1.79
CA LYS C 176 -19.77 19.49 -0.51
C LYS C 176 -18.58 18.92 0.27
N ILE C 184 -2.77 21.84 7.24
CA ILE C 184 -1.95 21.65 8.43
C ILE C 184 -1.13 20.36 8.29
N ASP C 185 -1.39 19.63 7.22
CA ASP C 185 -0.75 18.32 7.03
C ASP C 185 0.77 18.36 6.97
N PRO C 186 1.43 19.26 6.19
CA PRO C 186 2.88 19.16 6.03
C PRO C 186 3.67 19.20 7.34
N LEU C 187 3.50 20.27 8.12
CA LEU C 187 4.22 20.36 9.38
C LEU C 187 3.75 19.30 10.38
N PHE C 188 2.46 18.98 10.35
CA PHE C 188 1.97 17.88 11.18
C PHE C 188 2.64 16.56 10.78
N LYS C 189 2.78 16.32 9.47
CA LYS C 189 3.46 15.11 9.01
C LYS C 189 4.91 15.08 9.45
N LYS C 190 5.61 16.22 9.33
CA LYS C 190 7.01 16.28 9.74
C LYS C 190 7.15 16.01 11.24
N ALA C 191 6.30 16.65 12.04
CA ALA C 191 6.36 16.45 13.49
C ALA C 191 6.03 14.99 13.85
N LEU C 192 5.05 14.41 13.16
CA LEU C 192 4.70 13.02 13.42
C LEU C 192 5.84 12.08 13.06
N VAL C 193 6.52 12.33 11.95
CA VAL C 193 7.64 11.48 11.55
C VAL C 193 8.78 11.61 12.57
N ASP C 194 9.10 12.83 12.97
CA ASP C 194 10.15 13.03 13.97
C ASP C 194 9.80 12.36 15.28
N PHE C 195 8.54 12.47 15.70
CA PHE C 195 8.08 11.83 16.93
C PHE C 195 8.16 10.32 16.84
N ASP C 196 7.78 9.76 15.68
CA ASP C 196 7.80 8.31 15.51
C ASP C 196 9.20 7.77 15.29
N GLU C 197 10.18 8.63 15.02
CA GLU C 197 11.57 8.16 14.90
C GLU C 197 12.01 7.48 16.18
N GLY C 198 11.73 8.08 17.33
CA GLY C 198 11.98 7.45 18.61
C GLY C 198 13.44 7.12 18.89
N GLY C 199 14.34 8.05 18.56
CA GLY C 199 15.75 7.84 18.84
C GLY C 199 16.18 8.50 20.13
N ALA C 200 15.22 8.79 21.00
CA ALA C 200 15.37 9.48 22.28
C ALA C 200 15.80 10.93 22.10
N LYS C 201 15.98 11.41 20.88
CA LYS C 201 16.18 12.83 20.60
C LYS C 201 14.88 13.52 20.19
N SER C 202 13.77 12.81 20.20
CA SER C 202 12.46 13.38 19.89
C SER C 202 11.57 13.29 21.12
N LEU C 203 12.12 13.62 22.28
CA LEU C 203 11.41 13.49 23.55
C LEU C 203 10.26 14.47 23.71
N LEU C 204 10.01 15.33 22.73
CA LEU C 204 8.97 16.35 22.76
C LEU C 204 9.23 17.41 23.82
N LEU C 205 10.33 17.30 24.58
CA LEU C 205 10.76 18.33 25.49
C LEU C 205 12.03 19.03 25.03
N ASN C 206 12.77 18.44 24.09
CA ASN C 206 13.95 19.04 23.48
C ASN C 206 13.65 19.61 22.10
N THR C 207 12.84 18.90 21.30
CA THR C 207 12.48 19.39 19.98
C THR C 207 11.69 20.70 20.07
N LEU C 208 10.80 20.80 21.05
CA LEU C 208 10.00 22.01 21.20
C LEU C 208 10.84 23.15 21.73
N ASN C 209 10.25 24.35 21.71
CA ASN C 209 10.92 25.56 22.17
C ASN C 209 10.14 26.17 23.33
N ILE C 210 10.88 26.75 24.26
CA ILE C 210 10.31 27.39 25.44
C ILE C 210 9.95 28.83 25.09
N ASP C 211 8.93 29.35 25.77
CA ASP C 211 8.41 30.69 25.52
C ASP C 211 8.87 31.63 26.64
N ASN C 212 8.43 32.89 26.56
CA ASN C 212 8.81 33.88 27.56
C ASN C 212 8.28 33.51 28.94
N THR C 213 7.06 32.95 29.00
CA THR C 213 6.41 32.63 30.27
C THR C 213 6.72 31.23 30.75
N ALA C 214 7.89 30.68 30.40
CA ALA C 214 8.29 29.32 30.77
C ALA C 214 7.27 28.30 30.28
N ARG C 215 6.70 28.56 29.10
CA ARG C 215 5.73 27.68 28.47
C ARG C 215 6.36 26.99 27.28
N VAL C 216 6.23 25.66 27.23
CA VAL C 216 6.82 24.88 26.15
C VAL C 216 5.87 24.96 24.96
N ILE C 217 6.33 25.62 23.89
CA ILE C 217 5.49 25.81 22.71
C ILE C 217 5.30 24.46 22.01
N PHE C 218 4.04 24.11 21.76
CA PHE C 218 3.68 22.83 21.15
C PHE C 218 2.63 23.11 20.08
N ASP C 219 3.09 23.41 18.87
CA ASP C 219 2.23 23.74 17.74
C ASP C 219 2.69 22.95 16.52
N ALA C 220 1.74 22.31 15.84
CA ALA C 220 2.04 21.54 14.64
C ALA C 220 1.03 21.79 13.53
N SER C 221 0.45 22.99 13.48
CA SER C 221 -0.57 23.34 12.49
C SER C 221 -0.04 24.44 11.58
N ILE C 222 -0.40 24.36 10.31
CA ILE C 222 0.00 25.36 9.33
C ILE C 222 -0.69 26.69 9.61
N SER C 275 11.38 38.16 52.93
CA SER C 275 11.25 36.88 53.60
C SER C 275 11.53 35.72 52.64
N MET C 276 11.35 35.99 51.34
CA MET C 276 11.62 34.97 50.33
C MET C 276 13.10 34.59 50.32
N GLU C 277 13.99 35.58 50.44
CA GLU C 277 15.42 35.28 50.44
C GLU C 277 15.80 34.45 51.66
N ASP C 278 15.16 34.69 52.80
CA ASP C 278 15.43 33.87 53.98
C ASP C 278 15.02 32.42 53.73
N GLU C 279 13.87 32.20 53.08
CA GLU C 279 13.44 30.85 52.75
C GLU C 279 14.42 30.20 51.78
N ILE C 280 14.91 30.95 50.80
CA ILE C 280 15.85 30.40 49.83
C ILE C 280 17.16 30.01 50.50
N LEU C 281 17.68 30.86 51.38
CA LEU C 281 18.89 30.51 52.11
C LEU C 281 18.67 29.31 53.02
N SER C 282 17.51 29.21 53.66
CA SER C 282 17.21 28.05 54.49
C SER C 282 17.19 26.78 53.66
N LEU C 283 16.54 26.82 52.50
CA LEU C 283 16.49 25.65 51.62
C LEU C 283 17.88 25.28 51.14
N GLY C 284 18.70 26.28 50.78
CA GLY C 284 20.05 26.00 50.35
C GLY C 284 20.88 25.35 51.45
N MET C 285 20.80 25.89 52.67
CA MET C 285 21.52 25.30 53.78
C MET C 285 21.05 23.88 54.05
N ASP C 286 19.74 23.63 53.88
CA ASP C 286 19.21 22.29 54.08
C ASP C 286 19.73 21.31 53.03
N PHE C 287 19.83 21.75 51.78
CA PHE C 287 20.12 20.83 50.68
C PHE C 287 21.46 21.05 49.98
N ILE C 288 22.06 22.24 50.07
CA ILE C 288 23.28 22.56 49.34
C ILE C 288 24.38 22.92 50.33
N LYS C 289 25.54 22.27 50.17
CA LYS C 289 26.73 22.59 50.94
C LYS C 289 27.83 23.03 49.99
N PHE C 290 28.68 23.94 50.45
CA PHE C 290 29.75 24.46 49.60
C PHE C 290 30.70 23.35 49.17
N ASP C 291 31.06 22.47 50.09
CA ASP C 291 31.85 21.30 49.73
C ASP C 291 30.96 20.28 49.00
N GLN C 292 31.62 19.30 48.38
CA GLN C 292 30.97 18.26 47.58
C GLN C 292 30.24 18.82 46.37
N ILE C 293 30.61 20.03 45.93
CA ILE C 293 30.07 20.63 44.73
C ILE C 293 31.12 20.74 43.63
N ALA C 294 32.33 21.16 43.99
CA ALA C 294 33.43 21.26 43.04
C ALA C 294 34.08 19.92 42.73
N VAL C 295 33.67 18.85 43.41
CA VAL C 295 34.21 17.53 43.16
C VAL C 295 33.22 16.61 42.44
N CYS C 296 31.92 16.92 42.47
CA CYS C 296 30.92 16.11 41.80
C CYS C 296 30.76 16.58 40.36
N GLU C 297 30.66 15.62 39.44
CA GLU C 297 30.54 15.89 38.02
C GLU C 297 29.30 15.21 37.45
N ILE C 298 28.96 15.58 36.22
CA ILE C 298 27.83 14.99 35.51
C ILE C 298 28.37 13.79 34.75
N SER C 299 28.16 12.59 35.30
CA SER C 299 28.52 11.33 34.64
C SER C 299 30.01 11.31 34.28
N GLY C 300 30.82 11.27 35.33
CA GLY C 300 32.27 11.28 35.18
C GLY C 300 32.85 10.25 34.21
N SER C 301 32.04 9.29 33.79
CA SER C 301 32.47 8.28 32.83
C SER C 301 32.35 8.73 31.38
N ILE C 302 31.85 9.93 31.12
CA ILE C 302 31.69 10.39 29.74
C ILE C 302 33.05 10.61 29.09
N GLU C 303 34.06 10.99 29.89
CA GLU C 303 35.41 11.08 29.34
C GLU C 303 35.86 9.74 28.76
N GLN C 304 35.69 8.67 29.53
CA GLN C 304 36.02 7.33 29.04
C GLN C 304 35.13 6.94 27.86
N LEU C 305 33.85 7.31 27.90
CA LEU C 305 32.96 6.98 26.79
C LEU C 305 33.41 7.62 25.49
N ARG C 306 33.80 8.90 25.55
CA ARG C 306 34.27 9.57 24.35
C ARG C 306 35.62 9.03 23.91
N ASN C 307 36.48 8.64 24.86
CA ASN C 307 37.74 7.99 24.49
C ASN C 307 37.49 6.68 23.74
N VAL C 308 36.53 5.89 24.22
CA VAL C 308 36.17 4.65 23.52
C VAL C 308 35.60 4.96 22.14
N VAL C 309 34.75 5.97 22.04
CA VAL C 309 34.16 6.32 20.74
C VAL C 309 35.25 6.71 19.75
N GLU C 310 36.21 7.53 20.19
CA GLU C 310 37.28 7.97 19.30
C GLU C 310 38.27 6.84 19.03
N ASP C 311 38.67 6.10 20.07
CA ASP C 311 39.74 5.12 19.91
C ASP C 311 39.23 3.78 19.38
N ILE C 312 37.99 3.43 19.71
CA ILE C 312 37.32 2.21 19.25
C ILE C 312 37.93 0.97 19.91
N ASN C 313 39.25 0.94 20.04
CA ASN C 313 39.95 -0.23 20.55
C ASN C 313 39.81 -0.41 22.06
N GLN C 314 39.23 0.56 22.77
CA GLN C 314 39.10 0.50 24.21
C GLN C 314 37.74 0.03 24.68
N ALA C 315 36.91 -0.52 23.77
CA ALA C 315 35.54 -0.88 24.12
C ALA C 315 35.51 -1.90 25.25
N LYS C 316 36.35 -2.93 25.17
CA LYS C 316 36.38 -3.94 26.22
C LYS C 316 36.72 -3.34 27.57
N ASP C 317 37.47 -2.23 27.58
CA ASP C 317 37.75 -1.55 28.84
C ASP C 317 36.51 -0.87 29.41
N PHE C 318 35.69 -0.25 28.54
CA PHE C 318 34.58 0.57 29.03
C PHE C 318 33.60 -0.26 29.85
N ILE C 319 33.29 -1.46 29.38
CA ILE C 319 32.41 -2.34 30.13
C ILE C 319 32.99 -2.62 31.51
N GLU C 320 34.30 -2.89 31.58
CA GLU C 320 34.95 -3.09 32.86
C GLU C 320 34.87 -1.84 33.74
N ASN C 321 34.81 -0.67 33.12
CA ASN C 321 34.65 0.57 33.90
C ASN C 321 33.21 0.71 34.40
N VAL C 322 32.25 0.08 33.74
CA VAL C 322 30.86 0.18 34.17
C VAL C 322 30.50 -0.95 35.13
N ASN C 323 30.89 -2.18 34.80
CA ASN C 323 30.59 -3.32 35.64
C ASN C 323 31.42 -3.31 36.92
N LYS C 635 18.63 -9.10 33.67
CA LYS C 635 18.17 -9.85 34.83
C LYS C 635 18.02 -11.33 34.50
N VAL C 636 17.94 -11.64 33.22
CA VAL C 636 17.81 -13.01 32.73
C VAL C 636 19.07 -13.36 31.95
N THR C 637 19.74 -14.43 32.38
CA THR C 637 20.96 -14.86 31.70
C THR C 637 20.63 -15.51 30.36
N TYR C 638 21.49 -15.28 29.37
CA TYR C 638 21.32 -15.86 28.05
C TYR C 638 22.66 -15.88 27.35
N SER C 639 22.73 -16.68 26.28
CA SER C 639 23.95 -16.82 25.48
C SER C 639 24.00 -15.69 24.47
N ARG C 640 25.05 -14.87 24.53
CA ARG C 640 25.18 -13.74 23.62
C ARG C 640 25.63 -14.17 22.23
N VAL C 641 26.42 -15.24 22.13
CA VAL C 641 26.98 -15.68 20.87
C VAL C 641 26.57 -17.13 20.62
N SER C 642 26.26 -17.43 19.35
CA SER C 642 25.88 -18.77 18.95
C SER C 642 27.12 -19.66 18.86
N LYS C 643 26.87 -20.97 18.75
CA LYS C 643 27.94 -21.97 18.71
C LYS C 643 27.87 -22.73 17.40
N LYS C 644 29.02 -22.91 16.76
CA LYS C 644 29.14 -23.70 15.54
C LYS C 644 29.80 -25.02 15.91
N VAL C 645 29.14 -26.13 15.57
CA VAL C 645 29.56 -27.44 16.06
C VAL C 645 29.91 -28.37 14.91
N ASP C 646 29.30 -28.16 13.74
CA ASP C 646 29.51 -29.01 12.57
C ASP C 646 29.17 -30.47 12.91
N VAL C 647 27.88 -30.69 13.15
CA VAL C 647 27.40 -31.96 13.69
C VAL C 647 27.81 -33.14 12.82
N ARG C 648 27.84 -32.94 11.50
CA ARG C 648 28.26 -34.02 10.60
C ARG C 648 29.71 -34.42 10.87
N ARG C 649 30.60 -33.43 11.03
CA ARG C 649 31.99 -33.73 11.33
C ARG C 649 32.13 -34.41 12.67
N LEU C 650 31.34 -33.99 13.66
CA LEU C 650 31.38 -34.63 14.98
C LEU C 650 30.95 -36.09 14.89
N LYS C 651 29.88 -36.35 14.14
CA LYS C 651 29.42 -37.74 13.98
C LYS C 651 30.45 -38.59 13.27
N LYS C 652 31.06 -38.05 12.21
CA LYS C 652 32.10 -38.79 11.49
C LYS C 652 33.28 -39.09 12.41
N ASN C 653 33.68 -38.12 13.22
CA ASN C 653 34.82 -38.32 14.11
C ASN C 653 34.48 -39.31 15.23
N VAL C 654 33.24 -39.29 15.71
CA VAL C 654 32.84 -40.27 16.72
C VAL C 654 32.85 -41.68 16.14
N TRP C 655 32.38 -41.83 14.90
CA TRP C 655 32.45 -43.13 14.24
C TRP C 655 33.90 -43.57 14.05
N ARG C 656 34.77 -42.64 13.67
CA ARG C 656 36.19 -42.98 13.52
C ARG C 656 36.81 -43.40 14.84
N SER C 657 36.48 -42.71 15.93
CA SER C 657 37.00 -43.09 17.24
C SER C 657 36.49 -44.46 17.66
N ILE C 658 35.21 -44.74 17.40
CA ILE C 658 34.66 -46.07 17.72
C ILE C 658 35.41 -47.13 16.93
N ASN C 659 35.66 -46.89 15.65
CA ASN C 659 36.41 -47.86 14.84
C ASN C 659 37.83 -48.06 15.37
N ASN C 660 38.48 -46.97 15.77
CA ASN C 660 39.83 -47.08 16.33
C ASN C 660 39.82 -47.92 17.59
N LEU C 661 38.80 -47.74 18.44
CA LEU C 661 38.66 -48.60 19.61
C LEU C 661 38.40 -50.05 19.22
N ILE C 662 37.66 -50.29 18.14
CA ILE C 662 37.41 -51.66 17.70
C ILE C 662 38.72 -52.34 17.29
N GLN C 663 39.53 -51.65 16.48
CA GLN C 663 40.83 -52.25 16.12
C GLN C 663 41.74 -52.38 17.33
N GLU C 664 41.70 -51.44 18.26
CA GLU C 664 42.52 -51.57 19.47
C GLU C 664 42.12 -52.81 20.27
N HIS C 665 40.82 -53.03 20.43
CA HIS C 665 40.35 -54.22 21.14
C HIS C 665 40.72 -55.49 20.40
N ASP C 666 40.62 -55.48 19.07
CA ASP C 666 40.99 -56.65 18.29
C ASP C 666 42.48 -56.96 18.43
N SER C 667 43.33 -55.93 18.43
CA SER C 667 44.75 -56.14 18.64
C SER C 667 45.04 -56.66 20.04
N ARG C 668 44.37 -56.10 21.04
CA ARG C 668 44.55 -56.56 22.42
C ARG C 668 43.47 -57.56 22.80
N THR C 687 33.64 -59.49 26.80
CA THR C 687 33.62 -59.14 25.38
C THR C 687 32.77 -57.90 25.14
N LYS C 688 33.09 -57.18 24.07
CA LYS C 688 32.40 -55.93 23.68
C LYS C 688 32.49 -54.96 24.86
N GLU C 689 31.43 -54.22 25.16
CA GLU C 689 31.35 -53.36 26.34
C GLU C 689 32.46 -52.31 26.34
N LEU C 690 32.39 -51.43 25.34
CA LEU C 690 33.32 -50.31 25.25
C LEU C 690 32.70 -49.08 25.91
N LYS C 691 33.55 -48.25 26.49
CA LYS C 691 33.10 -47.12 27.29
C LYS C 691 32.90 -45.87 26.43
N PHE C 692 31.96 -45.03 26.85
CA PHE C 692 31.71 -43.77 26.16
C PHE C 692 32.76 -42.72 26.51
N SER C 693 33.26 -42.73 27.74
CA SER C 693 34.31 -41.78 28.13
C SER C 693 35.58 -41.99 27.32
N ASP C 694 35.87 -43.25 26.97
CA ASP C 694 37.01 -43.51 26.09
C ASP C 694 36.79 -42.89 24.71
N ILE C 695 35.55 -42.95 24.22
CA ILE C 695 35.22 -42.29 22.96
C ILE C 695 35.43 -40.78 23.07
N ILE C 696 35.01 -40.19 24.20
CA ILE C 696 35.20 -38.76 24.40
C ILE C 696 36.68 -38.41 24.41
N GLN C 697 37.49 -39.22 25.09
CA GLN C 697 38.93 -38.99 25.13
C GLN C 697 39.53 -39.10 23.74
N GLY C 698 39.08 -40.06 22.94
CA GLY C 698 39.54 -40.17 21.57
C GLY C 698 39.17 -38.98 20.71
N ILE C 699 37.95 -38.46 20.89
CA ILE C 699 37.53 -37.26 20.15
C ILE C 699 38.36 -36.05 20.57
N SER C 700 38.73 -35.97 21.85
CA SER C 700 39.48 -34.82 22.33
C SER C 700 40.82 -34.67 21.60
N LYS C 701 41.35 -35.77 21.06
CA LYS C 701 42.65 -35.73 20.40
C LYS C 701 42.56 -35.11 19.02
N MET C 702 41.45 -35.32 18.31
CA MET C 702 41.34 -34.97 16.89
C MET C 702 40.81 -33.56 16.66
N TYR C 703 40.57 -32.78 17.72
CA TYR C 703 40.03 -31.45 17.60
C TYR C 703 40.95 -30.43 18.24
N SER C 704 40.84 -29.18 17.80
CA SER C 704 41.58 -28.08 18.38
C SER C 704 40.89 -27.58 19.65
N ASP C 705 41.67 -26.87 20.49
CA ASP C 705 41.18 -26.47 21.80
C ASP C 705 39.95 -25.59 21.69
N ASP C 706 39.94 -24.66 20.72
CA ASP C 706 38.76 -23.84 20.51
C ASP C 706 37.55 -24.70 20.16
N THR C 707 37.76 -25.76 19.38
CA THR C 707 36.66 -26.68 19.07
C THR C 707 36.29 -27.51 20.29
N LEU C 708 37.26 -27.92 21.11
CA LEU C 708 36.94 -28.59 22.37
C LEU C 708 36.05 -27.72 23.25
N LYS C 709 36.25 -26.41 23.22
CA LYS C 709 35.44 -25.53 24.06
C LYS C 709 33.97 -25.59 23.67
N ASP C 710 33.69 -25.67 22.36
CA ASP C 710 32.29 -25.70 21.91
C ASP C 710 31.65 -27.06 22.12
N ILE C 711 32.40 -28.15 21.98
CA ILE C 711 31.84 -29.49 22.08
C ILE C 711 31.43 -29.77 23.52
N SER C 712 30.23 -30.32 23.69
CA SER C 712 29.71 -30.72 24.99
C SER C 712 29.31 -32.19 24.93
N THR C 713 29.05 -32.76 26.10
CA THR C 713 28.68 -34.18 26.17
C THR C 713 27.31 -34.43 25.53
N SER C 714 26.44 -33.42 25.52
CA SER C 714 25.13 -33.58 24.89
C SER C 714 25.25 -33.80 23.40
N PHE C 715 26.16 -33.06 22.75
CA PHE C 715 26.38 -33.24 21.31
C PHE C 715 26.92 -34.62 21.01
N CYS C 716 27.86 -35.11 21.83
CA CYS C 716 28.37 -36.45 21.64
C CYS C 716 27.28 -37.50 21.83
N PHE C 717 26.40 -37.29 22.82
CA PHE C 717 25.28 -38.20 23.02
C PHE C 717 24.34 -38.20 21.82
N ILE C 718 24.07 -37.03 21.25
CA ILE C 718 23.19 -36.94 20.09
C ILE C 718 23.84 -37.63 18.89
N CYS C 719 25.15 -37.43 18.69
CA CYS C 719 25.84 -38.09 17.60
C CYS C 719 25.84 -39.61 17.77
N LEU C 720 26.03 -40.08 19.00
CA LEU C 720 25.97 -41.52 19.26
C LEU C 720 24.58 -42.07 18.99
N LEU C 721 23.54 -41.31 19.35
CA LEU C 721 22.17 -41.74 19.05
C LEU C 721 21.94 -41.80 17.54
N HIS C 722 22.46 -40.82 16.80
CA HIS C 722 22.33 -40.84 15.35
C HIS C 722 23.05 -42.04 14.75
N LEU C 723 24.26 -42.34 15.25
CA LEU C 723 25.00 -43.50 14.76
C LEU C 723 24.25 -44.80 15.06
N ALA C 724 23.67 -44.91 16.25
CA ALA C 724 22.87 -46.09 16.59
C ALA C 724 21.65 -46.19 15.68
N ASN C 725 21.06 -45.05 15.33
CA ASN C 725 19.97 -45.04 14.36
C ASN C 725 20.42 -45.56 13.00
N GLU C 726 21.63 -45.16 12.58
CA GLU C 726 22.14 -45.60 11.28
C GLU C 726 22.78 -46.98 11.37
N HIS C 727 23.74 -47.16 12.26
CA HIS C 727 24.47 -48.41 12.39
C HIS C 727 23.74 -49.34 13.37
N GLY C 728 24.42 -50.41 13.78
CA GLY C 728 23.81 -51.38 14.67
C GLY C 728 24.36 -51.36 16.08
N LEU C 729 24.63 -50.17 16.61
CA LEU C 729 25.14 -50.03 17.97
C LEU C 729 24.00 -50.08 18.97
N GLN C 730 24.26 -50.72 20.11
CA GLN C 730 23.30 -50.80 21.21
C GLN C 730 23.83 -50.01 22.38
N ILE C 731 23.05 -49.06 22.89
CA ILE C 731 23.46 -48.20 23.99
C ILE C 731 22.65 -48.58 25.22
N THR C 732 23.34 -48.66 26.37
CA THR C 732 22.67 -48.92 27.64
C THR C 732 23.32 -48.08 28.72
N HIS C 733 22.60 -47.89 29.82
CA HIS C 733 23.03 -47.08 30.94
C HIS C 733 23.69 -47.95 32.00
N THR C 734 24.24 -47.28 33.02
CA THR C 734 24.87 -47.94 34.15
C THR C 734 24.10 -47.60 35.42
N GLU C 735 24.61 -48.10 36.55
CA GLU C 735 23.94 -47.90 37.83
C GLU C 735 23.93 -46.42 38.23
N ASN C 736 25.05 -45.72 38.03
CA ASN C 736 25.17 -44.33 38.43
C ASN C 736 24.64 -43.36 37.39
N TYR C 737 24.28 -43.85 36.20
CA TYR C 737 23.77 -43.00 35.10
C TYR C 737 24.76 -41.90 34.73
N ASN C 738 26.06 -42.18 34.88
CA ASN C 738 27.10 -41.21 34.55
C ASN C 738 27.88 -41.57 33.30
N ASP C 739 27.72 -42.79 32.78
CA ASP C 739 28.41 -43.22 31.57
C ASP C 739 27.58 -44.26 30.85
N LEU C 740 27.88 -44.47 29.58
CA LEU C 740 27.14 -45.38 28.73
C LEU C 740 27.99 -46.60 28.39
N ILE C 741 27.30 -47.69 28.06
CA ILE C 741 27.92 -48.91 27.57
C ILE C 741 27.40 -49.13 26.16
N VAL C 742 28.33 -49.24 25.21
CA VAL C 742 27.99 -49.38 23.79
C VAL C 742 28.43 -50.77 23.36
N ASN C 743 27.45 -51.64 23.12
CA ASN C 743 27.68 -52.96 22.57
C ASN C 743 27.60 -52.88 21.04
N TYR C 744 28.68 -53.27 20.37
CA TYR C 744 28.76 -53.23 18.92
C TYR C 744 28.49 -54.58 18.28
N GLU C 745 27.79 -55.47 18.97
CA GLU C 745 27.37 -56.73 18.38
C GLU C 745 26.41 -56.48 17.23
N ASP C 746 26.49 -57.35 16.21
CA ASP C 746 25.68 -57.24 15.00
C ASP C 746 25.88 -55.89 14.31
N LEU C 747 27.14 -55.45 14.20
CA LEU C 747 27.46 -54.19 13.55
C LEU C 747 27.63 -54.38 12.05
N LEU D 6 -25.13 2.27 -73.05
CA LEU D 6 -24.66 3.03 -71.90
C LEU D 6 -25.14 2.41 -70.59
N SER D 7 -26.46 2.35 -70.41
CA SER D 7 -27.02 1.76 -69.21
C SER D 7 -26.63 0.29 -69.09
N GLU D 8 -26.66 -0.44 -70.20
CA GLU D 8 -26.21 -1.82 -70.18
C GLU D 8 -24.74 -1.93 -69.85
N TYR D 9 -23.92 -0.98 -70.34
CA TYR D 9 -22.50 -0.99 -70.02
C TYR D 9 -22.26 -0.77 -68.52
N LEU D 10 -22.99 0.17 -67.92
CA LEU D 10 -22.88 0.38 -66.48
C LEU D 10 -23.38 -0.83 -65.70
N THR D 11 -24.47 -1.45 -66.15
CA THR D 11 -24.96 -2.65 -65.47
C THR D 11 -23.95 -3.78 -65.52
N LYS D 12 -23.31 -3.98 -66.68
CA LYS D 12 -22.31 -5.03 -66.80
C LYS D 12 -21.07 -4.72 -65.96
N PHE D 13 -20.61 -3.46 -65.98
CA PHE D 13 -19.41 -3.10 -65.24
C PHE D 13 -19.61 -3.25 -63.74
N GLN D 14 -20.76 -2.82 -63.22
CA GLN D 14 -21.01 -2.92 -61.78
C GLN D 14 -21.22 -4.36 -61.36
N THR D 15 -21.92 -5.15 -62.16
CA THR D 15 -22.17 -6.55 -61.81
C THR D 15 -20.86 -7.35 -61.79
N THR D 16 -20.00 -7.12 -62.77
CA THR D 16 -18.72 -7.84 -62.86
C THR D 16 -17.75 -7.34 -61.79
N ASP D 26 0.38 -10.36 -75.68
CA ASP D 26 1.21 -9.18 -75.90
C ASP D 26 0.34 -7.95 -76.14
N PRO D 27 -0.11 -7.31 -75.05
CA PRO D 27 -0.96 -6.12 -75.20
C PRO D 27 -0.21 -4.89 -75.69
N SER D 28 1.12 -4.92 -75.73
CA SER D 28 1.88 -3.75 -76.18
C SER D 28 1.66 -3.46 -77.66
N ARG D 29 1.41 -4.51 -78.46
CA ARG D 29 1.20 -4.31 -79.89
C ARG D 29 -0.04 -3.46 -80.15
N GLU D 30 -1.14 -3.74 -79.42
CA GLU D 30 -2.35 -2.97 -79.62
C GLU D 30 -2.25 -1.58 -79.04
N LEU D 31 -1.43 -1.40 -77.99
CA LEU D 31 -1.29 -0.08 -77.37
C LEU D 31 -0.70 0.92 -78.35
N ASN D 32 0.32 0.51 -79.11
CA ASN D 32 0.92 1.40 -80.10
C ASN D 32 -0.08 1.73 -81.20
N VAL D 33 -0.90 0.76 -81.60
CA VAL D 33 -1.92 1.00 -82.62
C VAL D 33 -2.93 2.04 -82.14
N ILE D 34 -3.36 1.92 -80.89
CA ILE D 34 -4.33 2.87 -80.34
C ILE D 34 -3.72 4.27 -80.28
N ILE D 35 -2.43 4.36 -79.95
CA ILE D 35 -1.77 5.66 -79.86
C ILE D 35 -1.80 6.35 -81.22
N ASP D 36 -1.45 5.61 -82.28
CA ASP D 36 -1.42 6.19 -83.62
C ASP D 36 -2.82 6.57 -84.09
N GLN D 37 -3.81 5.72 -83.83
CA GLN D 37 -5.17 6.01 -84.28
C GLN D 37 -5.74 7.25 -83.61
N LEU D 38 -5.53 7.39 -82.29
CA LEU D 38 -6.05 8.56 -81.59
C LEU D 38 -5.34 9.83 -82.04
N ALA D 39 -4.03 9.77 -82.24
CA ALA D 39 -3.26 10.93 -82.67
C ALA D 39 -3.54 11.26 -84.13
N ASP D 50 -13.67 -1.62 -85.40
CA ASP D 50 -13.99 -2.06 -84.05
C ASP D 50 -12.84 -1.76 -83.09
N SER D 51 -12.11 -0.67 -83.37
CA SER D 51 -10.99 -0.29 -82.52
C SER D 51 -11.43 0.20 -81.15
N LEU D 52 -12.68 0.66 -81.03
CA LEU D 52 -13.18 1.14 -79.73
C LEU D 52 -13.23 0.00 -78.71
N GLU D 53 -13.68 -1.18 -79.14
CA GLU D 53 -13.74 -2.32 -78.22
C GLU D 53 -12.35 -2.79 -77.80
N ALA D 54 -11.36 -2.65 -78.67
CA ALA D 54 -10.01 -3.05 -78.33
C ALA D 54 -9.46 -2.23 -77.17
N LEU D 55 -9.72 -0.92 -77.17
CA LEU D 55 -9.26 -0.06 -76.09
C LEU D 55 -9.91 -0.46 -74.77
N ILE D 56 -11.21 -0.76 -74.78
CA ILE D 56 -11.90 -1.18 -73.57
C ILE D 56 -11.34 -2.50 -73.07
N ASP D 57 -11.10 -3.45 -73.98
CA ASP D 57 -10.53 -4.73 -73.58
C ASP D 57 -9.15 -4.56 -72.98
N LEU D 58 -8.33 -3.69 -73.58
CA LEU D 58 -7.00 -3.44 -73.02
C LEU D 58 -7.09 -2.80 -71.63
N CYS D 59 -8.01 -1.84 -71.46
CA CYS D 59 -8.15 -1.16 -70.18
C CYS D 59 -8.76 -2.05 -69.11
N HIS D 60 -9.47 -3.11 -69.50
CA HIS D 60 -10.13 -3.97 -68.52
C HIS D 60 -9.16 -4.88 -67.77
N ASP D 61 -7.90 -4.99 -68.22
CA ASP D 61 -6.95 -5.93 -67.65
C ASP D 61 -5.80 -5.25 -66.91
N PHE D 62 -6.09 -4.11 -66.27
CA PHE D 62 -5.07 -3.44 -65.47
C PHE D 62 -4.51 -4.27 -64.32
N PRO D 63 -5.30 -5.01 -63.54
CA PRO D 63 -4.70 -5.80 -62.44
C PRO D 63 -3.65 -6.79 -62.88
N HIS D 64 -3.72 -7.28 -64.13
CA HIS D 64 -2.72 -8.21 -64.65
C HIS D 64 -1.69 -7.56 -65.56
N LEU D 65 -2.04 -6.45 -66.21
CA LEU D 65 -1.11 -5.81 -67.15
C LEU D 65 -0.01 -5.08 -66.38
N THR D 66 1.16 -4.99 -67.01
CA THR D 66 2.35 -4.47 -66.33
C THR D 66 2.18 -2.99 -66.00
N PRO D 67 2.75 -2.54 -64.88
CA PRO D 67 2.63 -1.11 -64.52
C PRO D 67 3.28 -0.16 -65.52
N LYS D 68 4.19 -0.64 -66.36
CA LYS D 68 4.88 0.23 -67.31
C LYS D 68 3.89 0.83 -68.31
N LEU D 69 3.09 -0.01 -68.96
CA LEU D 69 2.20 0.45 -70.01
C LEU D 69 1.03 1.27 -69.44
N GLN D 70 0.69 1.06 -68.17
CA GLN D 70 -0.42 1.79 -67.56
C GLN D 70 -0.14 3.28 -67.53
N THR D 71 1.10 3.67 -67.22
CA THR D 71 1.44 5.09 -67.18
C THR D 71 1.30 5.73 -68.55
N GLN D 72 1.80 5.05 -69.59
CA GLN D 72 1.67 5.58 -70.94
C GLN D 72 0.22 5.68 -71.37
N LEU D 73 -0.59 4.66 -71.06
CA LEU D 73 -2.00 4.70 -71.43
C LEU D 73 -2.73 5.83 -70.72
N SER D 74 -2.44 6.03 -69.42
CA SER D 74 -3.05 7.13 -68.68
C SER D 74 -2.64 8.48 -69.24
N TYR D 75 -1.36 8.64 -69.58
CA TYR D 75 -0.91 9.89 -70.18
C TYR D 75 -1.59 10.13 -71.53
N LEU D 76 -1.71 9.09 -72.34
CA LEU D 76 -2.36 9.23 -73.64
C LEU D 76 -3.82 9.63 -73.49
N ILE D 77 -4.55 8.98 -72.59
CA ILE D 77 -5.96 9.29 -72.44
C ILE D 77 -6.14 10.69 -71.84
N SER D 78 -5.25 11.09 -70.92
CA SER D 78 -5.31 12.44 -70.39
C SER D 78 -5.06 13.47 -71.48
N SER D 79 -4.06 13.23 -72.34
CA SER D 79 -3.77 14.16 -73.42
C SER D 79 -4.94 14.25 -74.40
N SER D 80 -5.53 13.11 -74.75
CA SER D 80 -6.67 13.12 -75.67
C SER D 80 -7.86 13.86 -75.06
N LEU D 81 -8.12 13.64 -73.77
CA LEU D 81 -9.23 14.31 -73.11
C LEU D 81 -8.99 15.82 -73.05
N SER D 82 -7.76 16.24 -72.75
CA SER D 82 -7.43 17.66 -72.73
C SER D 82 -7.58 18.27 -74.12
N ASN D 83 -7.15 17.55 -75.15
CA ASN D 83 -7.30 18.06 -76.51
C ASN D 83 -8.78 18.22 -76.88
N LEU D 84 -9.61 17.24 -76.50
CA LEU D 84 -11.03 17.36 -76.79
C LEU D 84 -11.66 18.51 -76.02
N SER D 85 -11.25 18.72 -74.76
CA SER D 85 -11.76 19.85 -73.99
C SER D 85 -11.36 21.17 -74.64
N LYS D 86 -10.12 21.27 -75.11
CA LYS D 86 -9.69 22.48 -75.81
C LYS D 86 -10.48 22.69 -77.10
N ASP D 87 -10.75 21.61 -77.83
CA ASP D 87 -11.56 21.73 -79.04
C ASP D 87 -12.97 22.20 -78.73
N ILE D 88 -13.58 21.67 -77.67
CA ILE D 88 -14.91 22.09 -77.27
C ILE D 88 -14.91 23.56 -76.88
N LYS D 89 -13.89 23.99 -76.13
CA LYS D 89 -13.78 25.40 -75.75
C LYS D 89 -13.62 26.29 -76.97
N ALA D 90 -12.83 25.85 -77.95
CA ALA D 90 -12.64 26.63 -79.17
C ALA D 90 -13.95 26.74 -79.95
N ASN D 91 -14.70 25.65 -80.06
CA ASN D 91 -15.98 25.70 -80.75
C ASN D 91 -16.96 26.61 -80.02
N LEU D 92 -16.98 26.55 -78.70
CA LEU D 92 -17.88 27.38 -77.91
C LEU D 92 -17.10 28.39 -77.07
N GLY D 102 -26.19 24.38 -86.10
CA GLY D 102 -26.57 23.28 -85.24
C GLY D 102 -25.34 22.58 -84.68
N GLY D 103 -24.44 22.18 -85.58
CA GLY D 103 -23.22 21.50 -85.19
C GLY D 103 -23.41 20.01 -84.98
N LEU D 104 -22.29 19.32 -84.76
CA LEU D 104 -22.29 17.88 -84.54
C LEU D 104 -22.46 17.55 -83.06
N ILE D 105 -23.53 18.08 -82.46
CA ILE D 105 -23.75 17.88 -81.02
C ILE D 105 -23.85 16.40 -80.64
N PRO D 106 -24.64 15.56 -81.33
CA PRO D 106 -24.70 14.15 -80.91
C PRO D 106 -23.36 13.44 -80.96
N GLN D 107 -22.53 13.73 -81.95
CA GLN D 107 -21.24 13.06 -82.07
C GLN D 107 -20.33 13.40 -80.88
N TRP D 108 -20.22 14.69 -80.57
CA TRP D 108 -19.40 15.10 -79.42
C TRP D 108 -19.97 14.56 -78.12
N LYS D 109 -21.31 14.56 -77.98
CA LYS D 109 -21.92 14.02 -76.78
C LYS D 109 -21.59 12.54 -76.61
N ARG D 110 -21.71 11.76 -77.69
CA ARG D 110 -21.37 10.34 -77.62
C ARG D 110 -19.90 10.14 -77.28
N HIS D 111 -19.00 10.90 -77.92
CA HIS D 111 -17.57 10.73 -77.66
C HIS D 111 -17.26 11.04 -76.20
N LEU D 112 -17.83 12.13 -75.67
CA LEU D 112 -17.68 12.44 -74.26
C LEU D 112 -18.25 11.32 -73.39
N GLU D 113 -19.31 10.66 -73.85
CA GLU D 113 -19.88 9.58 -73.06
C GLU D 113 -18.93 8.39 -72.94
N GLU D 114 -18.35 7.93 -74.06
CA GLU D 114 -17.37 6.85 -73.92
C GLU D 114 -16.14 7.30 -73.14
N TYR D 115 -15.72 8.56 -73.31
CA TYR D 115 -14.57 9.02 -72.54
C TYR D 115 -14.86 9.06 -71.05
N GLY D 116 -16.07 9.47 -70.65
CA GLY D 116 -16.44 9.43 -69.25
C GLY D 116 -16.49 8.02 -68.71
N TYR D 117 -17.05 7.08 -69.49
CA TYR D 117 -17.06 5.68 -69.06
C TYR D 117 -15.64 5.16 -68.89
N LEU D 118 -14.74 5.49 -69.83
CA LEU D 118 -13.37 5.02 -69.74
C LEU D 118 -12.64 5.63 -68.55
N ILE D 119 -12.86 6.92 -68.28
CA ILE D 119 -12.19 7.53 -67.14
C ILE D 119 -12.74 6.99 -65.83
N GLN D 120 -14.03 6.63 -65.79
CA GLN D 120 -14.56 5.95 -64.62
C GLN D 120 -13.89 4.59 -64.42
N VAL D 121 -13.69 3.86 -65.51
CA VAL D 121 -13.01 2.57 -65.43
C VAL D 121 -11.58 2.76 -64.91
N LEU D 122 -10.88 3.77 -65.43
CA LEU D 122 -9.54 4.09 -64.93
C LEU D 122 -9.55 4.40 -63.44
N LEU D 123 -10.49 5.24 -62.99
CA LEU D 123 -10.55 5.60 -61.57
C LEU D 123 -10.81 4.38 -60.71
N THR D 124 -11.75 3.53 -61.12
CA THR D 124 -12.06 2.32 -60.35
C THR D 124 -10.86 1.40 -60.29
N PHE D 125 -10.16 1.18 -61.41
CA PHE D 125 -9.03 0.28 -61.40
C PHE D 125 -7.84 0.85 -60.65
N LEU D 126 -7.72 2.18 -60.58
CA LEU D 126 -6.64 2.76 -59.78
C LEU D 126 -6.94 2.69 -58.29
N GLN D 127 -8.18 2.96 -57.89
CA GLN D 127 -8.51 2.80 -56.48
C GLN D 127 -8.45 1.33 -56.07
N ASP D 128 -8.64 0.41 -57.02
CA ASP D 128 -8.30 -0.98 -56.79
C ASP D 128 -6.79 -1.14 -56.68
N GLU D 129 -6.38 -1.90 -55.67
CA GLU D 129 -4.99 -2.13 -55.25
C GLU D 129 -4.40 -0.89 -54.58
N LEU D 130 -5.04 0.26 -54.75
CA LEU D 130 -4.71 1.40 -53.90
C LEU D 130 -5.35 1.26 -52.53
N HIS D 131 -6.55 0.66 -52.49
CA HIS D 131 -7.11 0.23 -51.22
C HIS D 131 -6.23 -0.83 -50.58
N LYS D 132 -5.61 -1.70 -51.40
CA LYS D 132 -4.76 -2.76 -50.87
C LYS D 132 -3.48 -2.19 -50.27
N VAL D 133 -2.79 -1.31 -51.01
CA VAL D 133 -1.55 -0.73 -50.52
C VAL D 133 -1.87 0.23 -49.37
N SER D 134 -0.93 0.33 -48.43
CA SER D 134 -1.08 1.17 -47.23
C SER D 134 -2.35 0.83 -46.46
N SER D 135 -2.61 -0.47 -46.31
CA SER D 135 -3.78 -0.93 -45.57
C SER D 135 -3.36 -1.84 -44.42
N ASN D 153 5.93 -1.16 -53.09
CA ASN D 153 4.85 -0.71 -52.21
C ASN D 153 4.70 0.80 -52.26
N VAL D 154 5.58 1.50 -51.54
CA VAL D 154 5.47 2.96 -51.46
C VAL D 154 5.83 3.60 -52.80
N GLU D 155 6.76 2.99 -53.56
CA GLU D 155 7.08 3.50 -54.89
C GLU D 155 5.87 3.37 -55.82
N LEU D 156 5.19 2.23 -55.77
CA LEU D 156 3.94 2.08 -56.51
C LEU D 156 2.92 3.10 -56.04
N PHE D 157 2.93 3.41 -54.74
CA PHE D 157 2.02 4.43 -54.21
C PHE D 157 2.28 5.79 -54.86
N LYS D 158 3.56 6.20 -54.93
CA LYS D 158 3.86 7.46 -55.59
C LYS D 158 3.45 7.43 -57.06
N ARG D 159 3.73 6.32 -57.74
CA ARG D 159 3.39 6.23 -59.16
C ARG D 159 1.89 6.36 -59.38
N ASP D 160 1.10 5.64 -58.56
CA ASP D 160 -0.35 5.72 -58.66
C ASP D 160 -0.84 7.12 -58.35
N CYS D 161 -0.29 7.76 -57.31
CA CYS D 161 -0.71 9.12 -56.99
C CYS D 161 -0.39 10.08 -58.12
N ASN D 162 0.77 9.94 -58.76
CA ASN D 162 1.14 10.84 -59.85
C ASN D 162 0.21 10.69 -61.04
N GLN D 163 -0.05 9.45 -61.47
CA GLN D 163 -1.01 9.28 -62.57
C GLN D 163 -2.40 9.75 -62.13
N MET D 164 -2.67 9.71 -60.82
CA MET D 164 -3.93 10.23 -60.33
C MET D 164 -4.02 11.74 -60.50
N GLU D 165 -2.96 12.48 -60.14
CA GLU D 165 -3.05 13.92 -60.36
C GLU D 165 -3.12 14.24 -61.85
N ASN D 166 -2.47 13.44 -62.69
CA ASN D 166 -2.61 13.64 -64.13
C ASN D 166 -4.07 13.51 -64.55
N LEU D 167 -4.73 12.44 -64.12
CA LEU D 167 -6.15 12.26 -64.44
C LEU D 167 -7.01 13.35 -63.80
N LEU D 168 -6.58 13.88 -62.65
CA LEU D 168 -7.32 14.98 -62.03
C LEU D 168 -7.23 16.27 -62.85
N GLU D 169 -6.05 16.59 -63.39
CA GLU D 169 -6.00 17.73 -64.31
C GLU D 169 -6.88 17.48 -65.53
N SER D 170 -6.85 16.24 -66.04
CA SER D 170 -7.70 15.91 -67.20
C SER D 170 -9.18 16.11 -66.89
N ILE D 171 -9.62 15.62 -65.72
CA ILE D 171 -11.03 15.72 -65.35
C ILE D 171 -11.43 17.16 -65.08
N THR D 172 -10.53 17.97 -64.50
CA THR D 172 -10.86 19.38 -64.30
C THR D 172 -10.98 20.10 -65.64
N LYS D 173 -10.10 19.80 -66.60
CA LYS D 173 -10.24 20.39 -67.93
C LYS D 173 -11.55 19.96 -68.58
N LEU D 174 -11.94 18.69 -68.40
CA LEU D 174 -13.23 18.24 -68.90
C LEU D 174 -14.38 19.02 -68.26
N LEU D 175 -14.34 19.15 -66.94
CA LEU D 175 -15.47 19.72 -66.20
C LEU D 175 -15.58 21.22 -66.32
N GLU D 176 -14.50 21.90 -66.70
CA GLU D 176 -14.53 23.36 -66.81
C GLU D 176 -15.54 23.87 -67.84
N ILE D 177 -15.90 23.07 -68.85
CA ILE D 177 -16.84 23.51 -69.86
C ILE D 177 -18.24 23.53 -69.28
N ASN D 178 -19.16 24.19 -69.98
CA ASN D 178 -20.54 24.28 -69.53
C ASN D 178 -21.21 22.91 -69.52
N LEU D 179 -21.08 22.17 -70.63
CA LEU D 179 -21.61 20.77 -70.67
C LEU D 179 -23.13 20.75 -70.46
N SER D 180 -23.81 21.90 -70.45
CA SER D 180 -25.24 21.93 -70.17
C SER D 180 -26.09 21.65 -71.40
N LYS D 181 -25.78 22.28 -72.53
CA LYS D 181 -26.64 22.16 -73.70
C LYS D 181 -26.48 20.81 -74.40
N ILE D 182 -25.31 20.19 -74.30
CA ILE D 182 -25.09 18.91 -74.96
C ILE D 182 -25.94 17.80 -74.35
N PHE D 183 -26.23 17.88 -73.05
CA PHE D 183 -27.09 16.93 -72.36
C PHE D 183 -28.37 17.67 -71.97
N GLN D 184 -29.34 17.65 -72.89
CA GLN D 184 -30.58 18.41 -72.67
C GLN D 184 -31.36 17.87 -71.48
N THR D 185 -31.46 16.55 -71.36
CA THR D 185 -32.25 15.94 -70.29
C THR D 185 -31.43 15.87 -69.01
N THR D 186 -32.07 16.23 -67.89
CA THR D 186 -31.38 16.17 -66.60
C THR D 186 -30.93 14.77 -66.21
N PRO D 187 -31.69 13.68 -66.43
CA PRO D 187 -31.17 12.37 -66.02
C PRO D 187 -29.85 12.00 -66.67
N GLU D 188 -29.64 12.35 -67.94
CA GLU D 188 -28.39 12.02 -68.61
C GLU D 188 -27.22 12.77 -67.98
N LYS D 189 -27.40 14.06 -67.71
CA LYS D 189 -26.36 14.84 -67.04
C LYS D 189 -26.07 14.27 -65.65
N ASP D 190 -27.13 13.93 -64.91
CA ASP D 190 -26.94 13.38 -63.57
C ASP D 190 -26.14 12.09 -63.62
N LEU D 191 -26.49 11.19 -64.55
CA LEU D 191 -25.75 9.94 -64.66
C LEU D 191 -24.30 10.18 -65.09
N PHE D 192 -24.09 11.09 -66.03
CA PHE D 192 -22.73 11.36 -66.50
C PHE D 192 -21.86 11.90 -65.37
N ILE D 193 -22.40 12.80 -64.56
CA ILE D 193 -21.58 13.40 -63.51
C ILE D 193 -21.47 12.46 -62.30
N GLY D 194 -22.46 11.58 -62.10
CA GLY D 194 -22.30 10.54 -61.10
C GLY D 194 -21.19 9.58 -61.48
N LEU D 195 -21.07 9.28 -62.77
CA LEU D 195 -19.96 8.48 -63.27
C LEU D 195 -18.61 9.07 -62.89
N PHE D 196 -18.55 10.39 -62.71
CA PHE D 196 -17.33 11.07 -62.31
C PHE D 196 -17.18 11.12 -60.79
N THR D 197 -18.29 11.37 -60.09
CA THR D 197 -18.23 11.67 -58.66
C THR D 197 -18.15 10.41 -57.80
N ARG D 198 -18.90 9.36 -58.13
CA ARG D 198 -18.89 8.16 -57.29
C ARG D 198 -17.50 7.56 -57.14
N PRO D 199 -16.70 7.39 -58.21
CA PRO D 199 -15.31 6.96 -58.00
C PRO D 199 -14.51 7.91 -57.12
N LEU D 200 -14.78 9.22 -57.20
CA LEU D 200 -14.07 10.16 -56.34
C LEU D 200 -14.35 9.89 -54.88
N PHE D 201 -15.60 9.61 -54.52
CA PHE D 201 -15.92 9.31 -53.12
C PHE D 201 -15.36 7.95 -52.71
N VAL D 202 -15.40 6.97 -53.61
CA VAL D 202 -14.80 5.67 -53.30
C VAL D 202 -13.29 5.83 -53.06
N LEU D 203 -12.65 6.76 -53.77
CA LEU D 203 -11.24 7.02 -53.55
C LEU D 203 -11.01 7.79 -52.25
N LEU D 204 -11.89 8.75 -51.94
CA LEU D 204 -11.79 9.48 -50.68
C LEU D 204 -11.99 8.57 -49.49
N GLU D 205 -12.62 7.41 -49.69
CA GLU D 205 -12.70 6.41 -48.63
C GLU D 205 -11.32 6.05 -48.09
N ILE D 206 -10.28 6.15 -48.92
CA ILE D 206 -8.92 5.81 -48.53
C ILE D 206 -8.31 6.99 -47.78
N GLU D 207 -7.74 6.71 -46.61
CA GLU D 207 -7.22 7.79 -45.76
C GLU D 207 -6.04 8.54 -46.36
N PRO D 208 -5.00 7.89 -46.91
CA PRO D 208 -3.91 8.68 -47.52
C PRO D 208 -4.36 9.58 -48.66
N VAL D 209 -5.43 9.22 -49.36
CA VAL D 209 -5.97 10.10 -50.39
C VAL D 209 -6.44 11.41 -49.78
N THR D 210 -7.13 11.33 -48.63
CA THR D 210 -7.52 12.54 -47.92
C THR D 210 -6.30 13.27 -47.35
N LYS D 211 -5.27 12.52 -46.96
CA LYS D 211 -4.08 13.15 -46.39
C LYS D 211 -3.32 13.96 -47.43
N VAL D 212 -3.22 13.46 -48.66
CA VAL D 212 -2.40 14.11 -49.67
C VAL D 212 -3.08 15.38 -50.18
N SER D 213 -2.37 16.50 -50.06
CA SER D 213 -2.98 17.81 -50.25
C SER D 213 -3.34 18.06 -51.70
N SER D 214 -2.51 17.60 -52.63
CA SER D 214 -2.79 17.84 -54.05
C SER D 214 -4.10 17.18 -54.47
N LEU D 215 -4.26 15.89 -54.14
CA LEU D 215 -5.49 15.19 -54.50
C LEU D 215 -6.68 15.75 -53.73
N LYS D 216 -6.49 16.10 -52.46
CA LYS D 216 -7.58 16.70 -51.70
C LYS D 216 -8.06 17.99 -52.36
N MET D 217 -7.12 18.85 -52.76
CA MET D 217 -7.48 20.12 -53.38
C MET D 217 -8.16 19.90 -54.72
N PHE D 218 -7.66 18.95 -55.52
CA PHE D 218 -8.30 18.67 -56.80
C PHE D 218 -9.74 18.17 -56.62
N ILE D 219 -9.95 17.27 -55.66
CA ILE D 219 -11.30 16.77 -55.42
C ILE D 219 -12.21 17.89 -54.92
N GLN D 220 -11.69 18.74 -54.04
CA GLN D 220 -12.49 19.87 -53.54
C GLN D 220 -12.87 20.81 -54.67
N ARG D 221 -11.93 21.11 -55.57
CA ARG D 221 -12.24 21.96 -56.71
C ARG D 221 -13.28 21.32 -57.62
N ILE D 222 -13.17 20.01 -57.86
CA ILE D 222 -14.16 19.32 -58.69
C ILE D 222 -15.55 19.45 -58.08
N LEU D 223 -15.65 19.16 -56.78
CA LEU D 223 -16.96 19.21 -56.12
C LEU D 223 -17.50 20.64 -56.08
N ALA D 224 -16.63 21.63 -55.87
CA ALA D 224 -17.07 23.02 -55.86
C ALA D 224 -17.62 23.42 -57.22
N MET D 225 -16.91 23.07 -58.31
CA MET D 225 -17.41 23.40 -59.64
C MET D 225 -18.75 22.72 -59.90
N CYS D 226 -18.87 21.45 -59.50
CA CYS D 226 -20.12 20.73 -59.70
C CYS D 226 -21.27 21.44 -58.99
N VAL D 227 -21.10 21.73 -57.70
CA VAL D 227 -22.17 22.32 -56.90
C VAL D 227 -22.48 23.72 -57.40
N LYS D 228 -21.48 24.38 -58.00
CA LYS D 228 -21.68 25.73 -58.50
C LYS D 228 -22.44 25.79 -59.82
N ASN D 229 -22.14 24.91 -60.76
CA ASN D 229 -22.70 25.06 -62.11
C ASN D 229 -23.62 23.95 -62.58
N HIS D 230 -23.48 22.71 -62.11
CA HIS D 230 -24.25 21.60 -62.65
C HIS D 230 -25.49 21.30 -61.80
N GLY D 231 -25.74 22.06 -60.75
CA GLY D 231 -26.97 21.92 -59.99
C GLY D 231 -27.17 20.57 -59.33
N GLN D 232 -26.12 20.01 -58.75
CA GLN D 232 -26.19 18.72 -58.06
C GLN D 232 -25.95 18.86 -56.56
N SER D 233 -26.51 19.92 -55.97
CA SER D 233 -26.33 20.17 -54.54
C SER D 233 -26.91 19.03 -53.71
N SER D 234 -28.08 18.52 -54.10
CA SER D 234 -28.71 17.44 -53.34
C SER D 234 -27.83 16.19 -53.33
N SER D 235 -27.34 15.78 -54.49
CA SER D 235 -26.51 14.57 -54.57
C SER D 235 -25.20 14.76 -53.81
N ILE D 236 -24.57 15.92 -53.97
CA ILE D 236 -23.30 16.16 -53.26
C ILE D 236 -23.54 16.18 -51.76
N GLN D 237 -24.62 16.81 -51.30
CA GLN D 237 -24.94 16.84 -49.88
C GLN D 237 -25.19 15.44 -49.33
N SER D 238 -25.93 14.63 -50.08
CA SER D 238 -26.20 13.27 -49.62
C SER D 238 -24.90 12.47 -49.53
N SER D 239 -24.03 12.60 -50.53
CA SER D 239 -22.76 11.87 -50.49
C SER D 239 -21.90 12.34 -49.32
N LEU D 240 -21.83 13.65 -49.08
CA LEU D 240 -21.03 14.15 -47.97
C LEU D 240 -21.59 13.67 -46.64
N MET D 241 -22.92 13.64 -46.49
CA MET D 241 -23.51 13.17 -45.25
C MET D 241 -23.24 11.69 -45.04
N THR D 242 -23.31 10.89 -46.11
CA THR D 242 -22.96 9.48 -45.96
C THR D 242 -21.50 9.30 -45.54
N ASN D 243 -20.59 10.07 -46.15
CA ASN D 243 -19.19 9.98 -45.74
C ASN D 243 -19.02 10.39 -44.28
N LEU D 244 -19.71 11.45 -43.86
CA LEU D 244 -19.61 11.89 -42.47
C LEU D 244 -20.13 10.84 -41.50
N THR D 245 -21.27 10.21 -41.83
CA THR D 245 -21.86 9.27 -40.89
C THR D 245 -21.13 7.93 -40.91
N TYR D 246 -20.36 7.64 -41.97
CA TYR D 246 -19.67 6.36 -42.04
C TYR D 246 -18.18 6.45 -41.74
N PHE D 247 -17.58 7.63 -41.68
CA PHE D 247 -16.15 7.74 -41.46
C PHE D 247 -15.84 8.89 -40.53
N LEU D 248 -14.64 8.85 -39.93
CA LEU D 248 -14.18 9.88 -39.02
C LEU D 248 -13.08 10.76 -39.60
N HIS D 249 -12.51 10.40 -40.75
CA HIS D 249 -11.37 11.11 -41.31
C HIS D 249 -11.77 12.06 -42.43
N LEU D 250 -13.07 12.32 -42.61
CA LEU D 250 -13.54 13.16 -43.70
C LEU D 250 -14.22 14.43 -43.23
N SER D 251 -14.36 14.65 -41.92
CA SER D 251 -14.99 15.87 -41.43
C SER D 251 -14.20 17.11 -41.82
N VAL D 252 -12.88 17.07 -41.66
CA VAL D 252 -12.04 18.20 -42.05
C VAL D 252 -12.11 18.43 -43.54
N PHE D 253 -12.14 17.34 -44.33
CA PHE D 253 -12.25 17.47 -45.77
C PHE D 253 -13.57 18.14 -46.16
N ASN D 254 -14.67 17.73 -45.54
CA ASN D 254 -15.95 18.35 -45.84
C ASN D 254 -15.97 19.83 -45.46
N ALA D 255 -15.40 20.16 -44.30
CA ALA D 255 -15.37 21.56 -43.88
C ALA D 255 -14.55 22.40 -44.83
N GLU D 256 -13.38 21.89 -45.26
CA GLU D 256 -12.55 22.65 -46.18
C GLU D 256 -13.22 22.79 -47.55
N LEU D 257 -13.90 21.73 -48.02
CA LEU D 257 -14.63 21.82 -49.27
C LEU D 257 -15.73 22.87 -49.19
N LEU D 258 -16.48 22.89 -48.08
CA LEU D 258 -17.53 23.88 -47.92
C LEU D 258 -16.97 25.29 -47.88
N LYS D 259 -15.85 25.48 -47.17
CA LYS D 259 -15.23 26.81 -47.13
C LYS D 259 -14.78 27.25 -48.50
N LEU D 260 -14.14 26.35 -49.26
CA LEU D 260 -13.70 26.70 -50.60
C LEU D 260 -14.90 27.08 -51.48
N LEU D 261 -15.94 26.24 -51.46
CA LEU D 261 -17.14 26.54 -52.24
C LEU D 261 -17.69 27.91 -51.90
N ASN D 262 -17.91 28.18 -50.60
CA ASN D 262 -18.44 29.46 -50.17
C ASN D 262 -17.54 30.60 -50.65
N ASP D 263 -16.30 30.64 -50.17
CA ASP D 263 -15.45 31.81 -50.38
C ASP D 263 -15.20 32.08 -51.85
N GLU D 264 -14.91 31.04 -52.64
CA GLU D 264 -14.56 31.30 -54.03
C GLU D 264 -15.69 31.01 -55.02
N TYR D 265 -16.93 30.82 -54.58
CA TYR D 265 -18.03 30.68 -55.52
C TYR D 265 -19.32 31.39 -55.13
N ASN D 266 -19.39 32.01 -53.95
CA ASN D 266 -20.60 32.70 -53.50
C ASN D 266 -21.82 31.77 -53.56
N TYR D 267 -21.69 30.63 -52.88
CA TYR D 267 -22.74 29.61 -52.90
C TYR D 267 -22.87 29.01 -51.51
N PRO D 268 -23.59 29.66 -50.61
CA PRO D 268 -23.83 29.10 -49.27
C PRO D 268 -25.01 28.13 -49.16
N GLN D 269 -25.72 27.87 -50.26
CA GLN D 269 -26.90 27.02 -50.18
C GLN D 269 -26.56 25.61 -49.75
N LEU D 270 -25.47 25.06 -50.27
CA LEU D 270 -25.09 23.68 -49.93
C LEU D 270 -24.79 23.55 -48.45
N THR D 271 -24.01 24.49 -47.90
CA THR D 271 -23.67 24.39 -46.48
C THR D 271 -24.86 24.69 -45.59
N GLU D 272 -25.77 25.59 -46.01
CA GLU D 272 -26.99 25.79 -45.24
C GLU D 272 -27.84 24.53 -45.20
N ASP D 273 -27.98 23.86 -46.35
CA ASP D 273 -28.73 22.61 -46.38
C ASP D 273 -28.07 21.53 -45.54
N ILE D 274 -26.74 21.47 -45.58
CA ILE D 274 -26.00 20.50 -44.76
C ILE D 274 -26.25 20.76 -43.28
N LEU D 275 -26.21 22.03 -42.87
CA LEU D 275 -26.46 22.38 -41.49
C LEU D 275 -27.88 22.02 -41.07
N LYS D 276 -28.86 22.29 -41.94
CA LYS D 276 -30.24 21.93 -41.63
C LYS D 276 -30.40 20.42 -41.48
N GLU D 277 -29.76 19.65 -42.38
CA GLU D 277 -29.84 18.20 -42.28
C GLU D 277 -29.17 17.70 -41.00
N ILE D 278 -28.02 18.27 -40.63
CA ILE D 278 -27.34 17.88 -39.40
C ILE D 278 -28.23 18.17 -38.20
N SER D 279 -28.91 19.32 -38.21
CA SER D 279 -29.81 19.66 -37.11
C SER D 279 -30.97 18.66 -37.03
N THR D 280 -31.51 18.26 -38.18
CA THR D 280 -32.69 17.41 -38.16
C THR D 280 -32.38 15.92 -38.00
N ARG D 281 -31.13 15.50 -38.17
CA ARG D 281 -30.80 14.09 -37.98
C ARG D 281 -30.89 13.68 -36.51
N VAL D 282 -31.04 12.37 -36.29
CA VAL D 282 -31.04 11.76 -34.97
C VAL D 282 -30.03 10.61 -34.99
N PHE D 283 -29.48 10.31 -33.82
CA PHE D 283 -28.42 9.31 -33.70
C PHE D 283 -28.82 8.25 -32.68
N ASN D 284 -28.22 7.08 -32.83
CA ASN D 284 -28.36 6.00 -31.86
C ASN D 284 -27.18 6.01 -30.89
N ALA D 285 -27.40 5.37 -29.74
CA ALA D 285 -26.42 5.44 -28.65
C ALA D 285 -25.22 4.54 -28.88
N LYS D 286 -25.39 3.45 -29.64
CA LYS D 286 -24.36 2.42 -29.72
C LYS D 286 -23.11 2.85 -30.47
N ASP D 287 -23.25 3.59 -31.57
CA ASP D 287 -22.09 3.86 -32.41
C ASP D 287 -21.27 5.04 -31.88
N THR D 288 -21.88 6.22 -31.80
CA THR D 288 -21.26 7.47 -31.36
C THR D 288 -20.22 7.97 -32.36
N THR D 289 -19.93 7.16 -33.39
CA THR D 289 -18.96 7.57 -34.39
C THR D 289 -19.53 8.64 -35.32
N GLY D 290 -20.81 8.52 -35.67
CA GLY D 290 -21.49 9.55 -36.42
C GLY D 290 -21.54 10.87 -35.67
N PRO D 291 -21.95 10.84 -34.40
CA PRO D 291 -21.87 12.05 -33.58
C PRO D 291 -20.46 12.62 -33.48
N LYS D 292 -19.44 11.77 -33.33
CA LYS D 292 -18.07 12.28 -33.24
C LYS D 292 -17.64 12.96 -34.54
N ALA D 293 -17.95 12.34 -35.68
CA ALA D 293 -17.62 12.94 -36.97
C ALA D 293 -18.35 14.25 -37.18
N ILE D 294 -19.64 14.30 -36.80
CA ILE D 294 -20.41 15.53 -36.93
C ILE D 294 -19.82 16.61 -36.05
N SER D 295 -19.41 16.25 -34.83
CA SER D 295 -18.80 17.21 -33.92
C SER D 295 -17.50 17.78 -34.50
N ASN D 296 -16.66 16.91 -35.03
CA ASN D 296 -15.41 17.37 -35.63
C ASN D 296 -15.67 18.27 -36.83
N PHE D 297 -16.64 17.90 -37.67
CA PHE D 297 -16.97 18.73 -38.83
C PHE D 297 -17.49 20.09 -38.40
N LEU D 298 -18.36 20.13 -37.38
CA LEU D 298 -18.88 21.40 -36.90
C LEU D 298 -17.77 22.27 -36.33
N ILE D 299 -16.86 21.68 -35.56
CA ILE D 299 -15.76 22.46 -34.99
C ILE D 299 -14.88 23.03 -36.09
N LYS D 300 -14.56 22.20 -37.09
CA LYS D 300 -13.72 22.68 -38.19
C LYS D 300 -14.41 23.78 -38.98
N LEU D 301 -15.71 23.62 -39.26
CA LEU D 301 -16.44 24.64 -40.02
C LEU D 301 -16.52 25.94 -39.22
N SER D 302 -16.72 25.85 -37.91
CA SER D 302 -16.75 27.05 -37.07
C SER D 302 -15.41 27.75 -37.08
N GLU D 303 -14.31 26.99 -37.01
CA GLU D 303 -13.00 27.63 -36.96
C GLU D 303 -12.64 28.24 -38.31
N LEU D 304 -13.10 27.64 -39.41
CA LEU D 304 -12.77 28.18 -40.72
C LEU D 304 -13.69 29.33 -41.13
N SER D 305 -14.99 29.05 -41.30
CA SER D 305 -15.94 30.04 -41.83
C SER D 305 -17.14 30.16 -40.89
N PRO D 306 -17.07 31.06 -39.91
CA PRO D 306 -18.16 31.16 -38.93
C PRO D 306 -19.39 31.90 -39.43
N GLY D 307 -19.21 32.90 -40.30
CA GLY D 307 -20.32 33.77 -40.67
C GLY D 307 -21.42 33.04 -41.41
N ILE D 308 -21.05 32.16 -42.34
CA ILE D 308 -22.04 31.45 -43.13
C ILE D 308 -22.84 30.49 -42.24
N MET D 309 -22.16 29.78 -41.34
CA MET D 309 -22.85 28.85 -40.45
C MET D 309 -23.66 29.57 -39.38
N LEU D 310 -23.36 30.84 -39.12
CA LEU D 310 -24.18 31.63 -38.21
C LEU D 310 -25.63 31.70 -38.68
N ARG D 311 -25.84 31.66 -40.00
CA ARG D 311 -27.19 31.78 -40.53
C ARG D 311 -28.08 30.61 -40.11
N GLN D 312 -27.53 29.40 -40.08
CA GLN D 312 -28.28 28.22 -39.68
C GLN D 312 -28.02 27.79 -38.24
N MET D 313 -27.15 28.49 -37.51
CA MET D 313 -26.95 28.14 -36.11
C MET D 313 -28.24 28.22 -35.29
N ASN D 314 -29.21 29.03 -35.73
CA ASN D 314 -30.46 29.11 -34.97
C ASN D 314 -31.15 27.75 -34.89
N LEU D 315 -31.15 27.01 -36.01
CA LEU D 315 -31.65 25.63 -35.98
C LEU D 315 -30.62 24.65 -35.44
N VAL D 316 -29.32 24.94 -35.62
CA VAL D 316 -28.29 24.02 -35.12
C VAL D 316 -28.33 23.92 -33.60
N ILE D 317 -28.71 24.99 -32.91
CA ILE D 317 -28.82 25.00 -31.45
C ILE D 317 -29.68 23.85 -30.94
N THR D 318 -30.66 23.40 -31.73
CA THR D 318 -31.55 22.34 -31.28
C THR D 318 -30.79 21.04 -30.98
N LEU D 319 -29.58 20.90 -31.50
CA LEU D 319 -28.77 19.71 -31.22
C LEU D 319 -28.37 19.61 -29.76
N LEU D 320 -28.40 20.72 -29.01
CA LEU D 320 -27.98 20.68 -27.62
C LEU D 320 -28.93 19.86 -26.74
N ASN D 321 -30.16 19.64 -27.18
CA ASN D 321 -31.10 18.82 -26.43
C ASN D 321 -30.71 17.35 -26.42
N ASN D 322 -29.85 16.91 -27.34
CA ASN D 322 -29.42 15.53 -27.38
C ASN D 322 -28.48 15.23 -26.22
N SER D 323 -28.38 13.95 -25.88
CA SER D 323 -27.51 13.50 -24.80
C SER D 323 -26.07 13.29 -25.25
N SER D 324 -25.75 13.60 -26.50
CA SER D 324 -24.40 13.38 -27.03
C SER D 324 -23.46 14.41 -26.43
N ILE D 325 -22.51 13.94 -25.62
CA ILE D 325 -21.51 14.81 -25.02
C ILE D 325 -20.68 15.49 -26.11
N THR D 326 -20.25 14.71 -27.11
CA THR D 326 -19.46 15.28 -28.19
C THR D 326 -20.24 16.34 -28.95
N LEU D 327 -21.51 16.07 -29.24
CA LEU D 327 -22.33 17.04 -29.97
C LEU D 327 -22.52 18.32 -29.18
N ARG D 328 -22.81 18.21 -27.88
CA ARG D 328 -22.99 19.41 -27.07
C ARG D 328 -21.70 20.22 -26.98
N CYS D 329 -20.56 19.54 -26.78
CA CYS D 329 -19.28 20.23 -26.74
C CYS D 329 -18.98 20.91 -28.06
N SER D 330 -19.28 20.23 -29.17
CA SER D 330 -19.04 20.83 -30.49
C SER D 330 -19.91 22.05 -30.70
N VAL D 331 -21.18 22.00 -30.28
CA VAL D 331 -22.06 23.14 -30.47
C VAL D 331 -21.58 24.34 -29.67
N VAL D 332 -21.19 24.12 -28.41
CA VAL D 332 -20.75 25.26 -27.60
C VAL D 332 -19.42 25.80 -28.12
N GLU D 333 -18.51 24.92 -28.55
CA GLU D 333 -17.24 25.39 -29.09
C GLU D 333 -17.44 26.12 -30.41
N ALA D 334 -18.41 25.68 -31.23
CA ALA D 334 -18.69 26.36 -32.48
C ALA D 334 -19.26 27.75 -32.23
N CYS D 335 -20.16 27.87 -31.26
CA CYS D 335 -20.69 29.19 -30.90
C CYS D 335 -19.56 30.11 -30.42
N GLY D 336 -18.67 29.57 -29.58
CA GLY D 336 -17.54 30.36 -29.12
C GLY D 336 -16.63 30.79 -30.25
N ASN D 337 -16.33 29.88 -31.18
CA ASN D 337 -15.48 30.23 -32.31
C ASN D 337 -16.14 31.28 -33.20
N ILE D 338 -17.45 31.15 -33.42
CA ILE D 338 -18.16 32.13 -34.25
C ILE D 338 -18.07 33.51 -33.62
N VAL D 339 -18.36 33.62 -32.32
CA VAL D 339 -18.32 34.94 -31.71
C VAL D 339 -16.89 35.48 -31.69
N ALA D 340 -15.91 34.60 -31.43
CA ALA D 340 -14.52 35.05 -31.36
C ALA D 340 -14.03 35.58 -32.71
N GLU D 341 -14.36 34.90 -33.80
CA GLU D 341 -13.89 35.33 -35.11
C GLU D 341 -14.84 36.29 -35.81
N LEU D 342 -16.00 36.59 -35.21
CA LEU D 342 -16.87 37.63 -35.73
C LEU D 342 -16.77 38.94 -34.97
N ALA D 343 -16.19 38.94 -33.77
CA ALA D 343 -16.02 40.19 -33.03
C ALA D 343 -15.04 41.15 -33.71
N GLN D 344 -14.30 40.69 -34.72
CA GLN D 344 -13.32 41.56 -35.35
C GLN D 344 -13.95 42.60 -36.27
N ASP D 345 -15.11 42.27 -36.89
CA ASP D 345 -15.64 43.09 -37.96
C ASP D 345 -16.79 43.97 -37.46
N PRO D 346 -16.60 45.29 -37.39
CA PRO D 346 -17.70 46.16 -36.92
C PRO D 346 -18.95 46.06 -37.78
N GLN D 347 -18.79 45.89 -39.09
CA GLN D 347 -19.95 45.67 -39.94
C GLN D 347 -20.68 44.39 -39.55
N THR D 348 -19.92 43.34 -39.22
CA THR D 348 -20.55 42.09 -38.80
C THR D 348 -21.32 42.25 -37.50
N MET D 349 -20.78 42.99 -36.52
CA MET D 349 -21.59 43.27 -35.34
C MET D 349 -22.82 44.08 -35.69
N GLU D 350 -22.66 45.14 -36.47
CA GLU D 350 -23.81 45.98 -36.81
C GLU D 350 -24.87 45.20 -37.56
N HIS D 351 -24.48 44.10 -38.23
CA HIS D 351 -25.47 43.29 -38.94
C HIS D 351 -26.09 42.23 -38.06
N TYR D 352 -25.32 41.60 -37.17
CA TYR D 352 -25.78 40.44 -36.42
C TYR D 352 -25.66 40.65 -34.91
N LYS D 353 -25.99 41.86 -34.44
CA LYS D 353 -26.05 42.11 -33.00
C LYS D 353 -26.91 41.07 -32.29
N GLN D 354 -28.12 40.83 -32.79
CA GLN D 354 -29.04 39.91 -32.09
C GLN D 354 -28.51 38.49 -32.09
N GLN D 355 -27.97 38.02 -33.22
CA GLN D 355 -27.46 36.66 -33.29
C GLN D 355 -26.25 36.48 -32.37
N ILE D 356 -25.33 37.44 -32.38
CA ILE D 356 -24.16 37.36 -31.50
C ILE D 356 -24.59 37.40 -30.05
N ALA D 357 -25.56 38.26 -29.72
CA ALA D 357 -26.04 38.35 -28.34
C ALA D 357 -26.67 37.05 -27.88
N VAL D 358 -27.48 36.42 -28.73
CA VAL D 358 -28.13 35.17 -28.30
C VAL D 358 -27.09 34.05 -28.19
N LEU D 359 -26.11 34.01 -29.09
CA LEU D 359 -25.05 33.01 -28.96
C LEU D 359 -24.26 33.21 -27.67
N ILE D 360 -23.92 34.46 -27.34
CA ILE D 360 -23.18 34.72 -26.12
C ILE D 360 -24.02 34.36 -24.90
N GLU D 361 -25.32 34.69 -24.92
CA GLU D 361 -26.19 34.36 -23.79
C GLU D 361 -26.26 32.87 -23.58
N LEU D 362 -26.40 32.09 -24.65
CA LEU D 362 -26.33 30.64 -24.53
C LEU D 362 -24.99 30.21 -23.97
N LEU D 363 -23.92 30.91 -24.35
CA LEU D 363 -22.60 30.59 -23.81
C LEU D 363 -22.55 30.75 -22.29
N GLU D 364 -23.12 31.85 -21.76
CA GLU D 364 -23.12 31.96 -20.30
C GLU D 364 -24.06 30.92 -19.68
N GLU D 365 -25.19 30.64 -20.33
CA GLU D 365 -26.20 29.80 -19.70
C GLU D 365 -25.77 28.34 -19.67
N ARG D 366 -24.93 27.92 -20.62
CA ARG D 366 -24.49 26.51 -20.63
C ARG D 366 -23.49 26.17 -19.53
N PHE D 367 -23.22 27.05 -18.56
CA PHE D 367 -22.34 26.68 -17.45
C PHE D 367 -22.95 25.64 -16.55
N GLN D 368 -24.26 25.44 -16.59
CA GLN D 368 -24.97 24.50 -15.74
C GLN D 368 -25.28 23.23 -16.53
N ASP D 369 -24.59 22.15 -16.21
CA ASP D 369 -24.85 20.85 -16.82
C ASP D 369 -24.29 19.77 -15.91
N SER D 370 -24.80 18.55 -16.09
CA SER D 370 -24.36 17.43 -15.27
C SER D 370 -22.89 17.09 -15.52
N ASN D 371 -22.48 17.08 -16.78
CA ASN D 371 -21.11 16.76 -17.14
C ASN D 371 -20.23 18.00 -17.09
N PRO D 372 -18.91 17.87 -16.87
CA PRO D 372 -18.05 19.05 -16.83
C PRO D 372 -17.51 19.48 -18.19
N TYR D 373 -17.64 18.65 -19.23
CA TYR D 373 -16.95 18.93 -20.49
C TYR D 373 -17.57 20.11 -21.22
N VAL D 374 -18.91 20.21 -21.24
CA VAL D 374 -19.53 21.34 -21.91
C VAL D 374 -19.24 22.63 -21.15
N ARG D 375 -19.18 22.56 -19.81
CA ARG D 375 -18.79 23.73 -19.03
C ARG D 375 -17.36 24.15 -19.35
N THR D 376 -16.46 23.18 -19.51
CA THR D 376 -15.09 23.49 -19.86
C THR D 376 -15.01 24.16 -21.24
N LYS D 377 -15.78 23.64 -22.20
CA LYS D 377 -15.79 24.24 -23.53
C LYS D 377 -16.35 25.66 -23.49
N ALA D 378 -17.40 25.88 -22.69
CA ALA D 378 -17.93 27.23 -22.52
C ALA D 378 -16.90 28.15 -21.88
N ILE D 379 -16.09 27.63 -20.95
CA ILE D 379 -15.05 28.44 -20.34
C ILE D 379 -13.98 28.82 -21.37
N GLN D 380 -13.59 27.88 -22.23
CA GLN D 380 -12.68 28.26 -23.32
C GLN D 380 -13.29 29.30 -24.24
N GLY D 381 -14.58 29.18 -24.55
CA GLY D 381 -15.22 30.19 -25.36
C GLY D 381 -15.20 31.57 -24.72
N CYS D 382 -15.49 31.61 -23.42
CA CYS D 382 -15.44 32.87 -22.67
C CYS D 382 -14.01 33.41 -22.63
N SER D 383 -13.02 32.52 -22.50
CA SER D 383 -11.63 32.94 -22.48
C SER D 383 -11.24 33.56 -23.81
N LYS D 384 -11.67 32.96 -24.91
CA LYS D 384 -11.41 33.55 -26.23
C LYS D 384 -12.08 34.92 -26.36
N ILE D 385 -13.32 35.02 -25.89
CA ILE D 385 -14.05 36.29 -25.98
C ILE D 385 -13.33 37.38 -25.21
N CYS D 386 -12.89 37.07 -23.98
CA CYS D 386 -12.23 38.09 -23.18
C CYS D 386 -10.82 38.37 -23.68
N ASP D 387 -10.17 37.39 -24.31
CA ASP D 387 -8.88 37.64 -24.93
C ASP D 387 -9.01 38.60 -26.11
N LEU D 388 -10.14 38.54 -26.81
CA LEU D 388 -10.43 39.57 -27.80
C LEU D 388 -10.46 40.94 -27.15
N SER D 389 -9.77 41.90 -27.78
CA SER D 389 -9.74 43.28 -27.30
C SER D 389 -10.87 44.03 -28.01
N SER D 390 -12.03 44.07 -27.37
CA SER D 390 -13.22 44.62 -28.00
C SER D 390 -14.20 45.06 -26.91
N LYS D 391 -15.46 45.27 -27.31
CA LYS D 391 -16.53 45.72 -26.44
C LYS D 391 -17.07 44.59 -25.59
N PHE D 392 -18.27 44.79 -25.02
CA PHE D 392 -18.96 43.83 -24.17
C PHE D 392 -18.31 43.73 -22.80
N ASN D 393 -18.02 44.88 -22.20
CA ASN D 393 -17.57 44.90 -20.80
C ASN D 393 -18.64 44.32 -19.88
N LYS D 394 -19.92 44.48 -20.24
CA LYS D 394 -20.98 43.84 -19.47
C LYS D 394 -20.86 42.32 -19.52
N SER D 395 -20.58 41.78 -20.70
CA SER D 395 -20.35 40.34 -20.82
C SER D 395 -19.10 39.92 -20.05
N LYS D 396 -18.07 40.77 -20.04
CA LYS D 396 -16.88 40.46 -19.26
C LYS D 396 -17.18 40.40 -17.76
N ALA D 397 -18.00 41.34 -17.27
CA ALA D 397 -18.40 41.31 -15.86
C ALA D 397 -19.24 40.07 -15.56
N LYS D 398 -20.13 39.70 -16.48
CA LYS D 398 -20.90 38.47 -16.30
C LYS D 398 -19.98 37.26 -16.27
N PHE D 399 -18.96 37.24 -17.13
CA PHE D 399 -17.98 36.16 -17.10
C PHE D 399 -17.25 36.11 -15.76
N THR D 400 -16.87 37.27 -15.24
CA THR D 400 -16.22 37.32 -13.94
C THR D 400 -17.11 36.74 -12.85
N SER D 401 -18.38 37.14 -12.84
CA SER D 401 -19.32 36.64 -11.84
C SER D 401 -19.51 35.13 -11.97
N LEU D 402 -19.66 34.64 -13.20
CA LEU D 402 -19.82 33.20 -13.40
C LEU D 402 -18.59 32.43 -12.95
N ALA D 403 -17.40 32.96 -13.24
CA ALA D 403 -16.18 32.28 -12.83
C ALA D 403 -16.04 32.24 -11.31
N VAL D 404 -16.32 33.35 -10.64
CA VAL D 404 -16.18 33.37 -9.18
C VAL D 404 -17.24 32.50 -8.54
N ARG D 405 -18.40 32.34 -9.21
CA ARG D 405 -19.43 31.46 -8.68
C ARG D 405 -19.10 29.99 -8.91
N SER D 406 -18.49 29.66 -10.04
CA SER D 406 -18.19 28.27 -10.39
C SER D 406 -16.81 27.81 -9.93
N LEU D 407 -16.03 28.67 -9.27
CA LEU D 407 -14.77 28.23 -8.70
C LEU D 407 -14.93 27.02 -7.79
N GLN D 408 -16.09 26.87 -7.15
CA GLN D 408 -16.33 25.77 -6.22
C GLN D 408 -16.92 24.54 -6.90
N ASP D 409 -16.68 24.35 -8.19
CA ASP D 409 -17.17 23.16 -8.87
C ASP D 409 -16.40 21.91 -8.40
N ARG D 410 -17.11 20.78 -8.40
CA ARG D 410 -16.49 19.51 -8.07
C ARG D 410 -15.55 19.01 -9.15
N SER D 411 -15.55 19.63 -10.33
CA SER D 411 -14.69 19.22 -11.43
C SER D 411 -13.37 19.99 -11.36
N SER D 412 -12.26 19.26 -11.23
CA SER D 412 -10.95 19.89 -11.19
C SER D 412 -10.66 20.60 -12.50
N LEU D 413 -11.05 20.00 -13.63
CA LEU D 413 -10.83 20.63 -14.92
C LEU D 413 -11.58 21.95 -15.02
N VAL D 414 -12.84 21.98 -14.59
CA VAL D 414 -13.63 23.20 -14.64
C VAL D 414 -13.04 24.25 -13.71
N ARG D 415 -12.57 23.83 -12.54
CA ARG D 415 -11.92 24.77 -11.63
C ARG D 415 -10.67 25.38 -12.26
N ARG D 416 -9.84 24.54 -12.90
CA ARG D 416 -8.64 25.03 -13.56
C ARG D 416 -8.99 26.03 -14.65
N ASN D 417 -9.99 25.71 -15.46
CA ASN D 417 -10.34 26.59 -16.56
C ASN D 417 -10.97 27.89 -16.06
N SER D 418 -11.75 27.84 -15.00
CA SER D 418 -12.30 29.07 -14.42
C SER D 418 -11.20 29.96 -13.86
N VAL D 419 -10.21 29.36 -13.19
CA VAL D 419 -9.11 30.16 -12.67
C VAL D 419 -8.28 30.75 -13.80
N LYS D 420 -8.10 29.99 -14.89
CA LYS D 420 -7.40 30.52 -16.06
C LYS D 420 -8.17 31.68 -16.68
N LEU D 421 -9.49 31.55 -16.75
CA LEU D 421 -10.34 32.65 -17.25
C LEU D 421 -10.19 33.87 -16.37
N LEU D 422 -10.19 33.70 -15.05
CA LEU D 422 -10.01 34.82 -14.15
C LEU D 422 -8.63 35.45 -14.29
N SER D 423 -7.61 34.63 -14.51
CA SER D 423 -6.26 35.15 -14.73
C SER D 423 -6.19 36.00 -16.00
N LYS D 424 -6.80 35.52 -17.07
CA LYS D 424 -6.82 36.30 -18.31
C LYS D 424 -7.65 37.58 -18.14
N LEU D 425 -8.72 37.51 -17.35
CA LEU D 425 -9.50 38.70 -17.03
C LEU D 425 -8.65 39.72 -16.29
N LEU D 426 -7.88 39.26 -15.30
CA LEU D 426 -6.98 40.17 -14.60
C LEU D 426 -5.94 40.76 -15.55
N LEU D 427 -5.45 39.96 -16.48
CA LEU D 427 -4.38 40.44 -17.37
C LEU D 427 -4.91 41.47 -18.37
N LYS D 428 -6.15 41.31 -18.84
CA LYS D 428 -6.70 42.18 -19.88
C LYS D 428 -8.03 42.81 -19.43
N HIS D 429 -8.11 43.21 -18.17
CA HIS D 429 -9.28 43.96 -17.71
C HIS D 429 -9.40 45.28 -18.46
N PRO D 430 -10.61 45.67 -18.85
CA PRO D 430 -10.78 46.95 -19.55
C PRO D 430 -10.50 48.16 -18.70
N PHE D 431 -10.46 48.02 -17.37
CA PHE D 431 -10.26 49.16 -16.50
C PHE D 431 -8.79 49.53 -16.39
N LYS D 432 -8.13 49.71 -17.54
CA LYS D 432 -6.73 50.12 -17.56
C LYS D 432 -6.40 51.12 -18.66
N ALA D 433 -7.39 51.57 -19.43
CA ALA D 433 -7.11 52.55 -20.49
C ALA D 433 -6.64 53.87 -19.92
N ILE D 434 -7.27 54.33 -18.84
CA ILE D 434 -6.91 55.58 -18.17
C ILE D 434 -6.77 55.31 -16.68
N HIS D 435 -6.24 56.31 -15.97
CA HIS D 435 -6.07 56.25 -14.52
C HIS D 435 -5.20 55.04 -14.11
N GLY D 436 -4.18 54.77 -14.91
CA GLY D 436 -3.25 53.70 -14.59
C GLY D 436 -3.81 52.32 -14.83
N SER D 437 -3.04 51.31 -14.41
CA SER D 437 -3.42 49.92 -14.54
C SER D 437 -3.38 49.16 -13.22
N GLN D 438 -3.09 49.83 -12.11
CA GLN D 438 -3.02 49.19 -10.81
C GLN D 438 -4.31 49.48 -10.03
N LEU D 439 -4.88 48.43 -9.44
CA LEU D 439 -6.13 48.54 -8.71
C LEU D 439 -5.90 48.24 -7.23
N ARG D 440 -6.47 49.06 -6.36
CA ARG D 440 -6.40 48.86 -4.92
C ARG D 440 -7.73 49.27 -4.32
N LEU D 441 -8.22 48.48 -3.36
CA LEU D 441 -9.55 48.72 -2.79
C LEU D 441 -9.63 50.08 -2.11
N SER D 442 -8.67 50.37 -1.22
CA SER D 442 -8.69 51.63 -0.48
C SER D 442 -8.55 52.82 -1.42
N GLU D 443 -7.65 52.74 -2.38
CA GLU D 443 -7.45 53.85 -3.31
C GLU D 443 -8.69 54.09 -4.15
N TRP D 444 -9.30 53.02 -4.68
CA TRP D 444 -10.49 53.19 -5.50
C TRP D 444 -11.66 53.73 -4.68
N GLU D 445 -11.79 53.27 -3.43
CA GLU D 445 -12.84 53.81 -2.56
C GLU D 445 -12.62 55.29 -2.29
N GLU D 446 -11.36 55.69 -2.06
CA GLU D 446 -11.05 57.10 -1.85
C GLU D 446 -11.40 57.93 -3.07
N TYR D 447 -11.04 57.43 -4.27
CA TYR D 447 -11.38 58.16 -5.49
C TYR D 447 -12.89 58.26 -5.68
N LEU D 448 -13.61 57.19 -5.38
CA LEU D 448 -15.07 57.22 -5.50
C LEU D 448 -15.68 58.23 -4.53
N LYS D 449 -15.20 58.26 -3.30
CA LYS D 449 -15.70 59.23 -2.33
C LYS D 449 -15.38 60.66 -2.76
N GLY D 450 -14.17 60.88 -3.29
CA GLY D 450 -13.83 62.20 -3.78
C GLY D 450 -14.71 62.65 -4.94
N SER D 451 -14.98 61.72 -5.87
CA SER D 451 -15.87 62.04 -6.98
C SER D 451 -17.28 62.34 -6.50
N GLU D 452 -17.78 61.56 -5.53
CA GLU D 452 -19.10 61.82 -4.97
C GLU D 452 -19.16 63.17 -4.28
N SER D 453 -18.11 63.53 -3.54
CA SER D 453 -18.07 64.82 -2.87
C SER D 453 -18.02 65.96 -3.89
N GLN D 454 -17.25 65.80 -4.97
CA GLN D 454 -17.19 66.81 -6.01
C GLN D 454 -18.52 66.96 -6.75
N LEU D 455 -19.23 65.86 -6.99
CA LEU D 455 -20.52 65.92 -7.65
C LEU D 455 -21.55 66.65 -6.79
N THR D 517 -25.43 69.56 -18.19
CA THR D 517 -25.58 68.60 -19.28
C THR D 517 -24.29 67.81 -19.48
N SER D 518 -23.28 68.47 -20.04
CA SER D 518 -22.00 67.80 -20.30
C SER D 518 -21.35 67.36 -18.99
N VAL D 519 -21.27 68.26 -18.01
CA VAL D 519 -20.67 67.90 -16.73
C VAL D 519 -21.51 66.85 -16.01
N LEU D 520 -22.83 66.95 -16.12
CA LEU D 520 -23.70 65.96 -15.48
C LEU D 520 -23.45 64.58 -16.04
N MET D 521 -23.40 64.46 -17.37
CA MET D 521 -23.17 63.15 -17.98
C MET D 521 -21.75 62.65 -17.71
N LYS D 522 -20.77 63.55 -17.66
CA LYS D 522 -19.41 63.13 -17.32
C LYS D 522 -19.35 62.55 -15.92
N LEU D 523 -19.98 63.22 -14.95
CA LEU D 523 -20.00 62.72 -13.58
C LEU D 523 -20.77 61.40 -13.49
N LYS D 524 -21.89 61.28 -14.23
CA LYS D 524 -22.63 60.03 -14.21
C LYS D 524 -21.80 58.88 -14.76
N LEU D 525 -21.11 59.10 -15.88
CA LEU D 525 -20.26 58.06 -16.44
C LEU D 525 -19.11 57.71 -15.50
N MET D 526 -18.51 58.71 -14.87
CA MET D 526 -17.42 58.42 -13.92
C MET D 526 -17.92 57.60 -12.74
N ILE D 527 -19.11 57.94 -12.21
CA ILE D 527 -19.66 57.19 -11.09
C ILE D 527 -19.96 55.75 -11.51
N VAL D 528 -20.53 55.56 -12.70
CA VAL D 528 -20.82 54.21 -13.18
C VAL D 528 -19.52 53.41 -13.34
N TYR D 529 -18.49 54.04 -13.92
CA TYR D 529 -17.21 53.39 -14.10
C TYR D 529 -16.60 52.99 -12.76
N TYR D 530 -16.65 53.89 -11.78
CA TYR D 530 -16.08 53.60 -10.47
C TYR D 530 -16.84 52.48 -9.76
N LYS D 531 -18.17 52.47 -9.87
CA LYS D 531 -18.95 51.40 -9.27
C LYS D 531 -18.63 50.06 -9.93
N ASP D 532 -18.51 50.04 -11.26
CA ASP D 532 -18.15 48.81 -11.95
C ASP D 532 -16.77 48.32 -11.52
N ALA D 533 -15.81 49.24 -11.41
CA ALA D 533 -14.47 48.87 -10.97
C ALA D 533 -14.48 48.32 -9.55
N ILE D 534 -15.26 48.94 -8.66
CA ILE D 534 -15.35 48.46 -7.29
C ILE D 534 -15.94 47.06 -7.24
N SER D 535 -17.01 46.82 -8.02
CA SER D 535 -17.59 45.48 -8.07
C SER D 535 -16.61 44.47 -8.61
N PHE D 536 -15.87 44.83 -9.67
CA PHE D 536 -14.87 43.94 -10.24
C PHE D 536 -13.78 43.60 -9.23
N ILE D 537 -13.31 44.61 -8.48
CA ILE D 537 -12.25 44.38 -7.51
C ILE D 537 -12.76 43.52 -6.36
N LYS D 538 -14.00 43.72 -5.92
CA LYS D 538 -14.57 42.86 -4.88
C LYS D 538 -14.67 41.42 -5.35
N GLU D 539 -15.11 41.21 -6.60
CA GLU D 539 -15.20 39.86 -7.14
C GLU D 539 -13.82 39.24 -7.25
N ILE D 540 -12.82 40.01 -7.66
CA ILE D 540 -11.45 39.48 -7.74
C ILE D 540 -10.93 39.12 -6.35
N HIS D 541 -11.22 39.94 -5.34
CA HIS D 541 -10.79 39.63 -3.99
C HIS D 541 -11.43 38.32 -3.50
N LYS D 542 -12.72 38.15 -3.76
CA LYS D 542 -13.40 36.91 -3.40
C LYS D 542 -12.79 35.73 -4.13
N SER D 543 -12.50 35.89 -5.42
CA SER D 543 -11.89 34.82 -6.19
C SER D 543 -10.51 34.44 -5.66
N ILE D 544 -9.71 35.45 -5.30
CA ILE D 544 -8.38 35.18 -4.75
C ILE D 544 -8.49 34.43 -3.43
N GLU D 545 -9.42 34.85 -2.57
CA GLU D 545 -9.60 34.14 -1.30
C GLU D 545 -10.00 32.68 -1.54
N LEU D 546 -10.94 32.46 -2.46
CA LEU D 546 -11.38 31.10 -2.74
C LEU D 546 -10.27 30.26 -3.35
N ILE D 547 -9.45 30.87 -4.23
CA ILE D 547 -8.36 30.13 -4.85
C ILE D 547 -7.28 29.80 -3.83
N SER D 548 -7.00 30.73 -2.91
CA SER D 548 -6.06 30.42 -1.84
C SER D 548 -6.56 29.28 -0.97
N ASN D 549 -7.87 29.25 -0.69
CA ASN D 549 -8.45 28.14 0.04
C ASN D 549 -8.31 26.83 -0.74
N LEU D 550 -8.59 26.87 -2.04
CA LEU D 550 -8.60 25.68 -2.89
C LEU D 550 -7.20 25.18 -3.27
N LEU D 551 -6.17 26.01 -3.10
CA LEU D 551 -4.82 25.67 -3.56
C LEU D 551 -4.38 24.29 -3.07
N PHE D 552 -4.75 23.92 -1.84
CA PHE D 552 -4.41 22.60 -1.32
C PHE D 552 -5.30 21.57 -2.00
N SER D 553 -4.92 21.20 -3.22
CA SER D 553 -5.69 20.29 -4.06
C SER D 553 -4.77 19.19 -4.59
N LYS D 554 -5.38 18.06 -4.95
CA LYS D 554 -4.61 16.91 -5.40
C LYS D 554 -4.04 17.11 -6.80
N ASN D 555 -4.73 17.85 -7.65
CA ASN D 555 -4.34 17.94 -9.06
C ASN D 555 -3.11 18.85 -9.21
N ARG D 556 -2.05 18.29 -9.80
CA ARG D 556 -0.81 19.03 -9.98
C ARG D 556 -1.01 20.21 -10.93
N ASN D 557 -1.73 19.99 -12.04
CA ASN D 557 -1.99 21.08 -12.97
C ASN D 557 -2.84 22.17 -12.33
N GLU D 558 -3.83 21.78 -11.53
CA GLU D 558 -4.64 22.76 -10.82
C GLU D 558 -3.80 23.57 -9.86
N VAL D 559 -2.91 22.92 -9.12
CA VAL D 559 -2.04 23.63 -8.19
C VAL D 559 -1.16 24.62 -8.94
N LEU D 560 -0.58 24.18 -10.06
CA LEU D 560 0.31 25.05 -10.83
C LEU D 560 -0.43 26.27 -11.36
N GLU D 561 -1.65 26.06 -11.89
CA GLU D 561 -2.37 27.18 -12.47
C GLU D 561 -2.91 28.12 -11.39
N SER D 562 -3.29 27.60 -10.23
CA SER D 562 -3.66 28.48 -9.12
C SER D 562 -2.47 29.29 -8.63
N MET D 563 -1.28 28.68 -8.60
CA MET D 563 -0.07 29.40 -8.23
C MET D 563 0.22 30.52 -9.23
N ASP D 564 0.08 30.23 -10.53
CA ASP D 564 0.28 31.25 -11.54
C ASP D 564 -0.73 32.40 -11.38
N PHE D 565 -1.99 32.07 -11.10
CA PHE D 565 -2.99 33.11 -10.86
C PHE D 565 -2.63 33.95 -9.65
N LEU D 566 -2.18 33.32 -8.57
CA LEU D 566 -1.80 34.07 -7.38
C LEU D 566 -0.61 34.98 -7.65
N VAL D 567 0.36 34.49 -8.43
CA VAL D 567 1.51 35.32 -8.78
C VAL D 567 1.08 36.53 -9.60
N LEU D 568 0.18 36.31 -10.56
CA LEU D 568 -0.30 37.42 -11.37
C LEU D 568 -1.08 38.42 -10.52
N ALA D 569 -1.89 37.92 -9.58
CA ALA D 569 -2.64 38.81 -8.70
C ALA D 569 -1.71 39.62 -7.81
N ASP D 570 -0.63 39.00 -7.33
CA ASP D 570 0.34 39.74 -6.52
C ASP D 570 1.08 40.79 -7.36
N ALA D 571 1.40 40.45 -8.62
CA ALA D 571 2.03 41.41 -9.51
C ALA D 571 1.12 42.61 -9.77
N PHE D 572 -0.16 42.35 -10.02
CA PHE D 572 -1.16 43.41 -10.10
C PHE D 572 -1.64 43.71 -8.68
N ASP D 573 -0.84 44.52 -7.98
CA ASP D 573 -0.87 44.68 -6.52
C ASP D 573 -2.28 44.68 -5.96
N ILE D 574 -2.53 43.77 -5.02
CA ILE D 574 -3.81 43.60 -4.37
C ILE D 574 -3.55 43.38 -2.88
N GLU D 575 -4.43 43.95 -2.03
CA GLU D 575 -4.21 43.93 -0.59
C GLU D 575 -4.15 42.50 -0.05
N LEU D 576 -5.05 41.62 -0.49
CA LEU D 576 -5.08 40.25 0.02
C LEU D 576 -4.11 39.32 -0.71
N SER D 577 -3.38 39.81 -1.71
CA SER D 577 -2.48 38.96 -2.47
C SER D 577 -1.43 38.31 -1.59
N GLU D 578 -0.87 39.08 -0.65
CA GLU D 578 0.10 38.52 0.28
C GLU D 578 -0.46 37.29 0.98
N PHE D 579 -1.76 37.29 1.27
CA PHE D 579 -2.37 36.10 1.87
C PHE D 579 -2.06 34.86 1.01
N GLY D 580 -2.44 34.91 -0.26
CA GLY D 580 -2.13 33.80 -1.15
C GLY D 580 -0.64 33.54 -1.22
N ILE D 581 0.17 34.59 -1.17
CA ILE D 581 1.62 34.40 -1.23
C ILE D 581 2.05 33.53 -0.08
N LYS D 582 1.53 33.81 1.11
CA LYS D 582 1.86 33.00 2.27
C LYS D 582 1.38 31.57 2.07
N LYS D 583 0.18 31.43 1.51
CA LYS D 583 -0.29 30.08 1.21
C LYS D 583 0.72 29.36 0.33
N MET D 584 1.25 30.05 -0.66
CA MET D 584 2.23 29.45 -1.56
C MET D 584 3.49 29.08 -0.83
N LEU D 585 3.91 29.95 0.10
CA LEU D 585 5.06 29.64 0.95
C LEU D 585 4.81 28.36 1.74
N HIS D 586 3.54 28.12 2.06
CA HIS D 586 3.15 26.94 2.82
C HIS D 586 3.10 25.68 1.95
N LEU D 587 3.27 25.81 0.64
CA LEU D 587 3.24 24.66 -0.26
C LEU D 587 4.48 23.79 -0.18
N VAL D 588 5.52 24.24 0.52
CA VAL D 588 6.75 23.47 0.68
C VAL D 588 6.42 22.23 1.51
N TRP D 589 7.32 21.23 1.49
CA TRP D 589 7.24 19.92 2.13
C TRP D 589 6.36 18.97 1.32
N MET D 590 5.88 19.38 0.14
CA MET D 590 5.10 18.50 -0.73
C MET D 590 5.99 17.62 -1.61
N LYS D 591 7.28 17.92 -1.71
CA LYS D 591 8.21 17.13 -2.50
C LYS D 591 8.30 15.70 -1.98
N SER D 599 7.06 18.80 -9.89
CA SER D 599 7.18 20.05 -10.64
C SER D 599 6.65 21.23 -9.82
N ILE D 600 5.83 20.91 -8.82
CA ILE D 600 5.24 21.96 -7.98
C ILE D 600 6.34 22.71 -7.23
N SER D 601 7.33 21.99 -6.70
CA SER D 601 8.39 22.63 -5.95
C SER D 601 9.21 23.57 -6.83
N VAL D 602 9.57 23.12 -8.02
CA VAL D 602 10.38 23.96 -8.91
C VAL D 602 9.57 25.15 -9.39
N HIS D 603 8.26 24.96 -9.63
CA HIS D 603 7.43 26.10 -9.99
C HIS D 603 7.33 27.10 -8.85
N LEU D 604 7.21 26.63 -7.61
CA LEU D 604 7.17 27.54 -6.47
C LEU D 604 8.47 28.32 -6.35
N ILE D 605 9.59 27.64 -6.54
CA ILE D 605 10.89 28.32 -6.51
C ILE D 605 10.95 29.40 -7.58
N GLU D 606 10.52 29.06 -8.80
CA GLU D 606 10.57 30.03 -9.90
C GLU D 606 9.65 31.22 -9.65
N CYS D 607 8.44 30.97 -9.15
CA CYS D 607 7.52 32.06 -8.85
C CYS D 607 8.06 32.97 -7.75
N TYR D 608 8.64 32.39 -6.70
CA TYR D 608 9.18 33.24 -5.64
C TYR D 608 10.41 33.99 -6.10
N LYS D 609 11.22 33.38 -6.97
CA LYS D 609 12.28 34.11 -7.64
C LYS D 609 11.73 35.35 -8.33
N GLN D 610 10.80 35.13 -9.27
CA GLN D 610 10.22 36.24 -10.03
C GLN D 610 9.59 37.28 -9.13
N LEU D 611 9.03 36.87 -7.99
CA LEU D 611 8.35 37.81 -7.11
C LEU D 611 9.34 38.66 -6.33
N PHE D 612 10.42 38.07 -5.82
CA PHE D 612 11.26 38.77 -4.85
C PHE D 612 12.67 39.07 -5.34
N LEU D 613 13.34 38.11 -5.97
CA LEU D 613 14.77 38.24 -6.23
C LEU D 613 15.09 39.02 -7.49
N THR D 614 14.08 39.47 -8.23
CA THR D 614 14.30 40.24 -9.46
C THR D 614 14.16 41.72 -9.15
N ALA D 615 15.02 42.52 -9.79
CA ALA D 615 15.07 43.95 -9.62
C ALA D 615 15.04 44.62 -10.99
N PRO D 616 14.59 45.87 -11.07
CA PRO D 616 14.58 46.57 -12.36
C PRO D 616 15.99 46.69 -12.93
N ASP D 617 16.07 46.62 -14.26
CA ASP D 617 17.35 46.64 -14.95
C ASP D 617 18.09 47.96 -14.77
N SER D 618 17.38 49.03 -14.37
CA SER D 618 18.04 50.32 -14.17
C SER D 618 19.05 50.25 -13.03
N CYS D 619 18.70 49.55 -11.95
CA CYS D 619 19.59 49.47 -10.79
C CYS D 619 20.80 48.60 -11.10
N ASN D 620 21.89 48.84 -10.37
CA ASN D 620 23.12 48.08 -10.55
C ASN D 620 23.10 46.84 -9.69
N MET D 621 24.22 46.12 -9.64
CA MET D 621 24.30 44.87 -8.89
C MET D 621 24.15 45.12 -7.39
N GLN D 622 24.78 46.19 -6.89
CA GLN D 622 24.66 46.51 -5.46
C GLN D 622 23.22 46.82 -5.08
N GLU D 623 22.53 47.61 -5.91
CA GLU D 623 21.14 47.93 -5.62
C GLU D 623 20.24 46.69 -5.75
N LYS D 624 20.53 45.81 -6.70
CA LYS D 624 19.76 44.56 -6.80
C LYS D 624 19.94 43.71 -5.56
N ALA D 625 21.17 43.60 -5.07
CA ALA D 625 21.42 42.85 -3.84
C ALA D 625 20.71 43.49 -2.66
N ALA D 626 20.74 44.83 -2.58
CA ALA D 626 20.04 45.52 -1.50
C ALA D 626 18.54 45.28 -1.56
N HIS D 627 17.96 45.31 -2.77
CA HIS D 627 16.54 45.04 -2.92
C HIS D 627 16.20 43.61 -2.49
N ILE D 628 17.04 42.65 -2.88
CA ILE D 628 16.82 41.26 -2.49
C ILE D 628 16.88 41.11 -0.97
N ALA D 629 17.87 41.76 -0.34
CA ALA D 629 17.98 41.70 1.11
C ALA D 629 16.77 42.32 1.80
N LYS D 630 16.30 43.47 1.29
CA LYS D 630 15.13 44.10 1.87
C LYS D 630 13.89 43.24 1.70
N ASN D 631 13.73 42.60 0.55
CA ASN D 631 12.60 41.70 0.35
C ASN D 631 12.65 40.52 1.32
N LEU D 632 13.84 39.94 1.51
CA LEU D 632 13.98 38.84 2.47
C LEU D 632 13.66 39.31 3.88
N ILE D 633 14.13 40.50 4.26
CA ILE D 633 13.86 41.03 5.59
C ILE D 633 12.37 41.26 5.79
N ASN D 634 11.69 41.83 4.78
CA ASN D 634 10.25 42.05 4.88
C ASN D 634 9.49 40.74 4.97
N LEU D 635 9.92 39.72 4.23
CA LEU D 635 9.31 38.39 4.36
C LEU D 635 9.51 37.80 5.74
N SER D 636 10.70 37.96 6.33
CA SER D 636 10.99 37.38 7.62
C SER D 636 10.37 38.10 8.81
N ILE D 637 10.22 39.42 8.74
CA ILE D 637 9.68 40.15 9.90
C ILE D 637 8.23 39.74 10.17
N GLY D 638 7.42 39.61 9.13
CA GLY D 638 6.05 39.18 9.31
C GLY D 638 5.87 37.71 9.03
N ALA D 639 5.86 36.88 10.07
CA ALA D 639 5.75 35.44 9.89
C ALA D 639 5.37 34.80 11.22
N SER D 640 4.85 33.59 11.12
CA SER D 640 4.58 32.75 12.28
C SER D 640 5.60 31.62 12.34
N ILE D 641 5.40 30.69 13.28
CA ILE D 641 6.31 29.55 13.39
C ILE D 641 6.27 28.70 12.12
N ALA D 642 5.07 28.41 11.62
CA ALA D 642 4.94 27.63 10.40
C ALA D 642 5.53 28.38 9.20
N ASP D 643 5.31 29.69 9.13
CA ASP D 643 5.86 30.48 8.04
C ASP D 643 7.38 30.46 8.06
N LEU D 644 7.98 30.60 9.24
CA LEU D 644 9.43 30.55 9.36
C LEU D 644 9.97 29.17 9.00
N ALA D 645 9.27 28.11 9.43
CA ALA D 645 9.70 26.76 9.08
C ALA D 645 9.68 26.55 7.58
N SER D 646 8.63 27.04 6.91
CA SER D 646 8.57 26.93 5.45
C SER D 646 9.67 27.76 4.79
N LEU D 647 9.90 28.98 5.28
CA LEU D 647 10.91 29.86 4.69
C LEU D 647 12.31 29.29 4.85
N GLU D 648 12.57 28.56 5.94
CA GLU D 648 13.86 27.92 6.11
C GLU D 648 14.19 27.02 4.93
N GLN D 649 13.27 26.11 4.59
CA GLN D 649 13.51 25.20 3.46
C GLN D 649 13.46 25.94 2.14
N LEU D 650 12.62 26.97 2.02
CA LEU D 650 12.60 27.76 0.79
C LEU D 650 13.96 28.38 0.52
N LEU D 651 14.55 29.02 1.53
CA LEU D 651 15.86 29.64 1.37
C LEU D 651 16.95 28.58 1.20
N GLY D 652 16.81 27.42 1.83
CA GLY D 652 17.77 26.36 1.60
C GLY D 652 17.78 25.91 0.15
N MET D 653 16.59 25.70 -0.42
CA MET D 653 16.50 25.32 -1.83
C MET D 653 17.02 26.43 -2.73
N MET D 654 16.73 27.69 -2.40
CA MET D 654 17.25 28.80 -3.19
C MET D 654 18.77 28.84 -3.16
N TYR D 655 19.37 28.63 -2.00
CA TYR D 655 20.82 28.65 -1.91
C TYR D 655 21.44 27.46 -2.64
N GLU D 656 20.77 26.30 -2.59
CA GLU D 656 21.26 25.14 -3.35
C GLU D 656 21.21 25.40 -4.85
N GLN D 657 20.14 26.03 -5.32
CA GLN D 657 20.02 26.36 -6.74
C GLN D 657 20.80 27.61 -7.13
N LYS D 658 21.39 28.30 -6.15
CA LYS D 658 22.34 29.39 -6.35
C LYS D 658 21.64 30.68 -6.79
N LEU D 659 20.43 30.90 -6.29
CA LEU D 659 19.74 32.17 -6.48
C LEU D 659 20.14 33.22 -5.45
N ILE D 660 20.91 32.85 -4.44
CA ILE D 660 21.34 33.74 -3.37
C ILE D 660 22.86 33.86 -3.44
N ASP D 661 23.37 35.08 -3.46
CA ASP D 661 24.76 35.33 -3.79
C ASP D 661 25.52 36.00 -2.64
N GLN D 662 26.84 36.07 -2.83
CA GLN D 662 27.71 36.66 -1.82
C GLN D 662 27.41 38.12 -1.58
N HIS D 663 26.91 38.83 -2.61
CA HIS D 663 26.59 40.24 -2.44
C HIS D 663 25.47 40.43 -1.41
N VAL D 664 24.39 39.66 -1.56
CA VAL D 664 23.30 39.77 -0.58
C VAL D 664 23.74 39.24 0.76
N ILE D 665 24.59 38.21 0.78
CA ILE D 665 25.10 37.70 2.05
C ILE D 665 25.88 38.79 2.79
N ASN D 666 26.75 39.49 2.06
CA ASN D 666 27.57 40.54 2.67
C ASN D 666 26.71 41.71 3.12
N ILE D 667 25.69 42.09 2.34
CA ILE D 667 24.87 43.22 2.78
C ILE D 667 24.03 42.83 4.00
N LEU D 668 23.57 41.58 4.07
CA LEU D 668 22.89 41.13 5.29
C LEU D 668 23.83 41.15 6.48
N TRP D 669 25.06 40.71 6.30
CA TRP D 669 26.03 40.75 7.39
C TRP D 669 26.30 42.18 7.82
N ALA D 670 26.42 43.10 6.86
CA ALA D 670 26.66 44.50 7.20
C ALA D 670 25.49 45.11 7.96
N ILE D 671 24.26 44.83 7.54
CA ILE D 671 23.10 45.39 8.23
C ILE D 671 22.97 44.77 9.62
N TYR D 672 23.33 43.50 9.76
CA TYR D 672 23.34 42.87 11.08
C TYR D 672 24.37 43.51 12.00
N ASN D 673 25.57 43.78 11.47
CA ASN D 673 26.63 44.39 12.28
C ASN D 673 26.35 45.85 12.61
N SER D 674 25.56 46.53 11.76
CA SER D 674 25.23 47.93 12.01
C SER D 674 24.33 48.15 13.21
N ALA D 675 23.98 47.09 13.95
CA ALA D 675 23.15 47.26 15.13
C ALA D 675 23.86 48.10 16.20
N SER D 676 25.14 47.88 16.38
CA SER D 676 25.92 48.64 17.37
C SER D 676 26.07 50.10 16.94
N GLY D 694 17.95 50.40 6.80
CA GLY D 694 17.31 51.20 7.83
C GLY D 694 17.71 50.79 9.24
N PHE D 695 17.01 51.36 10.23
CA PHE D 695 17.30 51.06 11.63
C PHE D 695 16.00 51.12 12.43
N SER D 696 15.40 49.95 12.65
CA SER D 696 14.26 49.82 13.54
C SER D 696 14.31 48.54 14.36
N LYS D 697 15.39 47.76 14.25
CA LYS D 697 15.66 46.51 14.96
C LYS D 697 14.78 45.37 14.46
N GLU D 698 13.71 45.70 13.73
CA GLU D 698 12.96 44.64 13.08
C GLU D 698 13.69 44.15 11.85
N GLN D 699 14.33 45.07 11.12
CA GLN D 699 15.19 44.67 10.01
C GLN D 699 16.39 43.88 10.52
N ILE D 700 16.91 44.23 11.70
CA ILE D 700 18.02 43.48 12.29
C ILE D 700 17.59 42.05 12.62
N HIS D 701 16.42 41.90 13.24
CA HIS D 701 15.90 40.57 13.52
C HIS D 701 15.67 39.78 12.23
N GLY D 702 15.11 40.42 11.21
CA GLY D 702 14.90 39.75 9.94
C GLY D 702 16.21 39.31 9.30
N SER D 703 17.22 40.17 9.33
CA SER D 703 18.51 39.84 8.74
C SER D 703 19.15 38.67 9.47
N ILE D 704 19.09 38.67 10.80
CA ILE D 704 19.70 37.56 11.54
C ILE D 704 18.92 36.27 11.33
N ILE D 705 17.59 36.34 11.17
CA ILE D 705 16.82 35.15 10.86
C ILE D 705 17.20 34.60 9.49
N ILE D 706 17.35 35.49 8.51
CA ILE D 706 17.75 35.05 7.17
C ILE D 706 19.15 34.45 7.20
N LEU D 707 20.06 35.04 7.99
CA LEU D 707 21.40 34.50 8.12
C LEU D 707 21.38 33.12 8.75
N GLY D 708 20.55 32.92 9.78
CA GLY D 708 20.42 31.60 10.37
C GLY D 708 19.86 30.58 9.40
N MET D 709 18.87 30.99 8.60
CA MET D 709 18.32 30.09 7.60
C MET D 709 19.37 29.71 6.56
N LEU D 710 20.16 30.68 6.11
CA LEU D 710 21.23 30.40 5.15
C LEU D 710 22.31 29.53 5.77
N SER D 711 22.60 29.70 7.06
CA SER D 711 23.54 28.84 7.74
C SER D 711 23.03 27.40 7.83
N LEU D 712 21.74 27.24 8.12
CA LEU D 712 21.13 25.90 8.10
C LEU D 712 21.25 25.29 6.72
N ALA D 713 21.04 26.10 5.68
CA ALA D 713 21.24 25.62 4.31
C ALA D 713 22.67 25.14 4.10
N ASP D 714 23.64 26.05 4.20
CA ASP D 714 25.06 25.73 4.12
C ASP D 714 25.80 26.41 5.26
N ASN D 715 26.75 25.70 5.85
CA ASN D 715 27.40 26.16 7.09
C ASN D 715 28.56 27.13 6.85
N GLU D 716 28.97 27.34 5.60
CA GLU D 716 30.07 28.26 5.33
C GLU D 716 29.69 29.69 5.70
N ILE D 717 28.42 30.05 5.51
CA ILE D 717 27.95 31.39 5.85
C ILE D 717 28.10 31.64 7.34
N ALA D 718 27.75 30.65 8.16
CA ALA D 718 27.91 30.79 9.60
C ALA D 718 29.38 30.72 10.02
N LEU D 719 30.17 29.90 9.33
CA LEU D 719 31.60 29.83 9.65
C LEU D 719 32.27 31.17 9.43
N LYS D 720 31.97 31.83 8.32
CA LYS D 720 32.40 33.21 8.12
C LYS D 720 31.55 34.15 8.98
N GLY D 721 32.12 35.31 9.29
CA GLY D 721 31.43 36.26 10.14
C GLY D 721 31.32 35.84 11.59
N LEU D 722 32.14 34.88 12.02
CA LEU D 722 32.11 34.46 13.42
C LEU D 722 32.50 35.60 14.35
N GLU D 723 33.50 36.40 13.96
CA GLU D 723 33.89 37.54 14.78
C GLU D 723 32.76 38.55 14.91
N SER D 724 32.07 38.84 13.80
CA SER D 724 30.95 39.76 13.84
C SER D 724 29.82 39.22 14.72
N LEU D 725 29.55 37.92 14.60
CA LEU D 725 28.52 37.30 15.44
C LEU D 725 28.89 37.44 16.92
N LEU D 726 30.13 37.10 17.28
CA LEU D 726 30.53 37.16 18.68
C LEU D 726 30.57 38.59 19.19
N ASN D 727 30.83 39.57 18.31
CA ASN D 727 30.83 40.96 18.74
C ASN D 727 29.42 41.51 18.92
N ILE D 728 28.47 41.10 18.08
CA ILE D 728 27.15 41.70 18.11
C ILE D 728 26.20 40.91 19.02
N GLY D 729 25.96 39.65 18.69
CA GLY D 729 24.99 38.89 19.46
C GLY D 729 25.51 38.33 20.77
N LEU D 730 26.83 38.25 20.92
CA LEU D 730 27.45 37.74 22.13
C LEU D 730 28.10 38.84 22.96
N GLY D 731 27.84 40.10 22.62
CA GLY D 731 28.49 41.20 23.32
C GLY D 731 27.52 42.20 23.95
N ALA D 732 27.78 43.49 23.71
CA ALA D 732 26.97 44.53 24.35
C ALA D 732 25.52 44.48 23.87
N VAL D 733 25.31 44.36 22.57
CA VAL D 733 23.96 44.31 22.03
C VAL D 733 23.27 43.01 22.46
N GLY D 734 24.03 41.92 22.53
CA GLY D 734 23.45 40.66 22.97
C GLY D 734 22.98 40.70 24.40
N LEU D 735 23.73 41.41 25.27
CA LEU D 735 23.27 41.59 26.64
C LEU D 735 22.13 42.60 26.73
N LYS D 736 22.10 43.59 25.83
CA LYS D 736 21.03 44.58 25.84
C LYS D 736 19.69 43.93 25.47
N ASP D 737 19.60 43.36 24.27
CA ASP D 737 18.40 42.65 23.85
C ASP D 737 18.72 41.18 23.62
N LEU D 738 17.77 40.31 23.95
CA LEU D 738 18.03 38.88 24.04
C LEU D 738 17.49 38.09 22.85
N THR D 739 16.52 38.62 22.10
CA THR D 739 16.08 37.92 20.89
C THR D 739 17.22 37.81 19.88
N LEU D 740 17.99 38.89 19.71
CA LEU D 740 19.13 38.85 18.81
C LEU D 740 20.19 37.87 19.31
N CYS D 741 20.39 37.82 20.64
CA CYS D 741 21.33 36.85 21.20
C CYS D 741 20.89 35.42 20.95
N ARG D 742 19.59 35.16 21.09
CA ARG D 742 19.05 33.82 20.80
C ARG D 742 19.25 33.47 19.33
N TYR D 743 19.01 34.42 18.44
CA TYR D 743 19.22 34.17 17.01
C TYR D 743 20.69 33.92 16.70
N SER D 744 21.58 34.67 17.35
CA SER D 744 23.02 34.45 17.16
C SER D 744 23.44 33.07 17.69
N CYS D 745 22.88 32.64 18.82
CA CYS D 745 23.17 31.31 19.35
C CYS D 745 22.67 30.23 18.40
N LEU D 746 21.48 30.44 17.82
CA LEU D 746 20.96 29.49 16.84
C LEU D 746 21.87 29.41 15.62
N ALA D 747 22.35 30.56 15.15
CA ALA D 747 23.28 30.56 14.02
C ALA D 747 24.58 29.85 14.37
N LEU D 748 25.09 30.08 15.58
CA LEU D 748 26.31 29.39 16.01
C LEU D 748 26.10 27.88 16.08
N GLU D 749 24.95 27.44 16.57
CA GLU D 749 24.65 26.01 16.60
C GLU D 749 24.57 25.44 15.19
N ARG D 750 23.91 26.16 14.28
CA ARG D 750 23.81 25.69 12.90
C ARG D 750 25.14 25.74 12.16
N MET D 751 26.10 26.52 12.67
CA MET D 751 27.42 26.58 12.06
C MET D 751 28.06 25.19 11.93
N VAL D 752 27.90 24.36 12.95
CA VAL D 752 28.44 23.00 12.90
C VAL D 752 27.38 22.07 12.33
N PRO D 753 27.71 21.24 11.33
CA PRO D 753 26.76 20.31 10.72
C PRO D 753 26.43 19.12 11.61
N ILE D 763 36.62 22.58 12.95
CA ILE D 763 36.60 23.89 13.59
C ILE D 763 37.90 24.14 14.34
N ASN D 764 38.44 25.35 14.21
CA ASN D 764 39.67 25.70 14.91
C ASN D 764 39.43 25.71 16.42
N GLN D 765 40.45 25.28 17.16
CA GLN D 765 40.33 25.18 18.62
C GLN D 765 40.13 26.55 19.25
N GLU D 766 40.85 27.56 18.76
CA GLU D 766 40.70 28.91 19.31
C GLU D 766 39.29 29.45 19.09
N LEU D 767 38.75 29.29 17.87
CA LEU D 767 37.39 29.71 17.62
C LEU D 767 36.41 28.95 18.51
N GLU D 768 36.62 27.63 18.65
CA GLU D 768 35.72 26.82 19.45
C GLU D 768 35.68 27.27 20.90
N ASP D 769 36.85 27.45 21.52
CA ASP D 769 36.81 27.74 22.95
C ASP D 769 36.44 29.20 23.20
N VAL D 770 36.72 30.11 22.26
CA VAL D 770 36.25 31.48 22.47
C VAL D 770 34.73 31.55 22.36
N ALA D 771 34.13 30.81 21.42
CA ALA D 771 32.68 30.75 21.34
C ALA D 771 32.10 30.09 22.59
N VAL D 772 32.75 29.04 23.08
CA VAL D 772 32.28 28.36 24.29
C VAL D 772 32.32 29.31 25.48
N LYS D 773 33.40 30.08 25.61
CA LYS D 773 33.52 31.02 26.72
C LYS D 773 32.47 32.12 26.64
N LYS D 774 32.21 32.63 25.43
CA LYS D 774 31.19 33.66 25.29
C LYS D 774 29.80 33.12 25.64
N LEU D 775 29.49 31.90 25.19
CA LEU D 775 28.21 31.28 25.55
C LEU D 775 28.12 31.05 27.06
N TYR D 776 29.21 30.59 27.66
CA TYR D 776 29.27 30.41 29.11
C TYR D 776 28.99 31.70 29.83
N ALA D 777 29.62 32.79 29.40
CA ALA D 777 29.44 34.08 30.05
C ALA D 777 27.99 34.57 29.91
N ILE D 778 27.41 34.42 28.71
CA ILE D 778 26.04 34.92 28.53
C ILE D 778 25.04 34.07 29.32
N ILE D 779 25.32 32.78 29.50
CA ILE D 779 24.42 31.96 30.32
C ILE D 779 24.56 32.33 31.80
N ILE D 780 25.81 32.55 32.26
CA ILE D 780 26.02 32.91 33.66
C ILE D 780 25.42 34.28 33.96
N ASN D 781 25.45 35.20 33.00
CA ASN D 781 24.98 36.57 33.25
C ASN D 781 23.55 36.57 33.75
N TYR D 782 23.30 37.35 34.79
CA TYR D 782 22.01 37.41 35.46
C TYR D 782 21.15 38.51 34.85
N THR D 783 19.97 38.12 34.38
CA THR D 783 19.00 39.06 33.82
C THR D 783 17.63 38.78 34.41
N LYS D 784 16.90 39.85 34.75
CA LYS D 784 15.54 39.71 35.26
C LYS D 784 14.51 39.56 34.15
N ASP D 785 14.88 39.81 32.91
CA ASP D 785 13.93 39.74 31.80
C ASP D 785 13.50 38.29 31.57
N ASN D 786 12.24 38.12 31.17
CA ASN D 786 11.71 36.79 30.85
C ASN D 786 12.27 36.24 29.56
N GLU D 787 12.98 37.05 28.77
CA GLU D 787 13.60 36.57 27.53
C GLU D 787 14.77 35.64 27.79
N TYR D 788 15.22 35.51 29.04
CA TYR D 788 16.37 34.65 29.32
C TYR D 788 16.06 33.19 29.04
N TYR D 789 14.85 32.74 29.36
CA TYR D 789 14.51 31.34 29.14
C TYR D 789 14.51 30.93 27.67
N PRO D 790 13.90 31.68 26.75
CA PRO D 790 13.98 31.27 25.33
C PRO D 790 15.39 31.20 24.79
N MET D 791 16.28 32.10 25.20
CA MET D 791 17.64 32.12 24.68
C MET D 791 18.56 31.14 25.39
N CYS D 792 18.24 30.76 26.62
CA CYS D 792 19.12 29.85 27.37
C CYS D 792 19.16 28.46 26.73
N GLU D 793 18.01 27.96 26.29
CA GLU D 793 17.98 26.66 25.63
C GLU D 793 18.79 26.68 24.34
N GLN D 794 18.65 27.75 23.55
CA GLN D 794 19.41 27.89 22.32
C GLN D 794 20.91 27.94 22.62
N ALA D 795 21.30 28.71 23.62
CA ALA D 795 22.71 28.82 23.98
C ALA D 795 23.27 27.48 24.45
N LEU D 796 22.50 26.74 25.25
CA LEU D 796 22.96 25.44 25.73
C LEU D 796 23.09 24.45 24.59
N SER D 797 22.13 24.46 23.65
CA SER D 797 22.22 23.58 22.50
C SER D 797 23.44 23.90 21.65
N ALA D 798 23.70 25.20 21.44
CA ALA D 798 24.89 25.59 20.68
C ALA D 798 26.16 25.17 21.39
N LEU D 799 26.22 25.36 22.71
CA LEU D 799 27.40 24.96 23.47
C LEU D 799 27.63 23.45 23.36
N PHE D 800 26.57 22.67 23.51
CA PHE D 800 26.69 21.22 23.43
C PHE D 800 27.13 20.77 22.05
N THR D 801 26.67 21.45 21.00
CA THR D 801 27.01 21.00 19.65
C THR D 801 28.37 21.53 19.19
N ILE D 802 28.91 22.57 19.82
CA ILE D 802 30.19 23.12 19.39
C ILE D 802 31.32 22.86 20.37
N SER D 803 31.06 22.28 21.54
CA SER D 803 32.12 22.00 22.50
C SER D 803 32.52 20.54 22.48
N SER D 804 33.82 20.28 22.61
CA SER D 804 34.34 18.93 22.73
C SER D 804 34.27 18.40 24.16
N LYS D 805 33.97 19.25 25.13
CA LYS D 805 33.78 18.84 26.52
C LYS D 805 32.45 19.41 27.02
N PRO D 806 31.33 18.98 26.42
CA PRO D 806 30.05 19.62 26.76
C PRO D 806 29.60 19.34 28.17
N ASP D 807 29.76 18.10 28.64
CA ASP D 807 29.37 17.77 30.01
C ASP D 807 30.25 18.50 31.02
N ILE D 808 31.55 18.61 30.74
CA ILE D 808 32.44 19.32 31.65
C ILE D 808 32.06 20.79 31.75
N LEU D 809 31.80 21.43 30.60
CA LEU D 809 31.38 22.83 30.63
C LEU D 809 30.03 22.98 31.33
N ALA D 810 29.09 22.07 31.10
CA ALA D 810 27.80 22.14 31.78
C ALA D 810 27.96 22.00 33.29
N THR D 811 28.81 21.08 33.73
CA THR D 811 29.06 20.90 35.15
C THR D 811 29.66 22.15 35.76
N ASP D 812 30.64 22.76 35.07
CA ASP D 812 31.25 23.98 35.59
C ASP D 812 30.23 25.10 35.66
N LEU D 813 29.37 25.22 34.64
CA LEU D 813 28.36 26.27 34.63
C LEU D 813 27.36 26.07 35.77
N ILE D 814 26.94 24.82 36.00
CA ILE D 814 26.02 24.53 37.09
C ILE D 814 26.65 24.84 38.44
N ARG D 815 27.93 24.49 38.60
CA ARG D 815 28.63 24.79 39.85
C ARG D 815 28.68 26.30 40.09
N GLU D 816 29.03 27.07 39.06
CA GLU D 816 29.09 28.52 39.22
C GLU D 816 27.72 29.08 39.56
N LYS D 817 26.67 28.59 38.90
CA LYS D 817 25.33 29.12 39.15
C LYS D 817 24.84 28.77 40.56
N THR D 818 25.10 27.54 41.02
CA THR D 818 24.66 27.12 42.34
C THR D 818 25.56 27.66 43.45
N MET D 819 26.70 28.25 43.10
CA MET D 819 27.38 29.10 44.07
C MET D 819 26.78 30.51 44.09
N MET D 820 26.65 31.12 42.90
CA MET D 820 26.15 32.50 42.82
C MET D 820 24.81 32.64 43.51
N THR D 821 23.87 31.73 43.23
CA THR D 821 22.75 31.56 44.13
C THR D 821 23.19 30.62 45.26
N PHE D 822 22.64 30.86 46.45
CA PHE D 822 22.92 30.13 47.69
C PHE D 822 24.26 30.53 48.33
N GLY D 823 25.04 31.44 47.74
CA GLY D 823 26.08 32.07 48.54
C GLY D 823 26.33 33.49 48.09
N LYS D 824 27.18 34.18 48.84
CA LYS D 824 27.51 35.57 48.54
C LYS D 824 28.95 35.69 48.05
N SER D 837 20.69 39.49 41.66
CA SER D 837 20.04 40.35 42.65
C SER D 837 18.92 39.60 43.38
N SER D 838 18.00 39.01 42.62
CA SER D 838 16.88 38.27 43.16
C SER D 838 17.25 36.79 43.21
N ARG D 839 17.33 36.25 44.42
CA ARG D 839 17.65 34.83 44.59
C ARG D 839 16.57 33.95 43.97
N VAL D 840 15.32 34.40 43.94
CA VAL D 840 14.26 33.62 43.33
C VAL D 840 14.51 33.44 41.83
N VAL D 841 14.85 34.54 41.16
CA VAL D 841 15.14 34.47 39.73
C VAL D 841 16.42 33.67 39.49
N SER D 842 17.40 33.81 40.37
CA SER D 842 18.63 33.03 40.24
C SER D 842 18.34 31.54 40.34
N LEU D 843 17.52 31.13 41.31
CA LEU D 843 17.17 29.72 41.47
C LEU D 843 16.35 29.21 40.30
N SER D 844 15.44 30.05 39.78
CA SER D 844 14.68 29.65 38.60
C SER D 844 15.60 29.41 37.41
N GLN D 845 16.55 30.32 37.19
CA GLN D 845 17.51 30.13 36.09
C GLN D 845 18.33 28.88 36.30
N LEU D 846 18.77 28.62 37.54
CA LEU D 846 19.56 27.42 37.82
C LEU D 846 18.75 26.16 37.55
N LEU D 847 17.49 26.13 37.96
CA LEU D 847 16.66 24.95 37.71
C LEU D 847 16.42 24.73 36.22
N PHE D 848 16.17 25.81 35.48
CA PHE D 848 16.01 25.69 34.04
C PHE D 848 17.27 25.15 33.39
N ILE D 849 18.43 25.67 33.81
CA ILE D 849 19.71 25.20 33.28
C ILE D 849 19.92 23.73 33.59
N VAL D 850 19.59 23.32 34.82
CA VAL D 850 19.80 21.92 35.21
C VAL D 850 18.92 21.00 34.37
N GLY D 851 17.66 21.37 34.18
CA GLY D 851 16.79 20.55 33.35
C GLY D 851 17.26 20.45 31.91
N GLN D 852 17.66 21.60 31.33
CA GLN D 852 18.17 21.59 29.97
C GLN D 852 19.43 20.76 29.85
N VAL D 853 20.32 20.84 30.85
CA VAL D 853 21.56 20.10 30.82
C VAL D 853 21.29 18.60 30.92
N ALA D 854 20.33 18.21 31.76
CA ALA D 854 19.98 16.79 31.85
C ALA D 854 19.45 16.26 30.52
N ILE D 855 18.56 17.03 29.87
CA ILE D 855 18.04 16.61 28.58
C ILE D 855 19.16 16.52 27.54
N LYS D 856 20.06 17.51 27.54
CA LYS D 856 21.14 17.52 26.57
C LYS D 856 22.12 16.37 26.82
N THR D 857 22.38 16.03 28.08
CA THR D 857 23.24 14.90 28.39
C THR D 857 22.63 13.59 27.92
N LEU D 858 21.32 13.43 28.13
CA LEU D 858 20.66 12.23 27.62
C LEU D 858 20.77 12.15 26.10
N VAL D 859 20.56 13.26 25.42
CA VAL D 859 20.66 13.29 23.96
C VAL D 859 22.09 12.98 23.52
N TYR D 860 23.08 13.54 24.23
CA TYR D 860 24.48 13.30 23.87
C TYR D 860 24.87 11.84 24.08
N LEU D 861 24.41 11.22 25.16
CA LEU D 861 24.68 9.80 25.37
C LEU D 861 24.06 8.96 24.27
N GLU D 862 22.83 9.27 23.88
CA GLU D 862 22.19 8.54 22.79
C GLU D 862 22.96 8.72 21.49
N LYS D 863 23.40 9.95 21.20
CA LYS D 863 24.16 10.22 19.99
C LYS D 863 25.48 9.47 19.99
N CYS D 864 26.17 9.45 21.13
CA CYS D 864 27.44 8.72 21.22
C CYS D 864 27.24 7.22 21.02
N GLU D 865 26.17 6.67 21.59
CA GLU D 865 25.88 5.26 21.40
C GLU D 865 25.58 4.94 19.94
N ALA D 866 24.80 5.81 19.28
CA ALA D 866 24.51 5.62 17.87
C ALA D 866 25.78 5.71 17.03
N GLU D 867 26.65 6.67 17.33
CA GLU D 867 27.90 6.82 16.60
C GLU D 867 28.81 5.61 16.80
N PHE D 868 28.86 5.07 18.02
CA PHE D 868 29.67 3.88 18.27
C PHE D 868 29.16 2.69 17.47
N LYS D 869 27.84 2.49 17.44
CA LYS D 869 27.30 1.40 16.62
C LYS D 869 27.54 1.64 15.13
N LYS D 870 27.44 2.88 14.67
CA LYS D 870 27.72 3.17 13.27
C LYS D 870 29.17 2.86 12.92
N ARG D 871 30.10 3.24 13.78
CA ARG D 871 31.51 2.96 13.54
C ARG D 871 31.77 1.45 13.57
N LYS D 872 31.13 0.73 14.49
CA LYS D 872 31.29 -0.72 14.53
C LYS D 872 30.76 -1.37 13.26
N ILE D 873 29.62 -0.89 12.75
CA ILE D 873 29.07 -1.42 11.51
C ILE D 873 30.02 -1.14 10.35
N GLU D 874 30.53 0.09 10.28
CA GLU D 874 31.46 0.46 9.22
C GLU D 874 32.88 0.04 9.56
N ASN D 909 29.62 -7.72 21.96
CA ASN D 909 30.14 -6.50 22.58
C ASN D 909 29.10 -5.38 22.52
N GLU D 910 28.30 -5.37 21.45
CA GLU D 910 27.27 -4.34 21.33
C GLU D 910 26.21 -4.48 22.41
N ASP D 911 25.83 -5.72 22.75
CA ASP D 911 24.86 -5.92 23.82
C ASP D 911 25.41 -5.44 25.16
N ASP D 912 26.68 -5.74 25.45
CA ASP D 912 27.29 -5.28 26.69
C ASP D 912 27.37 -3.76 26.73
N PHE D 913 27.71 -3.13 25.60
CA PHE D 913 27.75 -1.67 25.54
C PHE D 913 26.37 -1.07 25.78
N THR D 914 25.34 -1.65 25.18
CA THR D 914 23.98 -1.16 25.37
C THR D 914 23.56 -1.30 26.84
N ASP D 915 23.87 -2.45 27.45
CA ASP D 915 23.53 -2.64 28.86
C ASP D 915 24.26 -1.64 29.74
N ALA D 916 25.54 -1.40 29.46
CA ALA D 916 26.31 -0.42 30.24
C ALA D 916 25.72 0.97 30.10
N ILE D 917 25.35 1.36 28.88
CA ILE D 917 24.76 2.68 28.66
C ILE D 917 23.43 2.81 29.40
N GLN D 918 22.61 1.76 29.34
CA GLN D 918 21.33 1.77 30.04
C GLN D 918 21.53 1.88 31.54
N PHE D 919 22.48 1.13 32.10
CA PHE D 919 22.75 1.20 33.53
C PHE D 919 23.25 2.59 33.92
N VAL D 920 24.12 3.18 33.10
CA VAL D 920 24.59 4.53 33.37
C VAL D 920 23.42 5.49 33.44
N LYS D 921 22.59 5.51 32.38
CA LYS D 921 21.47 6.43 32.33
C LYS D 921 20.50 6.20 33.49
N GLU D 922 20.32 4.94 33.90
CA GLU D 922 19.33 4.66 34.93
C GLU D 922 19.83 5.06 36.32
N ASN D 923 21.12 4.87 36.61
CA ASN D 923 21.59 5.02 37.98
C ASN D 923 22.59 6.16 38.17
N GLU D 924 23.60 6.27 37.32
CA GLU D 924 24.73 7.14 37.63
C GLU D 924 24.27 8.59 37.76
N LEU D 925 23.82 9.17 36.64
CA LEU D 925 23.53 10.59 36.48
C LEU D 925 22.76 11.17 37.66
N LEU D 926 21.85 10.39 38.23
CA LEU D 926 21.04 10.88 39.36
C LEU D 926 21.57 10.37 40.70
N PHE D 927 21.60 9.05 40.91
CA PHE D 927 21.87 8.54 42.25
C PHE D 927 23.34 8.19 42.47
N GLY D 928 24.27 8.87 41.80
CA GLY D 928 25.67 8.68 42.13
C GLY D 928 26.16 9.67 43.17
N GLU D 929 27.14 9.23 43.95
CA GLU D 929 27.76 10.13 44.92
C GLU D 929 28.48 11.27 44.22
N LYS D 930 29.15 10.97 43.12
CA LYS D 930 29.83 12.00 42.32
C LYS D 930 28.90 12.50 41.21
N SER D 931 27.75 13.00 41.63
CA SER D 931 26.75 13.53 40.71
C SER D 931 26.20 14.83 41.27
N ILE D 932 25.90 15.78 40.40
CA ILE D 932 25.41 17.09 40.83
C ILE D 932 23.92 17.22 40.47
N LEU D 933 23.48 16.46 39.47
CA LEU D 933 22.08 16.52 39.07
C LEU D 933 21.18 15.86 40.11
N GLY D 934 21.68 14.84 40.81
CA GLY D 934 20.84 14.14 41.77
C GLY D 934 20.45 14.97 42.97
N LYS D 935 21.36 15.82 43.45
CA LYS D 935 21.06 16.63 44.63
C LYS D 935 20.08 17.76 44.33
N PHE D 936 19.79 18.05 43.06
CA PHE D 936 18.76 19.01 42.73
C PHE D 936 17.35 18.42 42.81
N CYS D 937 17.24 17.09 42.83
CA CYS D 937 15.93 16.46 42.96
C CYS D 937 15.23 16.82 44.27
N PRO D 938 15.89 16.74 45.45
CA PRO D 938 15.21 17.19 46.66
C PRO D 938 14.78 18.65 46.61
N ILE D 939 15.59 19.51 45.96
CA ILE D 939 15.25 20.93 45.89
C ILE D 939 13.95 21.14 45.14
N VAL D 940 13.84 20.54 43.94
CA VAL D 940 12.64 20.73 43.14
C VAL D 940 11.45 20.04 43.81
N GLU D 941 11.67 18.90 44.46
CA GLU D 941 10.58 18.24 45.17
C GLU D 941 10.04 19.12 46.29
N GLU D 942 10.93 19.72 47.09
CA GLU D 942 10.49 20.60 48.16
C GLU D 942 9.79 21.83 47.61
N ILE D 943 10.30 22.39 46.51
CA ILE D 943 9.68 23.58 45.94
C ILE D 943 8.26 23.27 45.46
N VAL D 944 8.07 22.14 44.77
CA VAL D 944 6.75 21.82 44.24
C VAL D 944 5.82 21.39 45.37
N SER D 945 6.36 20.84 46.46
CA SER D 945 5.53 20.49 47.59
C SER D 945 5.04 21.72 48.34
N ASN D 946 5.93 22.68 48.56
CA ASN D 946 5.58 23.89 49.31
C ASN D 946 5.14 25.01 48.35
N SER D 947 4.10 24.70 47.57
CA SER D 947 3.59 25.66 46.61
C SER D 947 3.04 26.89 47.30
N SER D 948 2.25 26.69 48.37
CA SER D 948 1.69 27.82 49.10
C SER D 948 2.78 28.61 49.82
N ARG D 949 3.79 27.91 50.33
CA ARG D 949 4.91 28.58 50.98
C ARG D 949 5.68 29.46 49.99
N PHE D 950 5.88 28.98 48.77
CA PHE D 950 6.66 29.74 47.80
C PHE D 950 5.85 30.85 47.15
N SER D 951 4.76 30.50 46.45
CA SER D 951 3.88 31.47 45.81
C SER D 951 4.63 32.35 44.80
N ASP D 952 5.15 31.71 43.77
CA ASP D 952 5.74 32.42 42.64
C ASP D 952 5.47 31.64 41.36
N PRO D 953 4.70 32.19 40.42
CA PRO D 953 4.34 31.39 39.23
C PRO D 953 5.54 30.98 38.38
N MET D 954 6.46 31.91 38.09
CA MET D 954 7.61 31.57 37.26
C MET D 954 8.49 30.53 37.93
N LEU D 955 8.75 30.71 39.22
CA LEU D 955 9.58 29.74 39.94
C LEU D 955 8.92 28.37 39.97
N GLN D 956 7.60 28.32 40.21
CA GLN D 956 6.91 27.04 40.23
C GLN D 956 6.92 26.37 38.86
N ARG D 957 6.73 27.15 37.79
CA ARG D 957 6.79 26.61 36.45
C ARG D 957 8.16 26.00 36.17
N THR D 958 9.22 26.74 36.52
CA THR D 958 10.57 26.24 36.25
C THR D 958 10.87 25.01 37.10
N ALA D 959 10.43 25.00 38.36
CA ALA D 959 10.67 23.84 39.21
C ALA D 959 9.94 22.61 38.69
N THR D 960 8.69 22.77 38.24
CA THR D 960 7.97 21.64 37.66
C THR D 960 8.64 21.14 36.39
N LEU D 961 9.10 22.07 35.55
CA LEU D 961 9.79 21.66 34.32
C LEU D 961 11.06 20.90 34.63
N CYS D 962 11.84 21.39 35.61
CA CYS D 962 13.08 20.70 36.00
C CYS D 962 12.78 19.33 36.59
N LEU D 963 11.74 19.23 37.42
CA LEU D 963 11.36 17.94 37.98
C LEU D 963 10.99 16.95 36.90
N GLU D 964 10.19 17.38 35.93
CA GLU D 964 9.82 16.50 34.83
C GLU D 964 11.04 16.08 34.01
N LYS D 965 11.93 17.04 33.72
CA LYS D 965 13.11 16.72 32.93
C LYS D 965 14.04 15.76 33.67
N LEU D 966 14.10 15.85 35.00
CA LEU D 966 14.92 14.93 35.77
C LEU D 966 14.28 13.55 35.86
N MET D 967 12.95 13.48 36.06
CA MET D 967 12.27 12.20 36.09
C MET D 967 12.31 11.51 34.73
N CYS D 968 12.46 12.27 33.64
CA CYS D 968 12.60 11.69 32.32
C CYS D 968 13.88 10.87 32.17
N LEU D 969 14.84 11.02 33.09
CA LEU D 969 16.11 10.33 32.96
C LEU D 969 16.05 8.90 33.51
N SER D 970 15.68 8.76 34.78
CA SER D 970 15.76 7.48 35.46
C SER D 970 14.37 6.96 35.80
N SER D 971 14.14 5.68 35.51
CA SER D 971 12.86 5.06 35.82
C SER D 971 12.60 5.02 37.32
N LYS D 972 13.66 4.90 38.12
CA LYS D 972 13.49 4.89 39.58
C LYS D 972 12.90 6.21 40.07
N TYR D 973 13.49 7.33 39.64
CA TYR D 973 12.95 8.63 40.03
C TYR D 973 11.57 8.86 39.43
N CYS D 974 11.33 8.39 38.21
CA CYS D 974 10.00 8.52 37.62
C CYS D 974 8.97 7.79 38.46
N GLU D 975 9.28 6.55 38.88
CA GLU D 975 8.37 5.79 39.72
C GLU D 975 8.17 6.48 41.07
N LYS D 976 9.25 7.04 41.63
CA LYS D 976 9.15 7.70 42.92
C LYS D 976 8.24 8.92 42.87
N SER D 977 8.35 9.73 41.83
CA SER D 977 7.70 11.04 41.81
C SER D 977 6.59 11.18 40.77
N LEU D 978 6.11 10.08 40.18
CA LEU D 978 4.91 10.16 39.35
C LEU D 978 3.68 10.63 40.12
N PRO D 979 3.38 10.15 41.35
CA PRO D 979 2.21 10.70 42.06
C PRO D 979 2.31 12.19 42.29
N LEU D 980 3.50 12.71 42.57
CA LEU D 980 3.66 14.14 42.78
C LEU D 980 3.35 14.92 41.51
N LEU D 981 3.82 14.43 40.36
CA LEU D 981 3.52 15.09 39.10
C LEU D 981 2.03 15.01 38.77
N ILE D 982 1.40 13.88 39.08
CA ILE D 982 -0.04 13.73 38.83
C ILE D 982 -0.82 14.73 39.68
N THR D 983 -0.46 14.85 40.96
CA THR D 983 -1.13 15.81 41.83
C THR D 983 -0.91 17.24 41.36
N VAL D 984 0.32 17.56 40.90
CA VAL D 984 0.60 18.89 40.39
C VAL D 984 -0.28 19.19 39.18
N MET D 985 -0.35 18.24 38.25
CA MET D 985 -1.18 18.43 37.06
C MET D 985 -2.64 18.60 37.44
N GLU D 986 -3.11 17.85 38.43
CA GLU D 986 -4.51 17.92 38.81
C GLU D 986 -4.87 19.22 39.52
N LYS D 987 -3.98 19.73 40.38
CA LYS D 987 -4.36 20.83 41.27
C LYS D 987 -3.45 22.06 41.14
N SER D 988 -2.76 22.23 40.00
CA SER D 988 -2.08 23.50 39.86
C SER D 988 -2.95 24.49 39.10
N PRO D 989 -3.20 25.69 39.66
CA PRO D 989 -4.00 26.67 38.92
C PRO D 989 -3.31 27.19 37.67
N ASP D 990 -2.02 26.93 37.49
CA ASP D 990 -1.29 27.50 36.37
C ASP D 990 -1.54 26.68 35.10
N PRO D 991 -2.13 27.27 34.06
CA PRO D 991 -2.25 26.55 32.78
C PRO D 991 -0.91 26.18 32.18
N THR D 992 0.11 27.02 32.35
CA THR D 992 1.44 26.68 31.85
C THR D 992 1.99 25.45 32.55
N ILE D 993 1.82 25.36 33.88
CA ILE D 993 2.26 24.19 34.61
C ILE D 993 1.48 22.96 34.15
N ARG D 994 0.17 23.11 33.94
CA ARG D 994 -0.63 21.98 33.48
C ARG D 994 -0.18 21.49 32.10
N SER D 995 0.10 22.42 31.18
CA SER D 995 0.59 22.04 29.86
C SER D 995 1.95 21.35 29.94
N ASN D 996 2.84 21.87 30.79
CA ASN D 996 4.13 21.23 30.97
C ASN D 996 3.98 19.81 31.53
N ALA D 997 3.06 19.64 32.48
CA ALA D 997 2.80 18.31 33.03
C ALA D 997 2.24 17.36 31.98
N VAL D 998 1.36 17.88 31.12
CA VAL D 998 0.81 17.05 30.04
C VAL D 998 1.91 16.60 29.08
N LEU D 999 2.80 17.52 28.73
CA LEU D 999 3.92 17.16 27.85
C LEU D 999 4.85 16.15 28.52
N GLY D 1000 5.11 16.33 29.81
CA GLY D 1000 5.93 15.36 30.53
C GLY D 1000 5.29 13.99 30.59
N LEU D 1001 3.97 13.94 30.80
CA LEU D 1001 3.27 12.65 30.81
C LEU D 1001 3.30 12.01 29.43
N GLY D 1002 3.17 12.81 28.37
CA GLY D 1002 3.33 12.25 27.03
C GLY D 1002 4.71 11.64 26.82
N ASP D 1003 5.75 12.35 27.25
CA ASP D 1003 7.11 11.80 27.14
C ASP D 1003 7.27 10.54 27.98
N MET D 1004 6.68 10.50 29.16
CA MET D 1004 6.83 9.35 30.05
C MET D 1004 5.93 8.19 29.65
N ALA D 1005 4.95 8.44 28.81
CA ALA D 1005 4.25 7.36 28.11
C ALA D 1005 5.05 6.85 26.93
N VAL D 1006 5.75 7.74 26.24
CA VAL D 1006 6.62 7.32 25.14
C VAL D 1006 7.74 6.43 25.65
N CYS D 1007 8.44 6.89 26.68
CA CYS D 1007 9.55 6.17 27.30
C CYS D 1007 9.18 5.77 28.72
N PHE D 1008 9.56 4.54 29.10
CA PHE D 1008 9.15 3.93 30.36
C PHE D 1008 7.63 3.77 30.40
N ASN D 1009 7.07 3.16 29.36
CA ASN D 1009 5.62 2.97 29.28
C ASN D 1009 5.15 1.90 30.26
N ASN D 1010 6.06 1.09 30.79
CA ASN D 1010 5.66 -0.01 31.66
C ASN D 1010 4.98 0.47 32.93
N LEU D 1011 5.39 1.63 33.45
CA LEU D 1011 4.85 2.17 34.69
C LEU D 1011 3.71 3.16 34.47
N VAL D 1012 3.33 3.43 33.23
CA VAL D 1012 2.33 4.45 32.92
C VAL D 1012 1.24 3.96 31.99
N ASP D 1013 1.34 2.73 31.47
CA ASP D 1013 0.27 2.19 30.64
C ASP D 1013 -1.06 2.20 31.38
N GLU D 1014 -1.04 2.04 32.71
CA GLU D 1014 -2.26 2.07 33.50
C GLU D 1014 -2.58 3.47 34.04
N ASN D 1015 -1.59 4.34 34.15
CA ASN D 1015 -1.80 5.69 34.67
C ASN D 1015 -2.14 6.70 33.58
N THR D 1016 -2.08 6.31 32.31
CA THR D 1016 -2.49 7.20 31.23
C THR D 1016 -3.95 7.64 31.33
N ASP D 1017 -4.71 7.10 32.28
CA ASP D 1017 -6.07 7.58 32.48
C ASP D 1017 -6.08 9.04 32.92
N TYR D 1018 -5.07 9.46 33.71
CA TYR D 1018 -4.97 10.87 34.07
C TYR D 1018 -4.76 11.74 32.84
N LEU D 1019 -3.88 11.32 31.94
CA LEU D 1019 -3.66 12.09 30.71
C LEU D 1019 -4.94 12.12 29.85
N TYR D 1020 -5.65 11.00 29.81
CA TYR D 1020 -6.91 10.96 29.05
C TYR D 1020 -7.94 11.92 29.64
N ARG D 1021 -8.08 11.95 30.97
CA ARG D 1021 -9.07 12.81 31.60
C ARG D 1021 -8.64 14.27 31.66
N ARG D 1022 -7.34 14.55 31.46
CA ARG D 1022 -6.90 15.94 31.39
C ARG D 1022 -7.44 16.66 30.17
N LEU D 1023 -8.04 15.94 29.21
CA LEU D 1023 -8.76 16.59 28.13
C LEU D 1023 -9.90 17.47 28.63
N HIS D 1024 -10.36 17.23 29.86
CA HIS D 1024 -11.43 18.02 30.46
C HIS D 1024 -10.78 19.09 31.33
N ASP D 1025 -10.34 20.18 30.70
CA ASP D 1025 -9.65 21.25 31.39
C ASP D 1025 -10.36 22.57 31.11
N GLU D 1026 -10.24 23.49 32.07
CA GLU D 1026 -10.92 24.78 31.95
C GLU D 1026 -10.29 25.69 30.91
N ASN D 1027 -9.08 25.37 30.44
CA ASN D 1027 -8.36 26.24 29.52
C ASN D 1027 -8.27 25.58 28.14
N LEU D 1028 -8.66 26.34 27.12
CA LEU D 1028 -8.71 25.80 25.76
C LEU D 1028 -7.33 25.40 25.25
N MET D 1029 -6.30 26.19 25.55
CA MET D 1029 -4.97 25.87 25.03
C MET D 1029 -4.38 24.65 25.74
N VAL D 1030 -4.63 24.50 27.05
CA VAL D 1030 -4.23 23.29 27.74
C VAL D 1030 -4.94 22.08 27.15
N GLN D 1031 -6.24 22.22 26.88
CA GLN D 1031 -7.00 21.11 26.32
C GLN D 1031 -6.50 20.75 24.92
N ARG D 1032 -6.17 21.76 24.11
CA ARG D 1032 -5.62 21.52 22.77
C ARG D 1032 -4.28 20.81 22.84
N THR D 1033 -3.40 21.25 23.75
CA THR D 1033 -2.11 20.59 23.90
C THR D 1033 -2.28 19.13 24.31
N CYS D 1034 -3.19 18.87 25.26
CA CYS D 1034 -3.43 17.50 25.67
C CYS D 1034 -3.99 16.66 24.53
N LEU D 1035 -4.91 17.24 23.75
CA LEU D 1035 -5.49 16.52 22.61
C LEU D 1035 -4.42 16.19 21.59
N MET D 1036 -3.53 17.12 21.28
CA MET D 1036 -2.52 16.85 20.26
C MET D 1036 -1.48 15.87 20.78
N THR D 1037 -1.17 15.91 22.08
CA THR D 1037 -0.27 14.92 22.65
C THR D 1037 -0.86 13.52 22.56
N VAL D 1038 -2.14 13.37 22.92
CA VAL D 1038 -2.74 12.04 22.83
C VAL D 1038 -2.91 11.62 21.38
N THR D 1039 -3.09 12.58 20.47
CA THR D 1039 -3.14 12.26 19.03
C THR D 1039 -1.80 11.69 18.57
N PHE D 1040 -0.70 12.35 18.94
CA PHE D 1040 0.62 11.82 18.59
C PHE D 1040 0.84 10.44 19.19
N LEU D 1041 0.45 10.25 20.45
CA LEU D 1041 0.61 8.94 21.08
C LEU D 1041 -0.18 7.86 20.35
N ILE D 1042 -1.43 8.16 20.00
CA ILE D 1042 -2.25 7.18 19.29
C ILE D 1042 -1.68 6.86 17.92
N LEU D 1043 -1.24 7.89 17.19
CA LEU D 1043 -0.69 7.64 15.86
C LEU D 1043 0.62 6.86 15.93
N ALA D 1044 1.43 7.07 16.98
CA ALA D 1044 2.63 6.27 17.14
C ALA D 1044 2.29 4.84 17.54
N GLY D 1045 1.24 4.64 18.33
CA GLY D 1045 0.86 3.32 18.77
C GLY D 1045 1.30 2.94 20.15
N GLN D 1046 1.85 3.88 20.93
CA GLN D 1046 2.30 3.56 22.28
C GLN D 1046 1.13 3.35 23.24
N VAL D 1047 -0.02 3.94 22.93
CA VAL D 1047 -1.20 3.82 23.78
C VAL D 1047 -2.35 3.27 22.94
N LYS D 1048 -3.37 2.78 23.64
CA LYS D 1048 -4.53 2.16 23.01
C LYS D 1048 -5.77 3.01 23.24
N VAL D 1049 -6.57 3.17 22.18
CA VAL D 1049 -7.83 3.90 22.28
C VAL D 1049 -8.91 3.08 22.99
N LYS D 1050 -8.68 1.79 23.18
CA LYS D 1050 -9.70 0.91 23.76
C LYS D 1050 -10.15 1.39 25.13
N GLY D 1051 -9.20 1.77 25.98
CA GLY D 1051 -9.54 2.16 27.34
C GLY D 1051 -10.07 3.57 27.44
N GLN D 1052 -10.86 3.79 28.50
CA GLN D 1052 -11.41 5.07 28.92
C GLN D 1052 -12.38 5.69 27.91
N LEU D 1053 -12.72 4.98 26.83
CA LEU D 1053 -13.68 5.53 25.87
C LEU D 1053 -15.05 5.72 26.51
N GLY D 1054 -15.50 4.75 27.30
CA GLY D 1054 -16.78 4.89 27.98
C GLY D 1054 -16.80 6.02 28.97
N GLU D 1055 -15.70 6.19 29.71
CA GLU D 1055 -15.60 7.31 30.66
C GLU D 1055 -15.62 8.65 29.94
N MET D 1056 -14.90 8.75 28.82
CA MET D 1056 -14.82 10.00 28.08
C MET D 1056 -16.09 10.32 27.30
N ALA D 1057 -16.90 9.31 26.98
CA ALA D 1057 -18.13 9.55 26.23
C ALA D 1057 -19.10 10.45 26.98
N LYS D 1058 -18.96 10.58 28.30
CA LYS D 1058 -19.82 11.47 29.07
C LYS D 1058 -19.58 12.94 28.75
N CYS D 1059 -18.52 13.32 28.03
CA CYS D 1059 -18.39 14.78 27.78
C CYS D 1059 -19.10 15.17 26.49
N LEU D 1060 -19.87 14.27 25.90
CA LEU D 1060 -20.61 14.67 24.70
C LEU D 1060 -21.77 15.60 25.02
N ASP D 1061 -22.36 15.46 26.21
CA ASP D 1061 -23.55 16.22 26.56
C ASP D 1061 -23.24 17.53 27.28
N ASN D 1062 -21.98 17.90 27.43
CA ASN D 1062 -21.65 19.14 28.12
C ASN D 1062 -22.17 20.34 27.32
N PRO D 1063 -22.76 21.33 27.96
CA PRO D 1063 -23.34 22.47 27.25
C PRO D 1063 -22.27 23.51 26.91
N ASP D 1064 -22.69 24.48 26.08
CA ASP D 1064 -21.89 25.64 25.68
C ASP D 1064 -20.79 25.25 24.70
N GLN D 1065 -20.58 23.95 24.50
CA GLN D 1065 -19.73 23.40 23.46
C GLN D 1065 -18.25 23.65 23.74
N GLY D 1066 -17.95 24.46 24.76
CA GLY D 1066 -16.56 24.85 24.99
C GLY D 1066 -15.67 23.69 25.36
N ILE D 1067 -16.14 22.81 26.24
CA ILE D 1067 -15.37 21.64 26.63
C ILE D 1067 -15.61 20.46 25.68
N SER D 1068 -16.70 20.47 24.92
CA SER D 1068 -17.05 19.34 24.07
C SER D 1068 -16.54 19.45 22.65
N ASP D 1069 -16.02 20.62 22.24
CA ASP D 1069 -15.47 20.72 20.89
C ASP D 1069 -14.31 19.77 20.69
N MET D 1070 -13.43 19.66 21.69
CA MET D 1070 -12.20 18.84 21.57
C MET D 1070 -12.48 17.36 21.85
N CYS D 1071 -13.27 17.04 22.87
CA CYS D 1071 -13.62 15.62 23.08
C CYS D 1071 -14.25 15.07 21.80
N ARG D 1072 -15.06 15.86 21.09
CA ARG D 1072 -15.59 15.41 19.79
C ARG D 1072 -14.44 15.19 18.81
N LEU D 1073 -13.40 16.03 18.83
CA LEU D 1073 -12.32 15.88 17.82
C LEU D 1073 -11.57 14.58 18.07
N PHE D 1074 -11.38 14.20 19.31
CA PHE D 1074 -10.78 12.87 19.57
C PHE D 1074 -11.77 11.81 19.09
N PHE D 1075 -13.07 11.95 19.39
CA PHE D 1075 -14.07 10.92 19.04
C PHE D 1075 -14.35 10.88 17.54
N THR D 1076 -13.95 11.89 16.76
CA THR D 1076 -14.29 11.92 15.32
C THR D 1076 -13.08 11.70 14.42
N GLU D 1077 -11.89 12.05 14.88
CA GLU D 1077 -10.70 11.95 14.01
C GLU D 1077 -9.91 10.72 14.43
N LEU D 1078 -9.68 10.54 15.72
CA LEU D 1078 -8.87 9.44 16.19
C LEU D 1078 -9.68 8.18 16.46
N ALA D 1079 -10.83 8.31 17.13
CA ALA D 1079 -11.63 7.14 17.47
C ALA D 1079 -12.21 6.48 16.23
N SER D 1080 -12.53 7.26 15.20
CA SER D 1080 -13.18 6.75 14.01
C SER D 1080 -12.20 6.26 12.95
N LYS D 1081 -10.90 6.26 13.26
CA LYS D 1081 -9.91 5.77 12.30
C LYS D 1081 -10.13 4.30 11.98
N ASP D 1082 -9.97 3.43 12.97
CA ASP D 1082 -10.13 2.01 12.82
C ASP D 1082 -11.55 1.59 13.24
N ASN D 1083 -11.79 0.28 13.32
CA ASN D 1083 -13.05 -0.26 13.80
C ASN D 1083 -13.13 -0.30 15.32
N ALA D 1084 -12.28 0.47 16.01
CA ALA D 1084 -12.30 0.50 17.46
C ALA D 1084 -13.63 1.03 17.99
N ILE D 1085 -14.27 1.94 17.25
CA ILE D 1085 -15.58 2.44 17.69
C ILE D 1085 -16.59 1.30 17.75
N TYR D 1086 -16.66 0.49 16.70
CA TYR D 1086 -17.56 -0.66 16.71
C TYR D 1086 -17.15 -1.66 17.78
N ASN D 1087 -15.84 -1.88 17.94
CA ASN D 1087 -15.36 -2.87 18.90
C ASN D 1087 -15.74 -2.49 20.33
N GLY D 1088 -15.63 -1.21 20.67
CA GLY D 1088 -15.91 -0.75 22.01
C GLY D 1088 -17.26 -0.12 22.26
N PHE D 1089 -18.13 -0.06 21.25
CA PHE D 1089 -19.50 0.38 21.49
C PHE D 1089 -20.15 -0.42 22.61
N ILE D 1090 -19.88 -1.72 22.69
CA ILE D 1090 -20.53 -2.57 23.67
C ILE D 1090 -20.19 -2.11 25.09
N ASP D 1091 -18.89 -1.94 25.37
CA ASP D 1091 -18.52 -1.54 26.72
C ASP D 1091 -18.83 -0.08 26.99
N ILE D 1092 -18.81 0.78 25.96
CA ILE D 1092 -19.23 2.17 26.17
C ILE D 1092 -20.69 2.22 26.59
N PHE D 1093 -21.54 1.46 25.91
CA PHE D 1093 -22.96 1.42 26.25
C PHE D 1093 -23.17 0.82 27.64
N SER D 1094 -22.41 -0.22 27.97
CA SER D 1094 -22.52 -0.81 29.30
C SER D 1094 -22.17 0.20 30.39
N ASN D 1095 -21.07 0.94 30.19
CA ASN D 1095 -20.67 1.94 31.17
C ASN D 1095 -21.71 3.05 31.27
N LEU D 1096 -22.25 3.49 30.13
CA LEU D 1096 -23.27 4.54 30.16
C LEU D 1096 -24.53 4.06 30.88
N SER D 1097 -24.93 2.82 30.66
CA SER D 1097 -26.13 2.31 31.31
C SER D 1097 -25.91 2.10 32.81
N SER D 1098 -24.71 1.71 33.22
CA SER D 1098 -24.44 1.47 34.63
C SER D 1098 -24.07 2.73 35.40
N ASP D 1099 -23.76 3.84 34.71
CA ASP D 1099 -23.44 5.07 35.43
C ASP D 1099 -24.62 5.57 36.25
N ASP D 1100 -25.82 5.53 35.69
CA ASP D 1100 -27.07 5.92 36.36
C ASP D 1100 -27.06 7.38 36.80
N LEU D 1101 -26.25 8.23 36.18
CA LEU D 1101 -26.19 9.63 36.58
C LEU D 1101 -26.18 10.63 35.44
N LEU D 1102 -25.94 10.20 34.19
CA LEU D 1102 -25.79 11.16 33.11
C LEU D 1102 -27.13 11.80 32.72
N GLY D 1103 -28.17 11.01 32.59
CA GLY D 1103 -29.46 11.56 32.21
C GLY D 1103 -29.96 10.97 30.90
N LYS D 1104 -31.29 10.97 30.74
CA LYS D 1104 -31.91 10.34 29.59
C LYS D 1104 -31.56 11.07 28.30
N GLU D 1105 -31.63 12.41 28.31
CA GLU D 1105 -31.30 13.17 27.10
C GLU D 1105 -29.84 13.02 26.73
N SER D 1106 -28.95 13.00 27.73
CA SER D 1106 -27.53 12.78 27.46
C SER D 1106 -27.31 11.40 26.86
N PHE D 1107 -27.99 10.38 27.40
CA PHE D 1107 -27.88 9.04 26.84
C PHE D 1107 -28.35 9.01 25.39
N LYS D 1108 -29.47 9.66 25.11
CA LYS D 1108 -30.00 9.71 23.74
C LYS D 1108 -29.00 10.35 22.79
N LYS D 1109 -28.44 11.50 23.20
CA LYS D 1109 -27.50 12.20 22.34
C LYS D 1109 -26.24 11.38 22.10
N ILE D 1110 -25.72 10.73 23.15
CA ILE D 1110 -24.50 9.94 23.00
C ILE D 1110 -24.76 8.74 22.10
N ILE D 1111 -25.91 8.09 22.25
CA ILE D 1111 -26.23 6.94 21.40
C ILE D 1111 -26.37 7.38 19.95
N LYS D 1112 -27.02 8.53 19.71
CA LYS D 1112 -27.13 9.02 18.34
C LYS D 1112 -25.77 9.32 17.75
N PHE D 1113 -24.89 9.96 18.51
CA PHE D 1113 -23.56 10.26 18.01
C PHE D 1113 -22.77 9.00 17.71
N LEU D 1114 -22.90 7.98 18.57
CA LEU D 1114 -22.19 6.72 18.35
C LEU D 1114 -22.73 5.98 17.14
N LEU D 1115 -24.05 5.95 16.96
CA LEU D 1115 -24.65 5.28 15.82
C LEU D 1115 -24.35 6.01 14.51
N THR D 1116 -24.08 7.32 14.57
CA THR D 1116 -23.67 8.04 13.38
C THR D 1116 -22.41 7.44 12.78
N PHE D 1117 -21.47 6.98 13.62
CA PHE D 1117 -20.20 6.47 13.14
C PHE D 1117 -20.37 5.14 12.40
N ILE D 1118 -21.12 4.20 13.00
CA ILE D 1118 -21.22 2.86 12.43
C ILE D 1118 -22.08 2.91 11.18
N ASP D 1119 -21.55 2.34 10.09
CA ASP D 1119 -22.19 2.47 8.78
C ASP D 1119 -22.55 1.15 8.13
N LYS D 1120 -21.63 0.19 8.05
CA LYS D 1120 -21.79 -0.90 7.10
C LYS D 1120 -22.45 -2.12 7.69
N GLU D 1121 -23.02 -2.94 6.80
CA GLU D 1121 -24.07 -3.89 7.16
C GLU D 1121 -23.56 -5.05 8.01
N ARG D 1122 -22.35 -5.54 7.75
CA ARG D 1122 -21.84 -6.66 8.53
C ARG D 1122 -21.71 -6.29 10.01
N HIS D 1123 -21.09 -5.14 10.28
CA HIS D 1123 -20.97 -4.69 11.66
C HIS D 1123 -22.31 -4.30 12.24
N GLN D 1124 -23.21 -3.74 11.43
CA GLN D 1124 -24.55 -3.43 11.92
C GLN D 1124 -25.29 -4.69 12.36
N LYS D 1125 -25.20 -5.75 11.56
CA LYS D 1125 -25.85 -7.02 11.91
C LYS D 1125 -25.21 -7.64 13.15
N GLN D 1126 -23.89 -7.56 13.28
CA GLN D 1126 -23.23 -8.07 14.48
C GLN D 1126 -23.69 -7.30 15.72
N LEU D 1127 -23.79 -5.98 15.61
CA LEU D 1127 -24.27 -5.18 16.73
C LEU D 1127 -25.72 -5.49 17.05
N ASN D 1128 -26.55 -5.72 16.03
CA ASN D 1128 -27.95 -6.09 16.26
C ASN D 1128 -28.05 -7.42 16.99
N GLU D 1129 -27.23 -8.40 16.59
CA GLU D 1129 -27.23 -9.69 17.27
C GLU D 1129 -26.80 -9.54 18.73
N LYS D 1130 -25.77 -8.73 18.98
CA LYS D 1130 -25.33 -8.49 20.35
C LYS D 1130 -26.43 -7.79 21.16
N LEU D 1131 -27.11 -6.82 20.55
CA LEU D 1131 -28.18 -6.11 21.25
C LEU D 1131 -29.34 -7.06 21.57
N VAL D 1132 -29.67 -7.96 20.65
CA VAL D 1132 -30.73 -8.94 20.90
C VAL D 1132 -30.32 -9.87 22.03
N GLY D 1133 -29.05 -10.28 22.06
CA GLY D 1133 -28.58 -11.11 23.17
C GLY D 1133 -28.70 -10.41 24.50
N ARG D 1134 -28.26 -9.15 24.56
CA ARG D 1134 -28.40 -8.39 25.81
C ARG D 1134 -29.86 -8.16 26.18
N LEU D 1135 -30.72 -7.95 25.18
CA LEU D 1135 -32.15 -7.77 25.46
C LEU D 1135 -32.74 -9.03 26.08
N ARG D 1136 -32.37 -10.19 25.56
CA ARG D 1136 -32.83 -11.46 26.14
C ARG D 1136 -32.28 -11.63 27.55
N LYS D 1137 -31.01 -11.28 27.77
CA LYS D 1137 -30.39 -11.50 29.06
C LYS D 1137 -30.86 -10.53 30.14
N CYS D 1138 -31.28 -9.33 29.75
CA CYS D 1138 -31.62 -8.30 30.73
C CYS D 1138 -32.88 -8.66 31.50
N GLU D 1139 -33.00 -8.11 32.70
CA GLU D 1139 -34.15 -8.33 33.57
C GLU D 1139 -34.85 -7.05 33.99
N THR D 1140 -34.13 -5.94 34.09
CA THR D 1140 -34.70 -4.69 34.57
C THR D 1140 -35.42 -3.97 33.44
N GLN D 1141 -35.89 -2.76 33.71
CA GLN D 1141 -36.65 -1.98 32.74
C GLN D 1141 -35.81 -0.91 32.04
N LYS D 1142 -34.92 -0.24 32.75
CA LYS D 1142 -34.09 0.79 32.13
C LYS D 1142 -33.17 0.20 31.08
N GLN D 1143 -32.55 -0.95 31.39
CA GLN D 1143 -31.67 -1.60 30.42
C GLN D 1143 -32.45 -2.06 29.20
N TRP D 1144 -33.66 -2.61 29.42
CA TRP D 1144 -34.51 -3.02 28.30
C TRP D 1144 -34.86 -1.83 27.42
N ASP D 1145 -35.23 -0.72 28.03
CA ASP D 1145 -35.58 0.47 27.26
C ASP D 1145 -34.38 1.00 26.48
N ASP D 1146 -33.20 1.00 27.11
CA ASP D 1146 -32.00 1.45 26.41
C ASP D 1146 -31.67 0.57 25.22
N ILE D 1147 -31.78 -0.76 25.40
CA ILE D 1147 -31.51 -1.67 24.29
C ILE D 1147 -32.51 -1.46 23.17
N ALA D 1148 -33.79 -1.29 23.52
CA ALA D 1148 -34.81 -1.06 22.50
C ALA D 1148 -34.55 0.24 21.74
N PHE D 1149 -34.17 1.30 22.46
CA PHE D 1149 -33.89 2.57 21.81
C PHE D 1149 -32.69 2.47 20.88
N VAL D 1150 -31.64 1.75 21.31
CA VAL D 1150 -30.47 1.58 20.44
C VAL D 1150 -30.84 0.78 19.20
N LEU D 1151 -31.65 -0.27 19.36
CA LEU D 1151 -32.08 -1.05 18.21
C LEU D 1151 -32.92 -0.23 17.25
N ASN D 1152 -33.82 0.61 17.78
CA ASN D 1152 -34.63 1.47 16.93
C ASN D 1152 -33.77 2.48 16.18
N ASN D 1153 -32.78 3.06 16.87
CA ASN D 1153 -31.91 4.05 16.23
C ASN D 1153 -31.03 3.42 15.16
N LEU D 1154 -30.61 2.18 15.36
CA LEU D 1154 -29.83 1.49 14.35
C LEU D 1154 -30.71 1.23 13.14
N PRO D 1155 -30.35 1.70 11.94
CA PRO D 1155 -31.29 1.60 10.80
C PRO D 1155 -31.66 0.17 10.43
N TYR D 1156 -30.74 -0.77 10.54
CA TYR D 1156 -31.02 -2.15 10.13
C TYR D 1156 -31.88 -2.85 11.18
N LYS D 1157 -32.97 -3.47 10.71
CA LYS D 1157 -33.87 -4.21 11.57
C LYS D 1157 -34.18 -5.57 10.95
N ASN D 1158 -34.45 -6.55 11.81
CA ASN D 1158 -34.71 -7.91 11.38
C ASN D 1158 -36.06 -8.39 11.90
N GLU D 1159 -36.52 -9.51 11.35
CA GLU D 1159 -37.82 -10.05 11.74
C GLU D 1159 -37.83 -10.46 13.22
N ASP D 1160 -36.78 -11.12 13.68
CA ASP D 1160 -36.72 -11.51 15.09
C ASP D 1160 -36.61 -10.30 16.00
N VAL D 1161 -35.86 -9.28 15.56
CA VAL D 1161 -35.75 -8.06 16.35
C VAL D 1161 -37.11 -7.40 16.49
N THR D 1162 -37.87 -7.32 15.39
CA THR D 1162 -39.20 -6.72 15.44
C THR D 1162 -40.14 -7.55 16.31
N ALA D 1163 -40.04 -8.88 16.22
CA ALA D 1163 -40.89 -9.73 17.04
C ALA D 1163 -40.61 -9.54 18.53
N LEU D 1164 -39.32 -9.46 18.90
CA LEU D 1164 -38.97 -9.22 20.29
C LEU D 1164 -39.41 -7.82 20.74
N LEU D 1165 -39.31 -6.83 19.85
CA LEU D 1165 -39.77 -5.49 20.20
C LEU D 1165 -41.27 -5.46 20.44
N GLU D 1166 -42.03 -6.18 19.62
CA GLU D 1166 -43.49 -6.24 19.77
C GLU D 1166 -43.87 -6.98 21.04
PB ADP G . 10.98 -13.41 11.39
O1B ADP G . 11.57 -13.03 10.06
O2B ADP G . 9.87 -14.42 11.32
O3B ADP G . 12.01 -13.68 12.47
PA ADP G . 9.11 -11.37 11.02
O1A ADP G . 9.71 -10.87 9.73
O2A ADP G . 7.91 -12.29 10.96
O3A ADP G . 10.26 -12.07 11.90
O5' ADP G . 8.72 -10.10 11.92
C5' ADP G . 7.82 -9.12 11.43
C4' ADP G . 7.70 -7.99 12.43
O4' ADP G . 7.18 -6.83 11.78
C3' ADP G . 6.77 -8.34 13.58
O3' ADP G . 7.49 -8.39 14.81
C2' ADP G . 5.73 -7.24 13.63
O2' ADP G . 5.75 -6.61 14.92
C1' ADP G . 6.12 -6.25 12.55
N9 ADP G . 4.97 -6.00 11.66
C8 ADP G . 4.31 -6.93 10.94
N7 ADP G . 3.30 -6.37 10.23
C5 ADP G . 3.31 -5.05 10.49
C6 ADP G . 2.51 -3.88 10.06
N6 ADP G . 1.48 -4.01 9.20
N1 ADP G . 2.85 -2.67 10.58
C2 ADP G . 3.88 -2.54 11.43
N3 ADP G . 4.64 -3.56 11.86
C4 ADP G . 4.41 -4.81 11.43
BE BEF H . 10.77 -15.59 13.31
F1 BEF H . 9.90 -15.65 14.57
F2 BEF H . 12.26 -15.96 13.57
F3 BEF H . 10.23 -16.54 12.22
MG MG I . 8.11 -14.98 10.44
PB ADP J . 9.67 -37.97 17.03
O1B ADP J . 9.00 -36.71 16.64
O2B ADP J . 9.42 -38.36 18.43
O3B ADP J . 11.07 -38.12 16.55
PA ADP J . 7.51 -39.67 16.82
O1A ADP J . 6.45 -38.84 16.17
O2A ADP J . 7.45 -39.87 18.30
O3A ADP J . 8.92 -39.16 16.31
O5' ADP J . 7.43 -41.09 16.13
C5' ADP J . 7.35 -41.19 14.73
C4' ADP J . 7.54 -42.64 14.38
O4' ADP J . 6.73 -43.45 15.24
C3' ADP J . 7.11 -42.93 12.96
O3' ADP J . 8.27 -43.39 12.26
C2' ADP J . 6.06 -44.01 13.07
O2' ADP J . 6.29 -45.05 12.14
C1' ADP J . 6.23 -44.53 14.47
N9 ADP J . 4.93 -45.01 14.96
C8 ADP J . 3.90 -44.24 15.33
N7 ADP J . 2.86 -45.01 15.72
C5 ADP J . 3.22 -46.29 15.58
C6 ADP J . 2.59 -47.60 15.81
N6 ADP J . 1.34 -47.70 16.28
N1 ADP J . 3.33 -48.69 15.55
C2 ADP J . 4.59 -48.60 15.09
N3 ADP J . 5.21 -47.45 14.86
C4 ADP J . 4.59 -46.28 15.09
BE BEF K . 10.40 -34.98 15.55
F1 BEF K . 10.57 -35.02 14.04
F2 BEF K . 11.38 -34.01 16.27
F3 BEF K . 8.96 -34.56 15.94
MG MG L . 7.86 -35.17 17.55
#